data_1UWE
#
_entry.id   1UWE
#
_cell.length_a   110.100
_cell.length_b   142.790
_cell.length_c   125.460
_cell.angle_alpha   90.00
_cell.angle_beta   104.85
_cell.angle_gamma   90.00
#
_symmetry.space_group_name_H-M   'C 1 2 1'
#
loop_
_entity.id
_entity.type
_entity.pdbx_description
1 polymer 'ANTIBODY 14D9'
2 polymer 'ANTIBODY 14D9'
3 water water
#
loop_
_entity_poly.entity_id
_entity_poly.type
_entity_poly.pdbx_seq_one_letter_code
_entity_poly.pdbx_strand_id
1 'polypeptide(L)'
;LLAQSGPELVKPGASVKISCAASAYSITDFTIYWVKQSHGDSLEWIGGIDPHNGGGAYNQKFRVKATLTVDTSSSTAYIH
LNSLTSEDSAVYYCAIFYGNFFDYWGQGTTVTVSSASTKGPSVFPLAPSSKSTSGGTAALGCLVKDYFPEPVTVSWNSGA
LTSGVHTFPAVLQSSGLYSLSSVVTVPSSSLGTQTYICNVNHKPSNTAVDKAVEPKSC
;
H,V,Y
2 'polypeptide(L)'
;LDNVMTQSPSFMSTSVGDRVSVTCAASQNVGTNVAWYQQKPGQPPKALIYSTSYRYSGVPDRFTGSGSGTDFTLTISNVN
SEDLAEYFCQQYNIYPVTFGGGTKLEIKRTVAAPSVFIFPPSAEQLASGTASVVCLLNNFYPREAAVQWKVDNALQSGNS
QESVTEQDSADSTYSLSSTLTLSKADYEAHAVYACEVTHQGLSSPVTKSFNRG
;
L,U,X
#
# COMPACT_ATOMS: atom_id res chain seq x y z
N LEU A 1 -17.81 -3.65 -27.55
CA LEU A 1 -16.82 -2.54 -27.54
C LEU A 1 -17.41 -1.47 -26.69
N LEU A 2 -18.61 -1.78 -26.24
CA LEU A 2 -19.32 -0.77 -25.55
C LEU A 2 -18.32 0.38 -25.71
N ALA A 3 -18.50 1.16 -26.77
CA ALA A 3 -17.67 2.32 -26.97
C ALA A 3 -18.30 3.44 -26.15
N GLN A 4 -17.55 3.97 -25.21
CA GLN A 4 -18.05 5.04 -24.35
C GLN A 4 -17.43 6.36 -24.77
N SER A 5 -18.12 7.46 -24.46
CA SER A 5 -17.59 8.79 -24.76
C SER A 5 -16.32 9.07 -23.93
N GLY A 6 -15.50 9.97 -24.43
CA GLY A 6 -14.22 10.28 -23.80
C GLY A 6 -14.31 10.89 -22.41
N PRO A 7 -13.15 11.05 -21.76
CA PRO A 7 -13.08 11.68 -20.44
C PRO A 7 -13.69 13.07 -20.47
N GLU A 8 -14.33 13.47 -19.38
CA GLU A 8 -15.00 14.76 -19.32
C GLU A 8 -14.59 15.61 -18.13
N LEU A 9 -14.25 16.86 -18.40
CA LEU A 9 -14.03 17.84 -17.35
C LEU A 9 -15.25 18.73 -17.28
N VAL A 10 -15.99 18.64 -16.18
CA VAL A 10 -17.19 19.48 -16.04
C VAL A 10 -17.15 20.34 -14.77
N LYS A 11 -17.54 21.61 -14.93
CA LYS A 11 -17.60 22.52 -13.81
C LYS A 11 -18.76 22.15 -12.88
N PRO A 12 -18.59 22.42 -11.58
CA PRO A 12 -19.64 22.12 -10.60
C PRO A 12 -20.92 22.87 -10.93
N GLY A 13 -22.06 22.18 -10.82
CA GLY A 13 -23.35 22.75 -11.16
C GLY A 13 -23.77 22.39 -12.57
N ALA A 14 -22.80 22.08 -13.41
CA ALA A 14 -23.07 21.69 -14.80
C ALA A 14 -23.47 20.22 -14.90
N SER A 15 -23.75 19.78 -16.11
CA SER A 15 -24.16 18.39 -16.34
C SER A 15 -23.34 17.76 -17.47
N VAL A 16 -23.50 16.46 -17.64
CA VAL A 16 -22.85 15.76 -18.74
C VAL A 16 -23.67 14.59 -19.24
N LYS A 17 -23.60 14.37 -20.54
CA LYS A 17 -24.22 13.20 -21.14
C LYS A 17 -23.11 12.23 -21.53
N ILE A 18 -23.08 11.08 -20.88
CA ILE A 18 -22.14 10.02 -21.25
C ILE A 18 -22.85 9.04 -22.16
N SER A 19 -22.23 8.75 -23.31
CA SER A 19 -22.82 7.85 -24.30
C SER A 19 -22.16 6.47 -24.27
N CYS A 20 -22.85 5.50 -24.86
CA CYS A 20 -22.36 4.14 -24.93
C CYS A 20 -22.98 3.43 -26.14
N ALA A 21 -22.14 2.90 -27.02
CA ALA A 21 -22.60 2.27 -28.26
C ALA A 21 -21.98 0.90 -28.50
N ALA A 22 -22.80 -0.09 -28.82
CA ALA A 22 -22.31 -1.41 -29.16
C ALA A 22 -22.01 -1.50 -30.65
N SER A 23 -20.72 -1.34 -30.99
CA SER A 23 -20.28 -1.40 -32.38
C SER A 23 -20.44 -2.82 -32.94
N ALA A 24 -21.22 -2.95 -34.00
CA ALA A 24 -21.46 -4.25 -34.62
C ALA A 24 -22.85 -4.77 -34.26
N TYR A 25 -23.20 -4.74 -32.98
CA TYR A 25 -24.51 -5.20 -32.55
C TYR A 25 -25.35 -4.11 -31.91
N SER A 26 -26.66 -4.22 -32.05
CA SER A 26 -27.60 -3.25 -31.51
C SER A 26 -27.67 -3.36 -29.99
N ILE A 27 -27.14 -2.34 -29.32
CA ILE A 27 -27.07 -2.35 -27.87
C ILE A 27 -28.44 -2.46 -27.18
N THR A 28 -29.48 -1.96 -27.86
CA THR A 28 -30.81 -1.91 -27.28
C THR A 28 -31.57 -3.24 -27.34
N ASP A 29 -30.91 -4.28 -27.84
CA ASP A 29 -31.51 -5.61 -27.88
C ASP A 29 -31.34 -6.31 -26.54
N PHE A 30 -30.57 -5.68 -25.65
CA PHE A 30 -30.29 -6.26 -24.34
C PHE A 30 -30.58 -5.27 -23.22
N THR A 31 -30.26 -5.67 -21.99
CA THR A 31 -30.45 -4.80 -20.84
C THR A 31 -29.15 -4.04 -20.56
N ILE A 32 -29.24 -2.71 -20.55
CA ILE A 32 -28.08 -1.85 -20.34
C ILE A 32 -28.12 -1.23 -18.95
N TYR A 33 -26.96 -1.20 -18.29
CA TYR A 33 -26.88 -0.59 -16.96
C TYR A 33 -25.55 0.14 -16.71
N TRP A 34 -25.58 1.06 -15.76
CA TRP A 34 -24.41 1.89 -15.47
C TRP A 34 -23.98 1.71 -14.02
N VAL A 35 -22.66 1.71 -13.82
CA VAL A 35 -22.11 1.60 -12.48
C VAL A 35 -21.09 2.71 -12.29
N LYS A 36 -20.98 3.20 -11.06
CA LYS A 36 -20.04 4.25 -10.73
C LYS A 36 -18.90 3.69 -9.89
N GLN A 37 -17.66 4.00 -10.24
CA GLN A 37 -16.52 3.57 -9.44
C GLN A 37 -15.73 4.77 -8.93
N SER A 38 -15.59 4.88 -7.61
CA SER A 38 -14.88 5.99 -7.02
C SER A 38 -13.49 5.59 -6.53
N HIS A 39 -12.52 6.46 -6.77
CA HIS A 39 -11.16 6.25 -6.29
C HIS A 39 -10.61 4.87 -6.67
N GLY A 40 -11.05 4.37 -7.81
CA GLY A 40 -10.58 3.10 -8.34
C GLY A 40 -10.96 1.91 -7.48
N ASP A 41 -11.87 2.11 -6.53
CA ASP A 41 -12.25 1.01 -5.65
C ASP A 41 -13.74 0.64 -5.67
N SER A 42 -14.51 1.22 -4.75
CA SER A 42 -15.91 0.79 -4.56
C SER A 42 -16.84 1.00 -5.77
N LEU A 43 -17.65 -0.02 -6.03
CA LEU A 43 -18.58 0.00 -7.15
C LEU A 43 -20.01 0.23 -6.72
N GLU A 44 -20.67 1.19 -7.37
CA GLU A 44 -22.08 1.48 -7.09
C GLU A 44 -22.94 1.31 -8.33
N TRP A 45 -23.97 0.47 -8.22
CA TRP A 45 -24.96 0.29 -9.27
C TRP A 45 -25.89 1.50 -9.30
N ILE A 46 -26.01 2.13 -10.46
CA ILE A 46 -26.80 3.34 -10.60
C ILE A 46 -28.23 3.03 -11.03
N GLY A 47 -28.34 2.22 -12.07
CA GLY A 47 -29.63 1.84 -12.62
C GLY A 47 -29.47 1.24 -14.00
N GLY A 48 -30.60 0.86 -14.59
CA GLY A 48 -30.58 0.29 -15.93
C GLY A 48 -31.94 0.33 -16.62
N ILE A 49 -31.93 0.01 -17.91
CA ILE A 49 -33.18 -0.17 -18.64
C ILE A 49 -33.07 -1.33 -19.62
N ASP A 50 -34.21 -1.91 -19.97
CA ASP A 50 -34.26 -2.87 -21.06
C ASP A 50 -35.36 -2.44 -22.00
N PRO A 51 -34.97 -1.74 -23.06
CA PRO A 51 -35.92 -1.17 -24.03
C PRO A 51 -37.05 -2.12 -24.46
N HIS A 52 -36.76 -3.40 -24.69
CA HIS A 52 -37.80 -4.30 -25.21
C HIS A 52 -38.72 -4.95 -24.16
N ASN A 53 -38.20 -5.31 -23.00
CA ASN A 53 -39.05 -5.98 -22.02
C ASN A 53 -39.10 -5.38 -20.61
N GLY A 54 -39.00 -4.04 -20.55
CA GLY A 54 -39.15 -3.30 -19.32
C GLY A 54 -38.27 -3.76 -18.18
N GLY A 55 -38.68 -3.43 -16.96
CA GLY A 55 -37.92 -3.80 -15.79
C GLY A 55 -36.78 -2.83 -15.53
N GLY A 56 -36.93 -1.60 -16.04
CA GLY A 56 -35.95 -0.56 -15.81
C GLY A 56 -35.98 -0.10 -14.36
N ALA A 57 -34.79 0.20 -13.81
CA ALA A 57 -34.69 0.54 -12.40
C ALA A 57 -33.62 1.58 -12.10
N TYR A 58 -33.81 2.28 -11.00
CA TYR A 58 -32.88 3.30 -10.55
C TYR A 58 -32.44 3.02 -9.12
N ASN A 59 -31.24 3.47 -8.77
CA ASN A 59 -30.80 3.45 -7.39
C ASN A 59 -31.34 4.71 -6.72
N GLN A 60 -32.08 4.53 -5.64
CA GLN A 60 -32.66 5.67 -4.92
C GLN A 60 -31.65 6.79 -4.74
N LYS A 61 -30.39 6.41 -4.52
CA LYS A 61 -29.30 7.34 -4.30
C LYS A 61 -29.07 8.29 -5.48
N PHE A 62 -29.22 7.75 -6.70
CA PHE A 62 -28.98 8.52 -7.92
C PHE A 62 -30.26 8.92 -8.66
N ARG A 63 -31.40 8.76 -8.00
CA ARG A 63 -32.69 9.09 -8.61
C ARG A 63 -32.69 10.49 -9.21
N VAL A 64 -32.39 11.48 -8.37
CA VAL A 64 -32.38 12.89 -8.79
C VAL A 64 -31.16 13.17 -9.65
N LYS A 65 -30.06 12.50 -9.34
CA LYS A 65 -28.77 12.76 -9.96
C LYS A 65 -28.64 12.28 -11.40
N ALA A 66 -29.24 11.13 -11.71
CA ALA A 66 -29.02 10.48 -13.00
C ALA A 66 -30.29 10.18 -13.79
N THR A 67 -30.20 10.34 -15.10
CA THR A 67 -31.29 9.96 -16.00
C THR A 67 -30.74 9.08 -17.13
N LEU A 68 -31.29 7.89 -17.25
CA LEU A 68 -30.87 6.94 -18.29
C LEU A 68 -31.82 6.99 -19.50
N THR A 69 -31.24 7.10 -20.68
CA THR A 69 -32.02 7.07 -21.92
C THR A 69 -31.37 6.17 -22.96
N VAL A 70 -32.14 5.83 -23.99
CA VAL A 70 -31.64 5.00 -25.08
C VAL A 70 -32.01 5.62 -26.42
N ASP A 71 -31.17 5.43 -27.42
CA ASP A 71 -31.43 5.91 -28.76
C ASP A 71 -31.40 4.73 -29.73
N THR A 72 -32.56 4.11 -29.93
CA THR A 72 -32.66 2.91 -30.76
C THR A 72 -32.14 3.16 -32.17
N SER A 73 -32.41 4.35 -32.69
CA SER A 73 -32.01 4.73 -34.04
C SER A 73 -30.53 4.43 -34.31
N SER A 74 -29.68 4.82 -33.37
CA SER A 74 -28.24 4.63 -33.52
C SER A 74 -27.68 3.67 -32.47
N SER A 75 -28.53 2.80 -31.93
CA SER A 75 -28.11 1.81 -30.95
C SER A 75 -27.13 2.39 -29.93
N THR A 76 -27.56 3.44 -29.24
CA THR A 76 -26.70 4.09 -28.26
C THR A 76 -27.44 4.36 -26.95
N ALA A 77 -26.78 4.05 -25.85
CA ALA A 77 -27.32 4.31 -24.51
C ALA A 77 -26.72 5.60 -23.96
N TYR A 78 -27.41 6.19 -23.00
CA TYR A 78 -26.95 7.45 -22.41
C TYR A 78 -27.22 7.46 -20.93
N ILE A 79 -26.37 8.20 -20.22
CA ILE A 79 -26.65 8.57 -18.84
C ILE A 79 -26.48 10.08 -18.74
N HIS A 80 -27.45 10.74 -18.14
CA HIS A 80 -27.39 12.18 -17.93
C HIS A 80 -27.12 12.42 -16.46
N LEU A 81 -26.04 13.15 -16.17
CA LEU A 81 -25.71 13.48 -14.80
C LEU A 81 -25.85 14.99 -14.60
N ASN A 82 -26.79 15.38 -13.74
CA ASN A 82 -27.06 16.79 -13.51
C ASN A 82 -26.57 17.30 -12.17
N SER A 83 -26.55 18.62 -12.01
CA SER A 83 -26.08 19.30 -10.80
C SER A 83 -24.86 18.62 -10.18
N LEU A 84 -23.78 18.54 -10.96
CA LEU A 84 -22.59 17.80 -10.52
C LEU A 84 -21.81 18.49 -9.41
N THR A 85 -21.33 17.69 -8.46
CA THR A 85 -20.42 18.17 -7.43
C THR A 85 -19.17 17.29 -7.40
N SER A 86 -18.23 17.61 -6.53
CA SER A 86 -16.97 16.87 -6.45
C SER A 86 -17.19 15.39 -6.15
N GLU A 87 -18.29 15.08 -5.49
CA GLU A 87 -18.64 13.69 -5.16
C GLU A 87 -19.02 12.88 -6.40
N ASP A 88 -19.22 13.57 -7.52
CA ASP A 88 -19.58 12.89 -8.76
C ASP A 88 -18.36 12.53 -9.60
N SER A 89 -17.20 13.05 -9.21
CA SER A 89 -15.95 12.71 -9.88
C SER A 89 -15.72 11.21 -9.76
N ALA A 90 -15.65 10.53 -10.89
CA ALA A 90 -15.50 9.08 -10.86
C ALA A 90 -15.39 8.50 -12.27
N VAL A 91 -15.23 7.18 -12.33
CA VAL A 91 -15.26 6.47 -13.59
C VAL A 91 -16.62 5.82 -13.70
N TYR A 92 -17.30 6.08 -14.81
CA TYR A 92 -18.63 5.54 -15.01
C TYR A 92 -18.60 4.45 -16.07
N TYR A 93 -19.10 3.28 -15.69
CA TYR A 93 -19.08 2.13 -16.57
C TYR A 93 -20.46 1.86 -17.15
N CYS A 94 -20.48 1.65 -18.45
CA CYS A 94 -21.67 1.20 -19.15
C CYS A 94 -21.55 -0.31 -19.28
N ALA A 95 -22.64 -1.04 -19.02
CA ALA A 95 -22.59 -2.49 -19.11
C ALA A 95 -23.86 -3.07 -19.70
N ILE A 96 -23.72 -4.13 -20.49
CA ILE A 96 -24.87 -4.82 -21.07
C ILE A 96 -24.83 -6.31 -20.74
N PHE A 97 -26.00 -6.88 -20.50
CA PHE A 97 -26.08 -8.30 -20.17
C PHE A 97 -27.39 -8.94 -20.65
N TYR A 98 -27.34 -10.22 -20.96
CA TYR A 98 -28.55 -10.95 -21.31
C TYR A 98 -28.65 -12.22 -20.52
N GLY A 99 -29.77 -12.35 -19.79
CA GLY A 99 -30.01 -13.52 -18.97
C GLY A 99 -28.71 -14.07 -18.42
N ASN A 100 -28.37 -15.28 -18.88
CA ASN A 100 -27.18 -15.98 -18.41
C ASN A 100 -25.99 -15.89 -19.38
N PHE A 101 -25.77 -14.70 -19.95
CA PHE A 101 -24.72 -14.54 -20.95
C PHE A 101 -24.04 -13.21 -20.83
N PHE A 102 -23.10 -13.05 -21.73
CA PHE A 102 -22.26 -11.90 -21.63
C PHE A 102 -22.74 -11.04 -20.47
N ASP A 103 -21.77 -10.69 -19.64
CA ASP A 103 -21.90 -9.62 -18.67
C ASP A 103 -20.75 -8.75 -19.14
N TYR A 104 -20.99 -7.96 -20.18
CA TYR A 104 -19.89 -7.20 -20.79
C TYR A 104 -19.94 -5.73 -20.42
N TRP A 105 -18.79 -5.21 -19.98
CA TRP A 105 -18.66 -3.82 -19.55
C TRP A 105 -17.84 -2.99 -20.54
N GLY A 106 -18.10 -1.69 -20.56
CA GLY A 106 -17.32 -0.77 -21.37
C GLY A 106 -16.03 -0.35 -20.70
N GLN A 107 -15.19 0.35 -21.45
CA GLN A 107 -13.88 0.77 -20.95
C GLN A 107 -14.01 1.80 -19.84
N GLY A 108 -15.17 2.43 -19.74
CA GLY A 108 -15.41 3.43 -18.71
C GLY A 108 -15.15 4.86 -19.15
N THR A 109 -15.84 5.79 -18.49
CA THR A 109 -15.69 7.20 -18.79
C THR A 109 -15.30 7.96 -17.52
N THR A 110 -14.14 8.59 -17.53
CA THR A 110 -13.70 9.36 -16.37
C THR A 110 -14.30 10.76 -16.35
N VAL A 111 -15.03 11.05 -15.28
CA VAL A 111 -15.64 12.36 -15.10
C VAL A 111 -14.96 13.09 -13.94
N THR A 112 -14.50 14.30 -14.20
CA THR A 112 -13.88 15.12 -13.17
C THR A 112 -14.64 16.41 -13.00
N VAL A 113 -15.13 16.65 -11.80
CA VAL A 113 -15.85 17.88 -11.49
C VAL A 113 -14.85 18.88 -10.95
N SER A 114 -14.63 19.96 -11.69
CA SER A 114 -13.65 20.97 -11.30
C SER A 114 -13.96 22.33 -11.90
N SER A 115 -13.64 23.39 -11.15
CA SER A 115 -13.76 24.75 -11.63
C SER A 115 -12.50 25.12 -12.41
N ALA A 116 -11.56 24.19 -12.48
CA ALA A 116 -10.30 24.43 -13.16
C ALA A 116 -10.40 24.16 -14.66
N SER A 117 -9.58 24.84 -15.43
CA SER A 117 -9.57 24.67 -16.87
C SER A 117 -8.57 23.58 -17.21
N THR A 118 -8.80 22.89 -18.32
CA THR A 118 -7.90 21.84 -18.78
C THR A 118 -6.49 22.38 -19.01
N LYS A 119 -5.52 21.50 -18.87
CA LYS A 119 -4.14 21.83 -19.21
C LYS A 119 -3.52 20.58 -19.81
N GLY A 120 -3.13 20.67 -21.07
CA GLY A 120 -2.48 19.58 -21.77
C GLY A 120 -1.06 19.41 -21.28
N PRO A 121 -0.55 18.18 -21.36
CA PRO A 121 0.78 17.86 -20.83
C PRO A 121 1.91 18.32 -21.73
N SER A 122 3.10 18.40 -21.14
CA SER A 122 4.33 18.54 -21.90
C SER A 122 4.90 17.13 -21.95
N VAL A 123 5.54 16.80 -23.06
CA VAL A 123 6.11 15.47 -23.22
C VAL A 123 7.58 15.58 -23.52
N PHE A 124 8.40 15.18 -22.57
CA PHE A 124 9.85 15.23 -22.76
C PHE A 124 10.43 13.82 -22.82
N PRO A 125 11.47 13.65 -23.61
CA PRO A 125 12.08 12.33 -23.79
C PRO A 125 12.92 11.93 -22.58
N LEU A 126 12.87 10.66 -22.24
CA LEU A 126 13.77 10.09 -21.25
C LEU A 126 14.82 9.29 -22.03
N ALA A 127 15.83 10.00 -22.51
CA ALA A 127 16.82 9.43 -23.42
C ALA A 127 17.67 8.33 -22.79
N PRO A 128 17.79 7.22 -23.50
CA PRO A 128 18.69 6.14 -23.10
C PRO A 128 20.13 6.56 -23.27
N SER A 129 21.00 6.09 -22.39
CA SER A 129 22.42 6.35 -22.48
C SER A 129 23.15 5.34 -21.61
N SER A 130 24.47 5.32 -21.69
CA SER A 130 25.27 4.40 -20.87
C SER A 130 24.74 4.31 -19.42
N LYS A 131 24.03 5.35 -18.98
CA LYS A 131 23.51 5.41 -17.61
C LYS A 131 22.05 4.96 -17.54
N SER A 132 21.52 4.55 -18.69
CA SER A 132 20.18 4.01 -18.79
C SER A 132 20.22 2.63 -19.47
N THR A 133 21.35 1.95 -19.33
CA THR A 133 21.51 0.60 -19.90
C THR A 133 22.25 -0.37 -18.97
N SER A 134 21.55 -1.42 -18.54
CA SER A 134 22.13 -2.47 -17.71
C SER A 134 22.52 -3.67 -18.56
N GLY A 135 23.82 -3.82 -18.81
CA GLY A 135 24.32 -4.93 -19.62
C GLY A 135 23.89 -4.81 -21.07
N GLY A 136 23.05 -5.73 -21.51
CA GLY A 136 22.51 -5.71 -22.87
C GLY A 136 21.14 -5.06 -22.91
N THR A 137 20.67 -4.65 -21.74
CA THR A 137 19.35 -4.04 -21.60
C THR A 137 19.46 -2.53 -21.48
N ALA A 138 18.60 -1.81 -22.20
CA ALA A 138 18.55 -0.36 -22.08
C ALA A 138 17.13 0.11 -21.74
N ALA A 139 17.04 1.19 -20.97
CA ALA A 139 15.75 1.76 -20.61
C ALA A 139 15.58 3.15 -21.20
N LEU A 140 14.39 3.43 -21.72
CA LEU A 140 14.08 4.75 -22.24
C LEU A 140 12.61 5.05 -21.95
N GLY A 141 12.20 6.30 -22.10
CA GLY A 141 10.82 6.63 -21.86
C GLY A 141 10.39 8.03 -22.21
N CYS A 142 9.17 8.36 -21.77
CA CYS A 142 8.63 9.69 -21.92
C CYS A 142 8.10 10.21 -20.58
N LEU A 143 8.43 11.47 -20.28
CA LEU A 143 7.89 12.14 -19.11
C LEU A 143 6.69 12.98 -19.52
N VAL A 144 5.51 12.63 -19.03
CA VAL A 144 4.29 13.37 -19.36
C VAL A 144 3.91 14.29 -18.22
N LYS A 145 4.27 15.57 -18.38
CA LYS A 145 4.27 16.53 -17.29
C LYS A 145 3.19 17.62 -17.31
N ASP A 146 2.67 17.96 -16.12
CA ASP A 146 1.76 19.08 -15.91
C ASP A 146 0.47 19.04 -16.74
N TYR A 147 -0.44 18.15 -16.38
CA TYR A 147 -1.69 18.06 -17.12
C TYR A 147 -2.89 17.88 -16.18
N PHE A 148 -4.07 18.25 -16.69
CA PHE A 148 -5.29 18.16 -15.92
C PHE A 148 -6.50 18.20 -16.85
N PRO A 149 -7.46 17.30 -16.63
CA PRO A 149 -7.38 16.31 -15.57
C PRO A 149 -6.86 14.98 -16.10
N GLU A 150 -7.24 13.91 -15.42
CA GLU A 150 -6.99 12.56 -15.89
C GLU A 150 -8.13 12.17 -16.84
N PRO A 151 -7.93 11.13 -17.65
CA PRO A 151 -6.67 10.39 -17.72
C PRO A 151 -5.77 10.84 -18.86
N VAL A 152 -4.78 10.00 -19.17
CA VAL A 152 -3.87 10.22 -20.26
C VAL A 152 -3.42 8.85 -20.70
N THR A 153 -3.51 8.58 -22.00
CA THR A 153 -3.07 7.28 -22.51
C THR A 153 -1.67 7.38 -23.12
N VAL A 154 -0.84 6.38 -22.86
CA VAL A 154 0.48 6.31 -23.44
C VAL A 154 0.68 4.97 -24.14
N SER A 155 1.14 4.99 -25.38
CA SER A 155 1.49 3.77 -26.08
C SER A 155 2.83 3.95 -26.78
N TRP A 156 3.44 2.85 -27.22
CA TRP A 156 4.74 2.92 -27.87
C TRP A 156 4.71 2.36 -29.29
N ASN A 157 5.26 3.13 -30.23
CA ASN A 157 5.26 2.73 -31.64
C ASN A 157 3.86 2.38 -32.10
N SER A 158 2.90 3.22 -31.74
CA SER A 158 1.51 3.05 -32.15
C SER A 158 0.89 1.74 -31.68
N GLY A 159 1.39 1.22 -30.56
CA GLY A 159 0.84 0.03 -29.95
C GLY A 159 1.56 -1.26 -30.27
N ALA A 160 2.49 -1.21 -31.22
CA ALA A 160 3.24 -2.39 -31.63
C ALA A 160 4.28 -2.83 -30.61
N LEU A 161 4.56 -1.95 -29.63
CA LEU A 161 5.50 -2.26 -28.57
C LEU A 161 4.82 -2.26 -27.21
N THR A 162 4.72 -3.45 -26.59
CA THR A 162 4.03 -3.58 -25.32
C THR A 162 4.86 -4.28 -24.25
N SER A 163 5.70 -5.22 -24.68
CA SER A 163 6.53 -5.95 -23.73
C SER A 163 7.63 -5.08 -23.15
N GLY A 164 7.68 -5.01 -21.82
CA GLY A 164 8.71 -4.26 -21.13
C GLY A 164 8.28 -2.85 -20.78
N VAL A 165 7.10 -2.47 -21.22
CA VAL A 165 6.61 -1.12 -20.95
C VAL A 165 5.96 -1.00 -19.56
N HIS A 166 6.41 -0.01 -18.80
CA HIS A 166 5.78 0.32 -17.52
C HIS A 166 5.26 1.75 -17.58
N THR A 167 3.94 1.91 -17.46
CA THR A 167 3.34 3.23 -17.40
C THR A 167 2.88 3.51 -15.97
N PHE A 168 3.58 4.42 -15.31
CA PHE A 168 3.33 4.74 -13.91
C PHE A 168 1.99 5.43 -13.65
N PRO A 169 1.39 5.14 -12.51
CA PRO A 169 0.19 5.86 -12.08
C PRO A 169 0.51 7.35 -12.03
N ALA A 170 -0.44 8.18 -12.42
CA ALA A 170 -0.22 9.62 -12.34
C ALA A 170 -0.10 10.03 -10.88
N VAL A 171 0.68 11.06 -10.63
CA VAL A 171 0.87 11.59 -9.29
C VAL A 171 0.70 13.10 -9.32
N LEU A 172 0.06 13.63 -8.27
CA LEU A 172 -0.21 15.06 -8.19
C LEU A 172 1.00 15.82 -7.73
N GLN A 173 1.27 16.94 -8.39
CA GLN A 173 2.34 17.82 -7.97
C GLN A 173 1.78 18.96 -7.11
N SER A 174 2.67 19.70 -6.44
CA SER A 174 2.20 20.77 -5.57
C SER A 174 1.49 21.89 -6.37
N SER A 175 1.62 21.83 -7.70
CA SER A 175 0.93 22.79 -8.55
C SER A 175 -0.54 22.39 -8.76
N GLY A 176 -0.89 21.18 -8.33
CA GLY A 176 -2.25 20.69 -8.52
C GLY A 176 -2.42 20.00 -9.86
N LEU A 177 -1.32 19.93 -10.62
CA LEU A 177 -1.33 19.28 -11.91
C LEU A 177 -0.79 17.86 -11.79
N TYR A 178 -1.20 16.99 -12.71
CA TYR A 178 -0.75 15.60 -12.72
C TYR A 178 0.55 15.44 -13.51
N SER A 179 1.30 14.41 -13.18
CA SER A 179 2.51 14.08 -13.92
C SER A 179 2.74 12.57 -13.87
N LEU A 180 3.23 12.00 -14.96
CA LEU A 180 3.64 10.59 -14.96
C LEU A 180 4.70 10.27 -16.00
N SER A 181 5.35 9.12 -15.84
CA SER A 181 6.35 8.66 -16.77
C SER A 181 5.93 7.35 -17.39
N SER A 182 6.43 7.09 -18.60
CA SER A 182 6.24 5.80 -19.24
C SER A 182 7.61 5.36 -19.73
N VAL A 183 8.05 4.21 -19.27
CA VAL A 183 9.37 3.70 -19.65
C VAL A 183 9.24 2.30 -20.26
N VAL A 184 10.24 1.95 -21.07
CA VAL A 184 10.28 0.63 -21.68
C VAL A 184 11.70 0.11 -21.65
N THR A 185 11.84 -1.21 -21.56
CA THR A 185 13.15 -1.83 -21.57
C THR A 185 13.38 -2.51 -22.91
N VAL A 186 14.55 -2.29 -23.50
CA VAL A 186 14.85 -2.85 -24.80
C VAL A 186 16.32 -3.29 -24.89
N PRO A 187 16.61 -4.16 -25.86
CA PRO A 187 18.00 -4.55 -26.13
C PRO A 187 18.82 -3.32 -26.49
N SER A 188 19.94 -3.11 -25.80
CA SER A 188 20.78 -1.94 -26.04
C SER A 188 21.42 -1.94 -27.42
N SER A 189 21.44 -3.11 -28.05
CA SER A 189 22.01 -3.25 -29.39
C SER A 189 21.00 -2.82 -30.45
N SER A 190 19.74 -2.73 -30.06
CA SER A 190 18.67 -2.32 -30.98
C SER A 190 18.57 -0.80 -31.07
N LEU A 191 19.14 -0.11 -30.09
CA LEU A 191 19.07 1.35 -30.00
C LEU A 191 19.30 2.06 -31.33
N GLY A 192 19.98 1.39 -32.27
CA GLY A 192 20.26 2.01 -33.55
C GLY A 192 19.69 1.25 -34.74
N THR A 193 18.44 0.82 -34.64
CA THR A 193 17.78 0.11 -35.74
C THR A 193 16.35 0.60 -35.92
N GLN A 194 15.47 0.27 -34.97
CA GLN A 194 14.10 0.75 -35.04
C GLN A 194 13.89 1.92 -34.09
N THR A 195 13.22 2.95 -34.59
CA THR A 195 12.92 4.14 -33.83
C THR A 195 11.99 3.82 -32.66
N TYR A 196 12.00 4.65 -31.64
CA TYR A 196 11.08 4.47 -30.52
C TYR A 196 10.26 5.74 -30.30
N ILE A 197 8.95 5.62 -30.54
CA ILE A 197 8.03 6.74 -30.38
C ILE A 197 7.00 6.44 -29.30
N CYS A 198 6.77 7.40 -28.42
CA CYS A 198 5.70 7.28 -27.45
C CYS A 198 4.51 8.09 -27.93
N ASN A 199 3.34 7.47 -27.93
CA ASN A 199 2.12 8.13 -28.37
C ASN A 199 1.28 8.59 -27.18
N VAL A 200 1.28 9.90 -26.93
CA VAL A 200 0.59 10.45 -25.78
C VAL A 200 -0.71 11.10 -26.19
N ASN A 201 -1.79 10.72 -25.52
CA ASN A 201 -3.10 11.29 -25.81
C ASN A 201 -3.76 11.83 -24.55
N HIS A 202 -4.19 13.09 -24.62
CA HIS A 202 -4.90 13.74 -23.53
C HIS A 202 -6.18 14.37 -24.08
N LYS A 203 -7.25 13.58 -24.07
CA LYS A 203 -8.50 13.93 -24.75
C LYS A 203 -9.16 15.24 -24.28
N PRO A 204 -9.17 15.50 -22.98
CA PRO A 204 -9.82 16.70 -22.44
C PRO A 204 -9.22 17.99 -22.99
N SER A 205 -7.95 17.98 -23.35
CA SER A 205 -7.28 19.16 -23.89
C SER A 205 -7.08 19.05 -25.39
N ASN A 206 -7.34 17.87 -25.93
CA ASN A 206 -7.18 17.64 -27.35
C ASN A 206 -5.71 17.52 -27.76
N THR A 207 -4.89 17.13 -26.80
CA THR A 207 -3.45 17.03 -27.00
C THR A 207 -3.06 15.66 -27.53
N ALA A 208 -2.42 15.64 -28.69
CA ALA A 208 -1.90 14.41 -29.26
C ALA A 208 -0.44 14.63 -29.64
N VAL A 209 0.47 14.01 -28.89
CA VAL A 209 1.89 14.18 -29.13
C VAL A 209 2.55 12.87 -29.53
N ASP A 210 3.49 12.95 -30.47
CA ASP A 210 4.28 11.79 -30.86
C ASP A 210 5.75 12.14 -30.73
N LYS A 211 6.31 11.87 -29.56
CA LYS A 211 7.71 12.20 -29.29
C LYS A 211 8.62 11.03 -29.60
N ALA A 212 9.63 11.30 -30.42
CA ALA A 212 10.67 10.31 -30.71
C ALA A 212 11.76 10.42 -29.65
N VAL A 213 12.11 9.31 -29.01
CA VAL A 213 13.17 9.35 -28.02
C VAL A 213 14.41 8.62 -28.53
N GLU A 214 15.47 9.41 -28.71
CA GLU A 214 16.73 8.93 -29.25
C GLU A 214 17.82 9.11 -28.21
N PRO A 215 18.88 8.31 -28.32
CA PRO A 215 20.06 8.45 -27.46
C PRO A 215 20.57 9.89 -27.42
N LYS A 216 21.12 10.28 -26.27
CA LYS A 216 21.64 11.63 -26.07
C LYS A 216 22.89 11.86 -26.89
N SER A 217 23.01 13.06 -27.45
CA SER A 217 24.18 13.41 -28.27
C SER A 217 24.60 14.85 -28.03
N CYS A 218 25.76 15.22 -28.58
CA CYS A 218 26.26 16.59 -28.50
C CYS A 218 27.28 16.84 -29.62
N LEU B 1 -33.29 -2.45 4.83
CA LEU B 1 -33.95 -2.92 3.57
C LEU B 1 -32.99 -2.93 2.39
N ASP B 2 -31.77 -2.42 2.59
CA ASP B 2 -30.78 -2.38 1.52
C ASP B 2 -29.66 -3.42 1.72
N ASN B 3 -29.48 -4.28 0.71
CA ASN B 3 -28.58 -5.42 0.81
C ASN B 3 -27.11 -5.05 0.79
N VAL B 4 -26.52 -4.91 1.97
CA VAL B 4 -25.11 -4.60 2.09
C VAL B 4 -24.30 -5.89 2.00
N MET B 5 -23.32 -5.91 1.10
CA MET B 5 -22.47 -7.07 0.95
C MET B 5 -21.10 -6.81 1.59
N THR B 6 -20.79 -7.59 2.62
CA THR B 6 -19.53 -7.44 3.34
C THR B 6 -18.50 -8.45 2.85
N GLN B 7 -17.46 -7.95 2.20
CA GLN B 7 -16.43 -8.82 1.64
C GLN B 7 -15.21 -8.91 2.54
N SER B 8 -14.56 -10.07 2.52
CA SER B 8 -13.38 -10.31 3.34
C SER B 8 -12.43 -11.28 2.63
N PRO B 9 -11.12 -11.04 2.76
CA PRO B 9 -10.59 -9.87 3.45
C PRO B 9 -10.40 -8.70 2.47
N SER B 10 -9.88 -7.60 2.97
CA SER B 10 -9.60 -6.44 2.12
C SER B 10 -8.42 -6.75 1.20
N PHE B 11 -7.33 -7.24 1.80
CA PHE B 11 -6.15 -7.63 1.05
C PHE B 11 -5.86 -9.09 1.29
N MET B 12 -5.27 -9.75 0.29
CA MET B 12 -4.93 -11.15 0.41
C MET B 12 -3.69 -11.38 -0.44
N SER B 13 -2.63 -11.90 0.16
CA SER B 13 -1.43 -12.22 -0.60
C SER B 13 -1.22 -13.72 -0.61
N THR B 14 -0.93 -14.26 -1.79
CA THR B 14 -0.78 -15.69 -1.96
C THR B 14 0.39 -15.99 -2.90
N SER B 15 0.83 -17.24 -2.91
CA SER B 15 1.91 -17.64 -3.78
C SER B 15 1.34 -18.27 -5.04
N VAL B 16 2.08 -18.17 -6.14
CA VAL B 16 1.71 -18.88 -7.35
C VAL B 16 1.60 -20.34 -6.97
N GLY B 17 0.47 -20.96 -7.31
CA GLY B 17 0.27 -22.37 -7.04
C GLY B 17 -0.77 -22.65 -5.98
N ASP B 18 -1.00 -21.68 -5.10
CA ASP B 18 -1.84 -21.90 -3.92
C ASP B 18 -3.35 -21.81 -4.18
N ARG B 19 -4.13 -22.27 -3.20
CA ARG B 19 -5.58 -22.10 -3.20
C ARG B 19 -5.91 -20.90 -2.31
N VAL B 20 -6.73 -19.98 -2.81
CA VAL B 20 -7.13 -18.83 -2.02
C VAL B 20 -8.65 -18.72 -1.97
N SER B 21 -9.19 -18.21 -0.86
CA SER B 21 -10.63 -18.07 -0.72
C SER B 21 -11.05 -16.66 -0.33
N VAL B 22 -12.05 -16.14 -1.03
CA VAL B 22 -12.60 -14.82 -0.74
C VAL B 22 -14.03 -14.97 -0.26
N THR B 23 -14.32 -14.41 0.90
CA THR B 23 -15.64 -14.53 1.50
C THR B 23 -16.51 -13.31 1.26
N CYS B 24 -17.81 -13.53 1.23
CA CYS B 24 -18.79 -12.48 1.04
C CYS B 24 -20.05 -12.84 1.79
N ALA B 25 -20.46 -11.97 2.72
CA ALA B 25 -21.66 -12.21 3.52
C ALA B 25 -22.69 -11.11 3.29
N ALA B 26 -23.90 -11.51 2.92
CA ALA B 26 -24.98 -10.57 2.67
C ALA B 26 -25.78 -10.33 3.95
N SER B 27 -26.21 -9.09 4.14
CA SER B 27 -26.96 -8.72 5.34
C SER B 27 -28.38 -9.29 5.31
N GLN B 28 -28.80 -9.77 4.14
CA GLN B 28 -30.14 -10.34 3.99
C GLN B 28 -30.14 -11.45 2.96
N ASN B 29 -30.91 -12.50 3.24
CA ASN B 29 -31.04 -13.64 2.31
C ASN B 29 -31.15 -13.18 0.85
N VAL B 30 -30.24 -13.69 0.01
CA VAL B 30 -30.21 -13.29 -1.39
C VAL B 30 -30.39 -14.47 -2.35
N GLY B 31 -30.73 -15.63 -1.80
CA GLY B 31 -30.90 -16.83 -2.60
C GLY B 31 -29.58 -17.29 -3.19
N THR B 32 -29.55 -17.43 -4.52
CA THR B 32 -28.33 -17.82 -5.22
C THR B 32 -28.00 -16.81 -6.31
N ASN B 33 -28.69 -15.67 -6.29
CA ASN B 33 -28.45 -14.63 -7.29
C ASN B 33 -27.24 -13.78 -6.92
N VAL B 34 -26.09 -14.43 -6.91
CA VAL B 34 -24.82 -13.80 -6.60
C VAL B 34 -23.89 -13.99 -7.79
N ALA B 35 -23.04 -13.00 -8.04
CA ALA B 35 -22.05 -13.10 -9.10
C ALA B 35 -20.70 -12.57 -8.60
N TRP B 36 -19.62 -12.88 -9.33
CA TRP B 36 -18.28 -12.46 -8.95
C TRP B 36 -17.59 -11.78 -10.13
N TYR B 37 -16.83 -10.73 -9.85
CA TYR B 37 -16.11 -10.01 -10.89
C TYR B 37 -14.64 -9.91 -10.56
N GLN B 38 -13.83 -9.79 -11.61
CA GLN B 38 -12.40 -9.65 -11.46
C GLN B 38 -11.96 -8.40 -12.21
N GLN B 39 -11.24 -7.51 -11.54
CA GLN B 39 -10.78 -6.29 -12.17
C GLN B 39 -9.26 -6.20 -12.12
N LYS B 40 -8.64 -6.47 -13.26
CA LYS B 40 -7.20 -6.37 -13.36
C LYS B 40 -6.85 -4.91 -13.54
N PRO B 41 -5.62 -4.55 -13.18
CA PRO B 41 -5.22 -3.14 -13.18
C PRO B 41 -5.42 -2.52 -14.56
N GLY B 42 -6.07 -1.35 -14.60
CA GLY B 42 -6.25 -0.63 -15.84
C GLY B 42 -7.43 -1.08 -16.68
N GLN B 43 -8.09 -2.16 -16.25
CA GLN B 43 -9.20 -2.75 -17.02
C GLN B 43 -10.55 -2.56 -16.35
N PRO B 44 -11.62 -2.73 -17.11
CA PRO B 44 -12.96 -2.78 -16.52
C PRO B 44 -13.11 -4.08 -15.73
N PRO B 45 -14.08 -4.11 -14.81
CA PRO B 45 -14.38 -5.36 -14.09
C PRO B 45 -14.91 -6.38 -15.08
N LYS B 46 -14.42 -7.62 -14.98
CA LYS B 46 -14.83 -8.69 -15.89
C LYS B 46 -15.61 -9.71 -15.06
N ALA B 47 -16.70 -10.22 -15.64
CA ALA B 47 -17.61 -11.12 -14.93
C ALA B 47 -17.16 -12.57 -15.02
N LEU B 48 -16.94 -13.18 -13.86
CA LEU B 48 -16.45 -14.56 -13.80
C LEU B 48 -17.60 -15.54 -13.58
N ILE B 49 -18.35 -15.30 -12.52
CA ILE B 49 -19.40 -16.23 -12.11
C ILE B 49 -20.72 -15.52 -12.01
N TYR B 50 -21.79 -16.27 -12.26
CA TYR B 50 -23.15 -15.81 -12.03
C TYR B 50 -23.87 -16.96 -11.32
N SER B 51 -25.05 -16.66 -10.78
CA SER B 51 -25.83 -17.66 -10.05
C SER B 51 -24.96 -18.45 -9.07
N THR B 52 -24.08 -17.75 -8.38
CA THR B 52 -23.27 -18.35 -7.31
C THR B 52 -22.13 -19.23 -7.80
N SER B 53 -22.42 -20.18 -8.68
CA SER B 53 -21.43 -21.20 -9.05
C SER B 53 -21.22 -21.41 -10.54
N TYR B 54 -21.97 -20.71 -11.38
CA TYR B 54 -21.83 -20.86 -12.82
C TYR B 54 -20.70 -19.97 -13.35
N ARG B 55 -19.87 -20.50 -14.23
CA ARG B 55 -18.80 -19.71 -14.83
C ARG B 55 -19.17 -19.25 -16.23
N TYR B 56 -18.77 -18.01 -16.57
CA TYR B 56 -19.00 -17.48 -17.92
C TYR B 56 -17.99 -18.09 -18.87
N SER B 57 -18.39 -18.18 -20.18
CA SER B 57 -17.48 -18.72 -21.19
C SER B 57 -16.11 -18.09 -21.06
N GLY B 58 -15.07 -18.86 -21.35
CA GLY B 58 -13.71 -18.35 -21.32
C GLY B 58 -13.16 -18.08 -19.93
N VAL B 59 -13.84 -18.57 -18.90
CA VAL B 59 -13.32 -18.41 -17.54
C VAL B 59 -12.73 -19.74 -17.07
N PRO B 60 -11.48 -19.70 -16.65
CA PRO B 60 -10.76 -20.89 -16.18
C PRO B 60 -11.53 -21.65 -15.11
N ASP B 61 -11.44 -22.98 -15.12
CA ASP B 61 -12.14 -23.79 -14.14
C ASP B 61 -11.48 -23.76 -12.76
N ARG B 62 -10.33 -23.11 -12.62
CA ARG B 62 -9.74 -22.97 -11.30
C ARG B 62 -10.42 -21.87 -10.47
N PHE B 63 -11.43 -21.24 -11.06
CA PHE B 63 -12.29 -20.29 -10.35
C PHE B 63 -13.62 -20.97 -10.07
N THR B 64 -13.94 -21.21 -8.81
CA THR B 64 -15.28 -21.71 -8.48
C THR B 64 -15.91 -20.90 -7.35
N GLY B 65 -17.22 -20.77 -7.40
CA GLY B 65 -17.97 -20.07 -6.38
C GLY B 65 -18.95 -21.01 -5.74
N SER B 66 -19.35 -20.71 -4.51
CA SER B 66 -20.32 -21.54 -3.80
C SER B 66 -21.04 -20.73 -2.73
N GLY B 67 -21.94 -21.38 -2.02
CA GLY B 67 -22.69 -20.73 -0.96
C GLY B 67 -24.17 -20.70 -1.24
N SER B 68 -24.91 -19.99 -0.40
CA SER B 68 -26.35 -19.86 -0.55
C SER B 68 -26.97 -19.04 0.57
N GLY B 69 -27.88 -18.15 0.20
CA GLY B 69 -28.60 -17.34 1.18
C GLY B 69 -27.85 -16.09 1.61
N THR B 70 -26.90 -16.27 2.52
CA THR B 70 -26.19 -15.13 3.11
C THR B 70 -24.67 -15.28 3.04
N ASP B 71 -24.20 -16.51 2.88
CA ASP B 71 -22.77 -16.77 2.85
C ASP B 71 -22.31 -17.24 1.47
N PHE B 72 -21.25 -16.61 0.96
CA PHE B 72 -20.76 -16.94 -0.38
C PHE B 72 -19.25 -16.96 -0.38
N THR B 73 -18.68 -17.80 -1.24
CA THR B 73 -17.24 -17.96 -1.33
C THR B 73 -16.74 -18.02 -2.76
N LEU B 74 -15.61 -17.37 -3.01
CA LEU B 74 -14.91 -17.48 -4.28
C LEU B 74 -13.59 -18.21 -4.01
N THR B 75 -13.44 -19.39 -4.60
CA THR B 75 -12.19 -20.13 -4.48
C THR B 75 -11.40 -20.05 -5.78
N ILE B 76 -10.13 -19.66 -5.66
CA ILE B 76 -9.23 -19.66 -6.80
C ILE B 76 -8.12 -20.66 -6.55
N SER B 77 -8.16 -21.78 -7.27
CA SER B 77 -7.15 -22.83 -7.12
C SER B 77 -5.94 -22.58 -8.01
N ASN B 78 -4.86 -23.31 -7.75
CA ASN B 78 -3.63 -23.15 -8.53
C ASN B 78 -3.41 -21.70 -8.97
N VAL B 79 -3.57 -20.77 -8.03
CA VAL B 79 -3.40 -19.34 -8.30
C VAL B 79 -2.22 -19.08 -9.23
N ASN B 80 -2.45 -18.25 -10.25
CA ASN B 80 -1.38 -17.89 -11.19
C ASN B 80 -1.11 -16.39 -11.17
N SER B 81 0.04 -15.98 -11.70
CA SER B 81 0.43 -14.57 -11.63
C SER B 81 -0.60 -13.67 -12.32
N GLU B 82 -1.11 -14.13 -13.45
CA GLU B 82 -2.14 -13.41 -14.18
C GLU B 82 -3.39 -13.13 -13.31
N ASP B 83 -3.51 -13.78 -12.15
CA ASP B 83 -4.70 -13.65 -11.32
C ASP B 83 -4.69 -12.41 -10.44
N LEU B 84 -3.53 -11.77 -10.35
CA LEU B 84 -3.40 -10.57 -9.57
C LEU B 84 -4.48 -9.59 -10.00
N ALA B 85 -5.30 -9.16 -9.07
CA ALA B 85 -6.46 -8.37 -9.41
C ALA B 85 -7.28 -8.00 -8.18
N GLU B 86 -8.34 -7.24 -8.40
CA GLU B 86 -9.26 -6.90 -7.35
C GLU B 86 -10.55 -7.67 -7.64
N TYR B 87 -11.07 -8.38 -6.64
CA TYR B 87 -12.27 -9.19 -6.83
C TYR B 87 -13.47 -8.58 -6.12
N PHE B 88 -14.62 -8.64 -6.79
CA PHE B 88 -15.85 -8.06 -6.27
C PHE B 88 -16.97 -9.10 -6.28
N CYS B 89 -17.70 -9.20 -5.19
CA CYS B 89 -18.91 -10.02 -5.18
C CYS B 89 -20.11 -9.12 -5.44
N GLN B 90 -21.21 -9.68 -5.91
CA GLN B 90 -22.38 -8.88 -6.24
C GLN B 90 -23.64 -9.64 -5.98
N GLN B 91 -24.69 -8.91 -5.61
CA GLN B 91 -26.02 -9.50 -5.41
C GLN B 91 -27.00 -8.84 -6.37
N TYR B 92 -27.72 -9.65 -7.14
CA TYR B 92 -28.71 -9.12 -8.08
C TYR B 92 -30.08 -9.74 -7.85
N ASN B 93 -30.34 -10.14 -6.62
CA ASN B 93 -31.63 -10.68 -6.24
C ASN B 93 -32.65 -9.56 -6.14
N ILE B 94 -32.32 -8.53 -5.36
CA ILE B 94 -33.21 -7.40 -5.16
C ILE B 94 -32.56 -6.09 -5.61
N TYR B 95 -33.38 -5.13 -5.99
CA TYR B 95 -32.89 -3.80 -6.36
C TYR B 95 -32.73 -2.97 -5.09
N PRO B 96 -31.69 -2.15 -5.03
CA PRO B 96 -30.71 -2.03 -6.11
C PRO B 96 -29.66 -3.14 -6.03
N VAL B 97 -28.97 -3.38 -7.15
CA VAL B 97 -27.88 -4.33 -7.17
C VAL B 97 -26.75 -3.76 -6.35
N THR B 98 -26.12 -4.60 -5.54
CA THR B 98 -25.03 -4.14 -4.67
C THR B 98 -23.76 -4.94 -4.87
N PHE B 99 -22.62 -4.30 -4.60
CA PHE B 99 -21.33 -4.95 -4.71
C PHE B 99 -20.67 -5.00 -3.32
N GLY B 100 -19.75 -5.94 -3.15
CA GLY B 100 -18.94 -5.99 -1.96
C GLY B 100 -17.86 -4.94 -2.07
N GLY B 101 -17.15 -4.68 -0.97
CA GLY B 101 -16.10 -3.69 -0.95
C GLY B 101 -14.90 -4.07 -1.79
N GLY B 102 -14.87 -5.31 -2.24
CA GLY B 102 -13.75 -5.82 -3.03
C GLY B 102 -12.63 -6.43 -2.20
N THR B 103 -11.86 -7.31 -2.84
CA THR B 103 -10.68 -7.91 -2.23
C THR B 103 -9.53 -7.80 -3.20
N LYS B 104 -8.39 -7.31 -2.72
CA LYS B 104 -7.20 -7.20 -3.52
C LYS B 104 -6.31 -8.42 -3.35
N LEU B 105 -6.11 -9.15 -4.44
CA LEU B 105 -5.24 -10.30 -4.46
C LEU B 105 -3.85 -9.87 -4.93
N GLU B 106 -2.84 -10.05 -4.07
CA GLU B 106 -1.47 -9.75 -4.43
C GLU B 106 -0.64 -11.03 -4.40
N ILE B 107 0.36 -11.10 -5.26
CA ILE B 107 1.13 -12.33 -5.39
C ILE B 107 2.48 -12.19 -4.74
N LYS B 108 2.83 -13.19 -3.94
CA LYS B 108 4.14 -13.22 -3.32
C LYS B 108 5.07 -13.89 -4.31
N ARG B 109 6.32 -13.48 -4.30
CA ARG B 109 7.32 -14.07 -5.19
C ARG B 109 8.63 -13.82 -4.47
N THR B 110 9.71 -14.37 -4.98
CA THR B 110 11.00 -14.25 -4.33
C THR B 110 11.54 -12.84 -4.43
N VAL B 111 12.51 -12.53 -3.59
CA VAL B 111 13.21 -11.28 -3.68
C VAL B 111 13.78 -11.12 -5.09
N ALA B 112 13.59 -9.94 -5.65
CA ALA B 112 14.23 -9.55 -6.87
C ALA B 112 14.81 -8.15 -6.66
N ALA B 113 16.07 -7.96 -7.03
CA ALA B 113 16.72 -6.66 -6.85
C ALA B 113 16.40 -5.80 -8.07
N PRO B 114 16.21 -4.50 -7.86
CA PRO B 114 15.87 -3.60 -8.96
C PRO B 114 17.05 -3.27 -9.87
N SER B 115 16.74 -2.98 -11.12
CA SER B 115 17.70 -2.41 -12.03
C SER B 115 17.49 -0.92 -11.91
N VAL B 116 18.58 -0.17 -11.80
CA VAL B 116 18.48 1.26 -11.57
C VAL B 116 18.98 2.05 -12.77
N PHE B 117 18.17 2.99 -13.23
CA PHE B 117 18.57 3.85 -14.33
C PHE B 117 18.30 5.29 -13.96
N ILE B 118 19.16 6.19 -14.38
CA ILE B 118 18.94 7.61 -14.15
C ILE B 118 18.82 8.34 -15.49
N PHE B 119 18.02 9.41 -15.52
CA PHE B 119 17.78 10.17 -16.74
C PHE B 119 17.89 11.67 -16.43
N PRO B 120 18.83 12.34 -17.10
CA PRO B 120 18.96 13.79 -16.95
C PRO B 120 17.74 14.48 -17.54
N PRO B 121 17.50 15.74 -17.19
CA PRO B 121 16.42 16.50 -17.81
C PRO B 121 16.72 16.72 -19.29
N SER B 122 15.73 16.54 -20.14
CA SER B 122 15.89 16.77 -21.57
C SER B 122 16.20 18.24 -21.85
N ALA B 123 16.84 18.49 -22.99
CA ALA B 123 17.17 19.87 -23.37
C ALA B 123 15.91 20.69 -23.66
N GLU B 124 14.90 20.03 -24.22
CA GLU B 124 13.64 20.70 -24.53
C GLU B 124 12.95 21.24 -23.28
N GLN B 125 12.97 20.46 -22.20
CA GLN B 125 12.37 20.89 -20.93
C GLN B 125 13.15 22.04 -20.30
N LEU B 126 14.48 21.99 -20.39
CA LEU B 126 15.32 23.04 -19.81
C LEU B 126 15.07 24.39 -20.46
N ALA B 127 14.69 24.38 -21.74
CA ALA B 127 14.37 25.62 -22.44
C ALA B 127 13.03 26.17 -21.96
N SER B 128 12.31 25.34 -21.21
CA SER B 128 11.01 25.73 -20.67
C SER B 128 11.10 26.27 -19.23
N GLY B 129 12.30 26.33 -18.66
CA GLY B 129 12.49 26.89 -17.33
C GLY B 129 12.53 25.93 -16.14
N THR B 130 12.23 24.66 -16.37
CA THR B 130 12.22 23.66 -15.29
C THR B 130 13.07 22.42 -15.62
N ALA B 131 13.44 21.64 -14.61
CA ALA B 131 14.34 20.50 -14.82
C ALA B 131 13.92 19.27 -14.02
N SER B 132 13.53 18.22 -14.72
CA SER B 132 13.12 16.99 -14.05
C SER B 132 14.17 15.90 -14.19
N VAL B 133 14.71 15.44 -13.08
CA VAL B 133 15.61 14.28 -13.10
C VAL B 133 14.79 13.06 -12.70
N VAL B 134 14.92 11.97 -13.45
CA VAL B 134 14.15 10.77 -13.17
C VAL B 134 15.03 9.58 -12.86
N CYS B 135 14.68 8.87 -11.80
CA CYS B 135 15.41 7.68 -11.41
C CYS B 135 14.46 6.50 -11.50
N LEU B 136 14.81 5.49 -12.30
CA LEU B 136 13.93 4.34 -12.49
C LEU B 136 14.47 3.12 -11.76
N LEU B 137 13.62 2.49 -10.97
CA LEU B 137 13.95 1.23 -10.31
C LEU B 137 13.07 0.19 -10.97
N ASN B 138 13.69 -0.75 -11.68
CA ASN B 138 12.90 -1.66 -12.54
C ASN B 138 12.84 -3.11 -12.08
N ASN B 139 11.63 -3.65 -12.10
CA ASN B 139 11.40 -5.08 -11.88
C ASN B 139 11.98 -5.63 -10.59
N PHE B 140 11.45 -5.17 -9.46
CA PHE B 140 11.96 -5.62 -8.17
C PHE B 140 10.82 -6.12 -7.28
N TYR B 141 11.20 -6.92 -6.28
CA TYR B 141 10.28 -7.35 -5.24
C TYR B 141 11.09 -7.52 -3.96
N PRO B 142 10.53 -7.16 -2.81
CA PRO B 142 9.17 -6.60 -2.70
C PRO B 142 9.06 -5.09 -2.94
N ARG B 143 7.87 -4.58 -2.67
CA ARG B 143 7.46 -3.22 -2.99
C ARG B 143 8.26 -2.12 -2.28
N GLU B 144 8.64 -2.37 -1.02
CA GLU B 144 9.38 -1.37 -0.26
C GLU B 144 10.77 -1.10 -0.87
N ALA B 145 11.11 0.17 -1.00
CA ALA B 145 12.43 0.56 -1.49
C ALA B 145 12.70 2.01 -1.10
N ALA B 146 13.96 2.31 -0.81
CA ALA B 146 14.35 3.67 -0.43
C ALA B 146 15.16 4.34 -1.54
N VAL B 147 14.67 5.48 -2.03
CA VAL B 147 15.40 6.24 -3.04
C VAL B 147 15.85 7.56 -2.43
N GLN B 148 17.16 7.77 -2.43
CA GLN B 148 17.75 8.96 -1.86
C GLN B 148 18.38 9.79 -2.98
N TRP B 149 18.12 11.09 -3.00
CA TRP B 149 18.69 11.93 -4.03
C TRP B 149 19.83 12.70 -3.44
N LYS B 150 20.95 12.75 -4.15
CA LYS B 150 22.08 13.55 -3.71
C LYS B 150 22.51 14.46 -4.84
N VAL B 151 22.77 15.72 -4.52
CA VAL B 151 23.20 16.70 -5.52
C VAL B 151 24.50 17.34 -5.06
N ASP B 152 25.58 17.08 -5.80
CA ASP B 152 26.93 17.46 -5.37
C ASP B 152 27.19 16.94 -3.95
N ASN B 153 26.69 15.73 -3.68
CA ASN B 153 26.89 15.08 -2.39
C ASN B 153 25.95 15.57 -1.28
N ALA B 154 25.21 16.64 -1.56
CA ALA B 154 24.21 17.15 -0.62
C ALA B 154 22.88 16.40 -0.76
N LEU B 155 22.47 15.74 0.32
CA LEU B 155 21.24 14.97 0.38
C LEU B 155 19.99 15.82 0.16
N GLN B 156 19.17 15.45 -0.82
CA GLN B 156 17.98 16.23 -1.13
C GLN B 156 16.80 15.88 -0.22
N SER B 157 15.81 16.77 -0.19
CA SER B 157 14.62 16.54 0.61
C SER B 157 13.50 17.48 0.18
N GLY B 158 12.28 16.96 0.12
CA GLY B 158 11.12 17.76 -0.18
C GLY B 158 10.93 18.15 -1.64
N ASN B 159 11.82 17.68 -2.52
CA ASN B 159 11.71 18.04 -3.92
C ASN B 159 11.62 16.86 -4.90
N SER B 160 11.16 15.71 -4.42
CA SER B 160 10.93 14.58 -5.30
C SER B 160 9.65 13.82 -4.93
N GLN B 161 9.09 13.12 -5.91
CA GLN B 161 7.94 12.28 -5.64
C GLN B 161 8.13 10.95 -6.31
N GLU B 162 7.48 9.93 -5.76
CA GLU B 162 7.62 8.58 -6.23
C GLU B 162 6.32 8.09 -6.80
N SER B 163 6.42 7.21 -7.78
CA SER B 163 5.26 6.54 -8.31
C SER B 163 5.63 5.07 -8.40
N VAL B 164 4.68 4.21 -8.04
CA VAL B 164 4.91 2.78 -8.09
C VAL B 164 3.88 2.07 -8.93
N THR B 165 4.39 1.16 -9.73
CA THR B 165 3.60 0.35 -10.61
C THR B 165 2.76 -0.63 -9.79
N GLU B 166 1.71 -1.15 -10.41
CA GLU B 166 1.01 -2.27 -9.82
C GLU B 166 1.83 -3.51 -10.15
N GLN B 167 1.68 -4.57 -9.37
CA GLN B 167 2.42 -5.80 -9.64
C GLN B 167 2.24 -6.27 -11.08
N ASP B 168 3.33 -6.68 -11.70
CA ASP B 168 3.29 -7.14 -13.07
C ASP B 168 2.52 -8.46 -13.20
N SER B 169 1.76 -8.58 -14.27
CA SER B 169 0.94 -9.76 -14.50
C SER B 169 1.75 -11.02 -14.82
N ALA B 170 2.92 -10.87 -15.42
CA ALA B 170 3.73 -12.02 -15.83
C ALA B 170 4.77 -12.43 -14.78
N ASP B 171 5.56 -11.48 -14.28
CA ASP B 171 6.62 -11.80 -13.30
C ASP B 171 6.38 -11.29 -11.87
N SER B 172 5.28 -10.57 -11.65
CA SER B 172 4.85 -10.19 -10.30
C SER B 172 5.75 -9.17 -9.60
N THR B 173 6.64 -8.53 -10.34
CA THR B 173 7.51 -7.51 -9.76
C THR B 173 6.87 -6.12 -9.83
N TYR B 174 7.50 -5.17 -9.14
CA TYR B 174 7.10 -3.76 -9.18
C TYR B 174 8.14 -2.93 -9.91
N SER B 175 7.72 -1.78 -10.42
CA SER B 175 8.68 -0.78 -10.88
C SER B 175 8.42 0.56 -10.18
N LEU B 176 9.45 1.38 -10.07
CA LEU B 176 9.29 2.64 -9.36
C LEU B 176 10.06 3.75 -10.07
N SER B 177 9.44 4.92 -10.16
CA SER B 177 10.10 6.13 -10.63
C SER B 177 10.23 7.09 -9.49
N SER B 178 11.37 7.79 -9.43
CA SER B 178 11.51 8.91 -8.52
C SER B 178 11.96 10.14 -9.32
N THR B 179 11.16 11.19 -9.25
CA THR B 179 11.43 12.41 -10.01
C THR B 179 11.89 13.56 -9.13
N LEU B 180 13.08 14.07 -9.41
CA LEU B 180 13.61 15.22 -8.72
C LEU B 180 13.31 16.45 -9.57
N THR B 181 12.62 17.42 -8.99
CA THR B 181 12.26 18.63 -9.74
C THR B 181 12.97 19.86 -9.21
N LEU B 182 13.81 20.45 -10.05
CA LEU B 182 14.49 21.68 -9.70
C LEU B 182 14.16 22.73 -10.74
N SER B 183 14.45 23.98 -10.40
CA SER B 183 14.33 25.06 -11.35
C SER B 183 15.53 25.02 -12.28
N LYS B 184 15.33 25.40 -13.54
CA LYS B 184 16.42 25.51 -14.49
C LYS B 184 17.66 26.08 -13.82
N ALA B 185 17.47 27.12 -13.00
CA ALA B 185 18.59 27.83 -12.39
C ALA B 185 19.33 27.02 -11.33
N ASP B 186 18.59 26.22 -10.56
CA ASP B 186 19.21 25.44 -9.50
C ASP B 186 19.92 24.21 -10.08
N TYR B 187 19.35 23.67 -11.15
CA TYR B 187 19.95 22.54 -11.84
C TYR B 187 21.28 22.96 -12.46
N GLU B 188 21.33 24.19 -12.97
CA GLU B 188 22.51 24.69 -13.66
C GLU B 188 23.64 25.05 -12.69
N ALA B 189 23.30 25.21 -11.42
CA ALA B 189 24.30 25.60 -10.43
C ALA B 189 25.06 24.40 -9.88
N HIS B 190 24.54 23.19 -10.13
CA HIS B 190 25.16 21.97 -9.62
C HIS B 190 25.61 21.03 -10.74
N ALA B 191 26.50 20.10 -10.41
CA ALA B 191 27.13 19.23 -11.41
C ALA B 191 26.79 17.74 -11.28
N VAL B 192 26.94 17.19 -10.08
CA VAL B 192 26.73 15.76 -9.88
C VAL B 192 25.36 15.41 -9.31
N TYR B 193 24.59 14.67 -10.09
CA TYR B 193 23.25 14.27 -9.69
C TYR B 193 23.22 12.76 -9.52
N ALA B 194 22.71 12.30 -8.38
CA ALA B 194 22.73 10.88 -8.09
C ALA B 194 21.47 10.43 -7.33
N CYS B 195 20.96 9.25 -7.67
CA CYS B 195 19.93 8.64 -6.85
C CYS B 195 20.50 7.35 -6.27
N GLU B 196 20.43 7.25 -4.95
CA GLU B 196 20.90 6.08 -4.22
C GLU B 196 19.69 5.26 -3.82
N VAL B 197 19.68 3.99 -4.16
CA VAL B 197 18.54 3.14 -3.81
C VAL B 197 18.93 2.01 -2.88
N THR B 198 18.12 1.80 -1.85
CA THR B 198 18.31 0.74 -0.89
C THR B 198 17.15 -0.22 -1.02
N HIS B 199 17.44 -1.50 -0.92
CA HIS B 199 16.41 -2.50 -1.15
C HIS B 199 16.79 -3.87 -0.60
N GLN B 200 15.78 -4.59 -0.13
CA GLN B 200 15.95 -5.95 0.39
C GLN B 200 16.81 -6.85 -0.52
N GLY B 201 16.70 -6.66 -1.83
CA GLY B 201 17.45 -7.47 -2.76
C GLY B 201 18.92 -7.09 -2.91
N LEU B 202 19.29 -5.90 -2.45
CA LEU B 202 20.69 -5.47 -2.55
C LEU B 202 21.42 -5.63 -1.23
N SER B 203 22.60 -6.24 -1.28
CA SER B 203 23.38 -6.44 -0.07
C SER B 203 24.09 -5.13 0.30
N SER B 204 24.06 -4.17 -0.62
CA SER B 204 24.53 -2.82 -0.34
C SER B 204 23.91 -1.82 -1.32
N PRO B 205 23.64 -0.61 -0.85
CA PRO B 205 22.99 0.42 -1.66
C PRO B 205 23.63 0.54 -3.04
N VAL B 206 22.81 0.82 -4.05
CA VAL B 206 23.29 1.02 -5.40
C VAL B 206 23.13 2.50 -5.76
N THR B 207 24.16 3.07 -6.35
CA THR B 207 24.12 4.49 -6.71
C THR B 207 24.23 4.68 -8.21
N LYS B 208 23.34 5.47 -8.79
CA LYS B 208 23.46 5.86 -10.20
C LYS B 208 23.56 7.38 -10.31
N SER B 209 24.53 7.86 -11.08
CA SER B 209 24.76 9.28 -11.17
C SER B 209 25.23 9.68 -12.55
N PHE B 210 25.19 10.98 -12.82
CA PHE B 210 25.70 11.53 -14.07
C PHE B 210 26.18 12.96 -13.82
N ASN B 211 27.07 13.46 -14.68
CA ASN B 211 27.51 14.84 -14.61
C ASN B 211 26.76 15.70 -15.61
N ARG B 212 26.30 16.87 -15.16
CA ARG B 212 25.65 17.84 -16.03
C ARG B 212 26.50 18.12 -17.27
N GLY B 213 26.16 17.47 -18.39
CA GLY B 213 26.91 17.63 -19.63
C GLY B 213 27.97 16.56 -19.85
N LEU C 1 8.15 -35.67 -34.49
CA LEU C 1 9.23 -36.71 -34.37
C LEU C 1 9.86 -36.72 -32.97
N ASP C 2 9.31 -35.93 -32.05
CA ASP C 2 9.77 -36.05 -30.66
C ASP C 2 8.78 -36.87 -29.86
N ASN C 3 9.31 -37.82 -29.07
CA ASN C 3 8.48 -38.76 -28.32
C ASN C 3 7.84 -38.15 -27.09
N VAL C 4 6.58 -37.77 -27.20
CA VAL C 4 5.84 -37.24 -26.06
C VAL C 4 5.17 -38.38 -25.30
N MET C 5 5.41 -38.47 -24.00
CA MET C 5 4.79 -39.52 -23.17
C MET C 5 3.66 -38.91 -22.33
N THR C 6 2.44 -39.33 -22.58
CA THR C 6 1.30 -38.80 -21.88
C THR C 6 0.84 -39.71 -20.76
N GLN C 7 1.04 -39.26 -19.52
CA GLN C 7 0.75 -40.08 -18.34
C GLN C 7 -0.62 -39.81 -17.79
N SER C 8 -1.22 -40.84 -17.18
CA SER C 8 -2.58 -40.77 -16.69
C SER C 8 -2.80 -41.73 -15.51
N PRO C 9 -3.61 -41.32 -14.53
CA PRO C 9 -4.09 -39.93 -14.42
C PRO C 9 -3.07 -39.07 -13.67
N SER C 10 -3.39 -37.78 -13.49
CA SER C 10 -2.53 -36.84 -12.77
C SER C 10 -2.49 -37.21 -11.29
N PHE C 11 -3.67 -37.50 -10.75
CA PHE C 11 -3.84 -37.85 -9.34
C PHE C 11 -4.57 -39.16 -9.23
N MET C 12 -4.09 -40.02 -8.35
CA MET C 12 -4.78 -41.28 -8.07
C MET C 12 -4.76 -41.48 -6.56
N SER C 13 -5.91 -41.77 -5.98
CA SER C 13 -5.99 -41.94 -4.53
C SER C 13 -6.54 -43.32 -4.28
N THR C 14 -5.83 -44.10 -3.46
CA THR C 14 -6.20 -45.49 -3.24
C THR C 14 -6.07 -45.88 -1.77
N SER C 15 -6.58 -47.05 -1.40
CA SER C 15 -6.43 -47.48 -0.01
C SER C 15 -5.37 -48.56 0.14
N VAL C 16 -4.77 -48.59 1.33
CA VAL C 16 -3.82 -49.63 1.67
C VAL C 16 -4.44 -50.98 1.37
N GLY C 17 -3.76 -51.77 0.54
CA GLY C 17 -4.22 -53.10 0.20
C GLY C 17 -4.79 -53.25 -1.19
N ASP C 18 -5.08 -52.14 -1.87
CA ASP C 18 -5.70 -52.20 -3.19
C ASP C 18 -4.68 -52.32 -4.32
N ARG C 19 -5.19 -52.59 -5.52
CA ARG C 19 -4.37 -52.62 -6.73
C ARG C 19 -4.62 -51.32 -7.49
N VAL C 20 -3.57 -50.73 -8.03
CA VAL C 20 -3.73 -49.47 -8.74
C VAL C 20 -2.94 -49.47 -10.05
N SER C 21 -3.50 -48.83 -11.08
CA SER C 21 -2.85 -48.82 -12.38
C SER C 21 -2.52 -47.41 -12.84
N VAL C 22 -1.28 -47.19 -13.24
CA VAL C 22 -0.88 -45.95 -13.87
C VAL C 22 -0.65 -46.24 -15.35
N THR C 23 -1.32 -45.47 -16.21
CA THR C 23 -1.21 -45.65 -17.66
C THR C 23 -0.24 -44.65 -18.27
N CYS C 24 0.34 -45.01 -19.40
CA CYS C 24 1.26 -44.14 -20.11
C CYS C 24 1.20 -44.46 -21.61
N ALA C 25 0.88 -43.44 -22.41
CA ALA C 25 0.77 -43.61 -23.85
C ALA C 25 1.83 -42.79 -24.60
N ALA C 26 2.65 -43.47 -25.41
CA ALA C 26 3.67 -42.82 -26.21
C ALA C 26 3.05 -42.33 -27.51
N SER C 27 3.55 -41.21 -28.05
CA SER C 27 3.00 -40.69 -29.30
C SER C 27 3.58 -41.40 -30.53
N GLN C 28 4.65 -42.15 -30.32
CA GLN C 28 5.31 -42.92 -31.38
C GLN C 28 5.72 -44.26 -30.83
N ASN C 29 5.50 -45.32 -31.61
CA ASN C 29 5.97 -46.64 -31.19
C ASN C 29 7.35 -46.47 -30.54
N VAL C 30 7.53 -47.15 -29.42
CA VAL C 30 8.71 -46.91 -28.60
C VAL C 30 9.37 -48.24 -28.20
N GLY C 31 8.83 -49.34 -28.74
CA GLY C 31 9.34 -50.67 -28.48
C GLY C 31 9.03 -51.12 -27.07
N THR C 32 10.04 -51.62 -26.38
CA THR C 32 9.88 -52.00 -24.98
C THR C 32 10.80 -51.14 -24.14
N ASN C 33 11.42 -50.15 -24.77
CA ASN C 33 12.37 -49.29 -24.10
C ASN C 33 11.73 -48.21 -23.23
N VAL C 34 10.96 -48.66 -22.23
CA VAL C 34 10.27 -47.78 -21.31
C VAL C 34 10.67 -48.15 -19.88
N ALA C 35 10.74 -47.14 -19.03
CA ALA C 35 11.11 -47.34 -17.63
C ALA C 35 10.11 -46.64 -16.74
N TRP C 36 10.05 -47.04 -15.47
CA TRP C 36 9.20 -46.38 -14.48
C TRP C 36 10.00 -45.92 -13.26
N TYR C 37 9.67 -44.73 -12.77
CA TYR C 37 10.33 -44.15 -11.60
C TYR C 37 9.36 -43.82 -10.49
N GLN C 38 9.87 -43.82 -9.27
CA GLN C 38 9.09 -43.47 -8.10
C GLN C 38 9.85 -42.43 -7.34
N GLN C 39 9.20 -41.29 -7.10
CA GLN C 39 9.85 -40.21 -6.35
C GLN C 39 9.08 -39.95 -5.06
N LYS C 40 9.66 -40.34 -3.94
CA LYS C 40 9.06 -40.06 -2.65
C LYS C 40 9.42 -38.65 -2.21
N PRO C 41 8.56 -38.08 -1.36
CA PRO C 41 8.74 -36.71 -0.88
C PRO C 41 10.16 -36.46 -0.35
N GLY C 42 10.81 -35.41 -0.83
CA GLY C 42 12.15 -35.08 -0.35
C GLY C 42 13.30 -35.87 -0.96
N GLN C 43 12.99 -36.86 -1.80
CA GLN C 43 14.03 -37.73 -2.38
C GLN C 43 14.17 -37.62 -3.89
N PRO C 44 15.32 -38.09 -4.38
CA PRO C 44 15.54 -38.19 -5.83
C PRO C 44 14.64 -39.28 -6.38
N PRO C 45 14.27 -39.22 -7.65
CA PRO C 45 13.49 -40.32 -8.25
C PRO C 45 14.30 -41.61 -8.18
N LYS C 46 13.62 -42.72 -7.96
CA LYS C 46 14.28 -44.03 -7.92
C LYS C 46 13.74 -44.93 -9.05
N ALA C 47 14.65 -45.58 -9.77
CA ALA C 47 14.27 -46.45 -10.88
C ALA C 47 13.64 -47.75 -10.36
N LEU C 48 12.43 -48.05 -10.85
CA LEU C 48 11.71 -49.25 -10.46
C LEU C 48 11.84 -50.36 -11.51
N ILE C 49 11.53 -50.00 -12.76
CA ILE C 49 11.43 -50.96 -13.83
C ILE C 49 12.12 -50.45 -15.07
N TYR C 50 12.72 -51.35 -15.83
CA TYR C 50 13.29 -50.99 -17.12
C TYR C 50 12.84 -51.99 -18.18
N SER C 51 13.07 -51.65 -19.44
CA SER C 51 12.67 -52.51 -20.53
C SER C 51 11.24 -52.98 -20.32
N THR C 52 10.39 -52.05 -19.89
CA THR C 52 8.95 -52.31 -19.78
C THR C 52 8.50 -53.09 -18.56
N SER C 53 9.15 -54.23 -18.29
CA SER C 53 8.64 -55.17 -17.29
C SER C 53 9.68 -55.77 -16.33
N TYR C 54 10.94 -55.35 -16.47
CA TYR C 54 12.01 -55.85 -15.59
C TYR C 54 12.15 -54.98 -14.36
N ARG C 55 12.41 -55.59 -13.21
CA ARG C 55 12.58 -54.85 -11.97
C ARG C 55 14.04 -54.78 -11.56
N TYR C 56 14.47 -53.62 -11.11
CA TYR C 56 15.81 -53.48 -10.54
C TYR C 56 15.91 -54.24 -9.20
N SER C 57 17.11 -54.60 -8.79
CA SER C 57 17.26 -55.30 -7.52
C SER C 57 16.73 -54.44 -6.40
N GLY C 58 16.15 -55.06 -5.39
CA GLY C 58 15.60 -54.34 -4.26
C GLY C 58 14.28 -53.65 -4.60
N VAL C 59 13.64 -54.06 -5.70
CA VAL C 59 12.31 -53.53 -5.99
C VAL C 59 11.29 -54.62 -5.71
N PRO C 60 10.33 -54.33 -4.82
CA PRO C 60 9.31 -55.31 -4.43
C PRO C 60 8.52 -55.77 -5.65
N ASP C 61 8.14 -57.05 -5.67
CA ASP C 61 7.42 -57.59 -6.81
C ASP C 61 5.94 -57.21 -6.80
N ARG C 62 5.54 -56.33 -5.89
CA ARG C 62 4.18 -55.79 -5.95
C ARG C 62 4.13 -54.68 -7.02
N PHE C 63 5.29 -54.37 -7.61
CA PHE C 63 5.43 -53.46 -8.75
C PHE C 63 5.66 -54.23 -10.05
N THR C 64 4.75 -54.12 -11.00
CA THR C 64 4.97 -54.73 -12.31
C THR C 64 4.65 -53.76 -13.45
N GLY C 65 5.39 -53.89 -14.55
CA GLY C 65 5.16 -53.08 -15.72
C GLY C 65 4.76 -53.96 -16.87
N SER C 66 3.93 -53.46 -17.77
CA SER C 66 3.57 -54.21 -18.96
C SER C 66 3.33 -53.26 -20.12
N GLY C 67 3.09 -53.83 -21.30
CA GLY C 67 2.81 -53.03 -22.47
C GLY C 67 3.81 -53.25 -23.59
N SER C 68 3.65 -52.49 -24.66
CA SER C 68 4.50 -52.64 -25.83
C SER C 68 4.16 -51.57 -26.85
N GLY C 69 5.19 -50.96 -27.42
CA GLY C 69 4.99 -50.03 -28.51
C GLY C 69 4.53 -48.66 -28.06
N THR C 70 3.23 -48.50 -27.85
CA THR C 70 2.66 -47.19 -27.50
C THR C 70 1.83 -47.18 -26.20
N ASP C 71 1.43 -48.34 -25.71
CA ASP C 71 0.65 -48.42 -24.48
C ASP C 71 1.42 -49.06 -23.32
N PHE C 72 1.60 -48.34 -22.23
CA PHE C 72 2.33 -48.87 -21.09
C PHE C 72 1.56 -48.71 -19.79
N THR C 73 1.80 -49.63 -18.85
CA THR C 73 1.05 -49.63 -17.59
C THR C 73 1.95 -50.03 -16.44
N LEU C 74 1.76 -49.38 -15.30
CA LEU C 74 2.44 -49.78 -14.09
C LEU C 74 1.37 -50.20 -13.11
N THR C 75 1.38 -51.47 -12.72
CA THR C 75 0.47 -51.93 -11.69
C THR C 75 1.20 -51.98 -10.35
N ILE C 76 0.52 -51.54 -9.30
CA ILE C 76 1.01 -51.74 -7.94
C ILE C 76 -0.04 -52.54 -7.19
N SER C 77 0.35 -53.73 -6.75
CA SER C 77 -0.58 -54.59 -6.02
C SER C 77 -0.38 -54.45 -4.52
N ASN C 78 -1.43 -54.71 -3.76
CA ASN C 78 -1.31 -54.66 -2.32
C ASN C 78 -0.62 -53.38 -1.87
N VAL C 79 -1.07 -52.25 -2.41
CA VAL C 79 -0.53 -50.94 -2.08
C VAL C 79 -0.25 -50.77 -0.60
N ASN C 80 0.97 -50.33 -0.28
CA ASN C 80 1.37 -50.04 1.09
C ASN C 80 1.54 -48.53 1.28
N SER C 81 1.48 -48.05 2.52
CA SER C 81 1.58 -46.62 2.78
C SER C 81 2.91 -46.03 2.33
N GLU C 82 3.97 -46.82 2.40
CA GLU C 82 5.28 -46.34 1.94
C GLU C 82 5.29 -46.08 0.42
N ASP C 83 4.21 -46.44 -0.26
CA ASP C 83 4.16 -46.32 -1.72
C ASP C 83 3.71 -44.94 -2.16
N LEU C 84 3.36 -44.10 -1.19
CA LEU C 84 2.92 -42.76 -1.49
C LEU C 84 4.10 -42.04 -2.15
N ALA C 85 3.86 -41.51 -3.35
CA ALA C 85 4.92 -40.91 -4.14
C ALA C 85 4.40 -40.41 -5.48
N GLU C 86 5.30 -39.81 -6.25
CA GLU C 86 5.03 -39.41 -7.61
C GLU C 86 5.63 -40.50 -8.51
N TYR C 87 4.84 -41.00 -9.45
CA TYR C 87 5.35 -42.00 -10.39
C TYR C 87 5.48 -41.44 -11.81
N PHE C 88 6.62 -41.72 -12.46
CA PHE C 88 6.91 -41.21 -13.81
C PHE C 88 7.23 -42.36 -14.78
N CYS C 89 6.63 -42.33 -15.98
CA CYS C 89 7.08 -43.25 -17.01
C CYS C 89 8.16 -42.54 -17.82
N GLN C 90 9.01 -43.31 -18.50
CA GLN C 90 10.08 -42.74 -19.29
C GLN C 90 10.32 -43.62 -20.49
N GLN C 91 10.64 -42.99 -21.61
CA GLN C 91 11.00 -43.68 -22.84
C GLN C 91 12.47 -43.34 -23.13
N TYR C 92 13.24 -44.34 -23.54
CA TYR C 92 14.65 -44.14 -23.84
C TYR C 92 15.04 -44.86 -25.11
N ASN C 93 14.03 -45.05 -25.97
CA ASN C 93 14.19 -45.69 -27.26
C ASN C 93 15.03 -44.79 -28.15
N ILE C 94 14.51 -43.58 -28.39
CA ILE C 94 15.23 -42.59 -29.17
C ILE C 94 15.53 -41.39 -28.29
N TYR C 95 16.64 -40.71 -28.55
CA TYR C 95 16.96 -39.51 -27.81
C TYR C 95 16.20 -38.37 -28.47
N PRO C 96 15.80 -37.37 -27.70
CA PRO C 96 16.10 -37.29 -26.27
C PRO C 96 15.21 -38.17 -25.41
N VAL C 97 15.72 -38.57 -24.26
CA VAL C 97 14.91 -39.28 -23.30
C VAL C 97 13.76 -38.38 -22.84
N THR C 98 12.56 -38.94 -22.70
CA THR C 98 11.43 -38.12 -22.25
C THR C 98 10.68 -38.80 -21.14
N PHE C 99 10.14 -37.98 -20.25
CA PHE C 99 9.39 -38.48 -19.12
C PHE C 99 7.94 -38.12 -19.28
N GLY C 100 7.06 -38.92 -18.72
CA GLY C 100 5.66 -38.57 -18.68
C GLY C 100 5.47 -37.51 -17.62
N GLY C 101 4.32 -36.86 -17.62
CA GLY C 101 4.08 -35.75 -16.72
C GLY C 101 4.04 -36.11 -15.25
N GLY C 102 3.87 -37.39 -14.95
CA GLY C 102 3.85 -37.83 -13.58
C GLY C 102 2.47 -38.18 -13.05
N THR C 103 2.43 -39.06 -12.05
CA THR C 103 1.18 -39.41 -11.38
C THR C 103 1.40 -39.36 -9.87
N LYS C 104 0.51 -38.68 -9.18
CA LYS C 104 0.62 -38.57 -7.75
C LYS C 104 -0.26 -39.61 -7.11
N LEU C 105 0.36 -40.53 -6.39
CA LEU C 105 -0.39 -41.56 -5.67
C LEU C 105 -0.67 -41.07 -4.25
N GLU C 106 -1.95 -41.00 -3.90
CA GLU C 106 -2.36 -40.55 -2.57
C GLU C 106 -3.02 -41.69 -1.81
N ILE C 107 -2.73 -41.77 -0.51
CA ILE C 107 -3.30 -42.84 0.31
C ILE C 107 -4.54 -42.39 1.07
N LYS C 108 -5.63 -43.10 0.87
CA LYS C 108 -6.84 -42.87 1.63
C LYS C 108 -6.74 -43.64 2.94
N ARG C 109 -7.10 -42.98 4.03
CA ARG C 109 -7.06 -43.61 5.33
C ARG C 109 -8.27 -43.11 6.13
N THR C 110 -8.43 -43.59 7.36
CA THR C 110 -9.54 -43.16 8.19
C THR C 110 -9.34 -41.72 8.67
N VAL C 111 -10.44 -41.01 8.90
CA VAL C 111 -10.38 -39.72 9.57
C VAL C 111 -9.45 -39.84 10.77
N ALA C 112 -8.68 -38.78 11.02
CA ALA C 112 -7.89 -38.69 12.22
C ALA C 112 -7.92 -37.22 12.64
N ALA C 113 -8.28 -36.97 13.88
CA ALA C 113 -8.37 -35.59 14.35
C ALA C 113 -6.97 -35.04 14.66
N PRO C 114 -6.76 -33.76 14.37
CA PRO C 114 -5.46 -33.16 14.66
C PRO C 114 -5.24 -32.97 16.15
N SER C 115 -3.98 -33.05 16.57
CA SER C 115 -3.58 -32.57 17.88
C SER C 115 -3.12 -31.13 17.66
N VAL C 116 -3.61 -30.22 18.48
CA VAL C 116 -3.32 -28.81 18.30
C VAL C 116 -2.35 -28.27 19.34
N PHE C 117 -1.32 -27.58 18.89
CA PHE C 117 -0.37 -26.92 19.79
C PHE C 117 -0.12 -25.50 19.35
N ILE C 118 0.17 -24.63 20.31
CA ILE C 118 0.42 -23.23 20.00
C ILE C 118 1.72 -22.79 20.66
N PHE C 119 2.50 -21.98 19.95
CA PHE C 119 3.77 -21.49 20.48
C PHE C 119 3.84 -19.97 20.41
N PRO C 120 4.02 -19.32 21.54
CA PRO C 120 4.20 -17.88 21.56
C PRO C 120 5.54 -17.55 20.93
N PRO C 121 5.72 -16.31 20.50
CA PRO C 121 7.00 -15.85 19.95
C PRO C 121 8.11 -15.94 20.98
N SER C 122 9.23 -16.55 20.60
CA SER C 122 10.38 -16.64 21.50
C SER C 122 10.88 -15.25 21.87
N ALA C 123 11.56 -15.14 23.01
CA ALA C 123 12.06 -13.85 23.44
C ALA C 123 13.15 -13.31 22.51
N GLU C 124 13.92 -14.22 21.91
CA GLU C 124 15.02 -13.82 21.04
C GLU C 124 14.51 -13.12 19.79
N GLN C 125 13.34 -13.55 19.30
CA GLN C 125 12.72 -12.94 18.13
C GLN C 125 12.18 -11.57 18.48
N LEU C 126 11.57 -11.48 19.66
CA LEU C 126 10.98 -10.23 20.12
C LEU C 126 12.02 -9.12 20.19
N ALA C 127 13.25 -9.45 20.56
CA ALA C 127 14.31 -8.44 20.61
C ALA C 127 14.74 -8.00 19.21
N SER C 128 14.28 -8.75 18.21
CA SER C 128 14.59 -8.45 16.81
C SER C 128 13.58 -7.50 16.18
N GLY C 129 12.44 -7.30 16.84
CA GLY C 129 11.45 -6.34 16.39
C GLY C 129 10.16 -6.94 15.86
N THR C 130 10.18 -8.24 15.59
CA THR C 130 9.00 -8.94 15.06
C THR C 130 8.55 -10.08 15.99
N ALA C 131 7.33 -10.58 15.78
CA ALA C 131 6.79 -11.64 16.63
C ALA C 131 5.96 -12.64 15.84
N SER C 132 6.31 -13.92 15.93
CA SER C 132 5.61 -14.97 15.19
C SER C 132 4.92 -15.95 16.12
N VAL C 133 3.60 -16.05 15.99
CA VAL C 133 2.85 -17.03 16.74
C VAL C 133 2.60 -18.22 15.83
N VAL C 134 2.97 -19.41 16.29
CA VAL C 134 2.82 -20.59 15.44
C VAL C 134 1.79 -21.55 16.00
N CYS C 135 0.93 -22.02 15.12
CA CYS C 135 -0.10 -22.98 15.48
C CYS C 135 0.16 -24.29 14.73
N LEU C 136 0.20 -25.39 15.46
CA LEU C 136 0.53 -26.67 14.86
C LEU C 136 -0.64 -27.64 14.94
N LEU C 137 -1.10 -28.12 13.79
CA LEU C 137 -2.09 -29.18 13.73
C LEU C 137 -1.35 -30.44 13.35
N ASN C 138 -1.33 -31.44 14.22
CA ASN C 138 -0.46 -32.60 14.04
C ASN C 138 -1.21 -33.89 13.74
N ASN C 139 -0.72 -34.60 12.72
CA ASN C 139 -1.17 -35.95 12.38
C ASN C 139 -2.67 -36.13 12.18
N PHE C 140 -3.23 -35.39 11.22
CA PHE C 140 -4.66 -35.51 10.94
C PHE C 140 -4.92 -36.01 9.53
N TYR C 141 -6.18 -36.40 9.30
CA TYR C 141 -6.65 -36.77 7.99
C TYR C 141 -8.17 -36.56 7.97
N PRO C 142 -8.75 -36.04 6.90
CA PRO C 142 -8.02 -35.62 5.68
C PRO C 142 -7.27 -34.30 5.75
N ARG C 143 -6.83 -33.85 4.58
CA ARG C 143 -5.96 -32.68 4.43
C ARG C 143 -6.66 -31.35 4.71
N GLU C 144 -7.93 -31.25 4.34
CA GLU C 144 -8.67 -30.00 4.53
C GLU C 144 -8.83 -29.65 6.03
N ALA C 145 -8.58 -28.40 6.39
CA ALA C 145 -8.68 -27.95 7.77
C ALA C 145 -8.72 -26.42 7.82
N ALA C 146 -9.68 -25.87 8.56
CA ALA C 146 -9.76 -24.43 8.71
C ALA C 146 -9.04 -24.02 9.99
N VAL C 147 -8.15 -23.03 9.87
CA VAL C 147 -7.42 -22.50 11.01
C VAL C 147 -7.67 -21.00 11.09
N GLN C 148 -8.31 -20.56 12.16
CA GLN C 148 -8.58 -19.13 12.32
C GLN C 148 -7.88 -18.58 13.54
N TRP C 149 -7.30 -17.41 13.40
CA TRP C 149 -6.63 -16.75 14.50
C TRP C 149 -7.52 -15.67 15.10
N LYS C 150 -7.55 -15.60 16.42
CA LYS C 150 -8.25 -14.53 17.09
C LYS C 150 -7.31 -13.90 18.11
N VAL C 151 -7.26 -12.57 18.11
CA VAL C 151 -6.42 -11.82 19.04
C VAL C 151 -7.30 -10.95 19.89
N ASP C 152 -7.38 -11.26 21.18
CA ASP C 152 -8.29 -10.53 22.08
C ASP C 152 -9.70 -10.70 21.55
N ASN C 153 -10.03 -11.91 21.10
CA ASN C 153 -11.33 -12.23 20.52
C ASN C 153 -11.60 -11.56 19.18
N ALA C 154 -10.64 -10.79 18.69
CA ALA C 154 -10.76 -10.15 17.38
C ALA C 154 -10.24 -11.07 16.27
N LEU C 155 -11.12 -11.45 15.36
CA LEU C 155 -10.80 -12.36 14.27
C LEU C 155 -9.72 -11.77 13.34
N GLN C 156 -8.59 -12.45 13.23
CA GLN C 156 -7.49 -11.95 12.40
C GLN C 156 -7.70 -12.29 10.93
N SER C 157 -7.02 -11.55 10.06
CA SER C 157 -7.09 -11.78 8.62
C SER C 157 -5.92 -11.14 7.88
N GLY C 158 -5.43 -11.83 6.85
CA GLY C 158 -4.35 -11.33 6.02
C GLY C 158 -2.98 -11.21 6.69
N ASN C 159 -2.82 -11.83 7.86
CA ASN C 159 -1.56 -11.75 8.59
C ASN C 159 -1.00 -13.11 9.00
N SER C 160 -1.48 -14.15 8.33
CA SER C 160 -1.02 -15.50 8.63
C SER C 160 -0.83 -16.29 7.35
N GLN C 161 0.01 -17.32 7.41
CA GLN C 161 0.19 -18.21 6.29
C GLN C 161 0.39 -19.61 6.78
N GLU C 162 0.03 -20.57 5.94
CA GLU C 162 0.03 -21.97 6.30
C GLU C 162 0.99 -22.79 5.47
N SER C 163 1.48 -23.87 6.07
CA SER C 163 2.30 -24.81 5.37
C SER C 163 1.79 -26.21 5.66
N VAL C 164 1.65 -27.03 4.65
CA VAL C 164 1.20 -28.40 4.91
C VAL C 164 2.23 -29.40 4.49
N THR C 165 2.30 -30.44 5.28
CA THR C 165 3.20 -31.55 5.07
C THR C 165 2.68 -32.45 3.93
N GLU C 166 3.57 -33.25 3.35
CA GLU C 166 3.09 -34.27 2.42
C GLU C 166 2.64 -35.45 3.27
N GLN C 167 1.83 -36.35 2.72
CA GLN C 167 1.36 -37.48 3.52
C GLN C 167 2.53 -38.22 4.15
N ASP C 168 2.37 -38.55 5.42
CA ASP C 168 3.35 -39.33 6.16
C ASP C 168 3.47 -40.74 5.57
N SER C 169 4.70 -41.22 5.43
CA SER C 169 4.95 -42.53 4.83
C SER C 169 4.46 -43.71 5.67
N ALA C 170 4.45 -43.54 6.98
CA ALA C 170 4.10 -44.62 7.88
C ALA C 170 2.62 -44.69 8.21
N ASP C 171 2.01 -43.54 8.48
CA ASP C 171 0.60 -43.53 8.91
C ASP C 171 -0.34 -42.72 8.02
N SER C 172 0.18 -42.11 6.97
CA SER C 172 -0.67 -41.41 5.97
C SER C 172 -1.37 -40.11 6.45
N THR C 173 -1.00 -39.62 7.63
CA THR C 173 -1.55 -38.35 8.10
C THR C 173 -0.83 -37.14 7.51
N TYR C 174 -1.42 -35.97 7.73
CA TYR C 174 -0.81 -34.68 7.41
C TYR C 174 -0.51 -33.89 8.68
N SER C 175 0.32 -32.89 8.56
CA SER C 175 0.54 -31.95 9.63
C SER C 175 0.52 -30.56 9.04
N LEU C 176 0.11 -29.58 9.83
CA LEU C 176 -0.02 -28.23 9.32
C LEU C 176 0.43 -27.20 10.35
N SER C 177 1.13 -26.17 9.88
CA SER C 177 1.49 -25.08 10.75
C SER C 177 0.83 -23.81 10.23
N SER C 178 0.28 -23.03 11.15
CA SER C 178 -0.25 -21.72 10.83
C SER C 178 0.60 -20.69 11.58
N THR C 179 1.11 -19.71 10.87
CA THR C 179 1.99 -18.73 11.49
C THR C 179 1.42 -17.33 11.37
N LEU C 180 1.16 -16.72 12.52
CA LEU C 180 0.64 -15.37 12.61
C LEU C 180 1.82 -14.45 12.85
N THR C 181 1.96 -13.42 12.02
CA THR C 181 3.07 -12.49 12.15
C THR C 181 2.61 -11.07 12.47
N LEU C 182 3.07 -10.56 13.61
CA LEU C 182 2.76 -9.21 14.02
C LEU C 182 4.07 -8.48 14.29
N SER C 183 3.99 -7.16 14.37
CA SER C 183 5.15 -6.37 14.78
C SER C 183 5.21 -6.45 16.29
N LYS C 184 6.42 -6.41 16.85
CA LYS C 184 6.57 -6.48 18.30
C LYS C 184 5.61 -5.54 19.03
N ALA C 185 5.35 -4.37 18.43
CA ALA C 185 4.47 -3.39 19.03
C ALA C 185 3.02 -3.87 19.08
N ASP C 186 2.53 -4.41 17.97
CA ASP C 186 1.16 -4.91 17.90
C ASP C 186 0.97 -6.10 18.83
N TYR C 187 2.00 -6.96 18.89
CA TYR C 187 1.94 -8.12 19.77
C TYR C 187 1.82 -7.67 21.22
N GLU C 188 2.65 -6.72 21.61
CA GLU C 188 2.70 -6.26 22.99
C GLU C 188 1.43 -5.54 23.40
N ALA C 189 0.71 -4.99 22.42
CA ALA C 189 -0.53 -4.26 22.68
C ALA C 189 -1.73 -5.16 23.02
N HIS C 190 -1.61 -6.45 22.72
CA HIS C 190 -2.68 -7.40 23.00
C HIS C 190 -2.25 -8.48 23.99
N ALA C 191 -3.20 -9.26 24.49
CA ALA C 191 -2.90 -10.24 25.53
C ALA C 191 -3.30 -11.67 25.15
N VAL C 192 -4.51 -11.82 24.61
CA VAL C 192 -5.04 -13.15 24.32
C VAL C 192 -4.86 -13.58 22.87
N TYR C 193 -3.98 -14.56 22.65
CA TYR C 193 -3.78 -15.07 21.30
C TYR C 193 -4.35 -16.47 21.16
N ALA C 194 -5.25 -16.64 20.20
CA ALA C 194 -5.97 -17.89 20.02
C ALA C 194 -5.95 -18.40 18.60
N CYS C 195 -5.74 -19.70 18.45
CA CYS C 195 -5.82 -20.33 17.15
C CYS C 195 -6.92 -21.39 17.18
N GLU C 196 -7.98 -21.17 16.40
CA GLU C 196 -9.14 -22.06 16.39
C GLU C 196 -9.14 -22.93 15.14
N VAL C 197 -9.20 -24.25 15.31
CA VAL C 197 -9.18 -25.14 14.15
C VAL C 197 -10.44 -25.96 13.98
N THR C 198 -10.91 -25.99 12.74
CA THR C 198 -12.06 -26.76 12.34
C THR C 198 -11.58 -27.92 11.48
N HIS C 199 -11.96 -29.15 11.84
CA HIS C 199 -11.57 -30.32 11.07
C HIS C 199 -12.65 -31.40 11.14
N GLN C 200 -12.75 -32.19 10.08
CA GLN C 200 -13.84 -33.17 9.99
C GLN C 200 -13.73 -34.26 11.07
N GLY C 201 -12.51 -34.46 11.57
CA GLY C 201 -12.28 -35.41 12.67
C GLY C 201 -12.83 -34.92 13.99
N LEU C 202 -12.93 -33.60 14.15
CA LEU C 202 -13.48 -33.00 15.36
C LEU C 202 -15.00 -32.78 15.26
N SER C 203 -15.71 -33.16 16.31
CA SER C 203 -17.16 -32.99 16.35
C SER C 203 -17.46 -31.55 16.75
N SER C 204 -16.42 -30.82 17.12
CA SER C 204 -16.54 -29.44 17.53
C SER C 204 -15.19 -28.75 17.41
N PRO C 205 -15.19 -27.50 16.95
CA PRO C 205 -13.96 -26.73 16.82
C PRO C 205 -13.11 -26.80 18.09
N VAL C 206 -11.79 -26.75 17.91
CA VAL C 206 -10.86 -26.78 19.01
C VAL C 206 -10.04 -25.49 19.02
N THR C 207 -10.07 -24.77 20.14
CA THR C 207 -9.27 -23.56 20.25
C THR C 207 -8.09 -23.81 21.17
N LYS C 208 -6.94 -23.24 20.78
CA LYS C 208 -5.75 -23.26 21.60
C LYS C 208 -5.31 -21.83 21.82
N SER C 209 -5.21 -21.40 23.08
CA SER C 209 -4.81 -20.02 23.36
C SER C 209 -3.80 -19.88 24.49
N PHE C 210 -3.30 -18.66 24.68
CA PHE C 210 -2.36 -18.34 25.76
C PHE C 210 -2.42 -16.84 25.99
N ASN C 211 -1.93 -16.41 27.14
CA ASN C 211 -1.82 -15.00 27.45
C ASN C 211 -0.36 -14.57 27.43
N ARG C 212 -0.10 -13.37 26.88
CA ARG C 212 1.24 -12.79 26.84
C ARG C 212 1.92 -12.79 28.21
N GLY C 213 2.74 -13.80 28.46
CA GLY C 213 3.47 -13.91 29.72
C GLY C 213 2.77 -14.77 30.76
N LEU D 1 27.30 -44.40 -3.50
CA LEU D 1 26.63 -43.08 -3.29
C LEU D 1 27.16 -42.06 -4.29
N LEU D 2 26.36 -41.03 -4.53
CA LEU D 2 26.75 -39.94 -5.38
C LEU D 2 26.72 -38.65 -4.59
N ALA D 3 27.78 -37.84 -4.67
CA ALA D 3 27.73 -36.54 -4.02
C ALA D 3 27.78 -35.39 -5.04
N GLN D 4 26.76 -34.53 -4.99
CA GLN D 4 26.71 -33.36 -5.86
C GLN D 4 27.15 -32.11 -5.11
N SER D 5 27.55 -31.08 -5.83
CA SER D 5 27.93 -29.84 -5.18
C SER D 5 26.69 -29.19 -4.54
N GLY D 6 26.90 -28.24 -3.65
CA GLY D 6 25.83 -27.63 -2.88
C GLY D 6 24.98 -26.68 -3.71
N PRO D 7 23.90 -26.19 -3.11
CA PRO D 7 22.96 -25.29 -3.77
C PRO D 7 23.66 -24.03 -4.24
N GLU D 8 23.16 -23.43 -5.32
CA GLU D 8 23.83 -22.26 -5.87
C GLU D 8 22.87 -21.12 -6.20
N LEU D 9 23.32 -19.91 -5.85
CA LEU D 9 22.62 -18.69 -6.19
C LEU D 9 23.41 -18.01 -7.29
N VAL D 10 22.81 -17.87 -8.47
CA VAL D 10 23.52 -17.29 -9.60
C VAL D 10 22.79 -16.12 -10.21
N LYS D 11 23.53 -15.06 -10.52
CA LYS D 11 22.94 -13.91 -11.19
C LYS D 11 22.57 -14.26 -12.63
N PRO D 12 21.46 -13.72 -13.11
CA PRO D 12 21.08 -13.91 -14.52
C PRO D 12 22.24 -13.51 -15.43
N GLY D 13 22.58 -14.39 -16.37
CA GLY D 13 23.67 -14.11 -17.29
C GLY D 13 24.96 -14.84 -16.94
N ALA D 14 25.10 -15.20 -15.67
CA ALA D 14 26.29 -15.92 -15.22
C ALA D 14 26.18 -17.40 -15.58
N SER D 15 27.17 -18.18 -15.18
CA SER D 15 27.12 -19.62 -15.37
C SER D 15 27.36 -20.38 -14.06
N VAL D 16 27.06 -21.67 -14.07
CA VAL D 16 27.37 -22.54 -12.94
C VAL D 16 27.95 -23.83 -13.46
N LYS D 17 28.91 -24.35 -12.72
CA LYS D 17 29.45 -25.68 -12.93
C LYS D 17 28.95 -26.53 -11.76
N ILE D 18 28.11 -27.51 -12.03
CA ILE D 18 27.66 -28.43 -10.97
C ILE D 18 28.41 -29.75 -11.06
N SER D 19 29.00 -30.18 -9.96
CA SER D 19 29.80 -31.40 -9.92
C SER D 19 29.08 -32.63 -9.36
N CYS D 20 29.55 -33.80 -9.75
CA CYS D 20 29.01 -35.07 -9.28
C CYS D 20 30.14 -36.09 -9.13
N ALA D 21 30.30 -36.64 -7.93
CA ALA D 21 31.36 -37.62 -7.67
C ALA D 21 30.81 -38.87 -7.01
N ALA D 22 31.32 -40.01 -7.45
CA ALA D 22 30.96 -41.31 -6.88
C ALA D 22 32.03 -41.67 -5.89
N SER D 23 31.77 -41.48 -4.60
CA SER D 23 32.76 -41.88 -3.61
C SER D 23 32.75 -43.39 -3.48
N ALA D 24 33.92 -44.01 -3.61
CA ALA D 24 34.00 -45.46 -3.57
C ALA D 24 34.22 -46.05 -4.96
N TYR D 25 33.37 -45.66 -5.90
CA TYR D 25 33.46 -46.17 -7.28
C TYR D 25 33.87 -45.08 -8.26
N SER D 26 34.59 -45.47 -9.31
CA SER D 26 34.98 -44.51 -10.34
C SER D 26 33.79 -44.21 -11.27
N ILE D 27 33.28 -42.99 -11.18
CA ILE D 27 32.10 -42.56 -11.94
C ILE D 27 32.21 -42.80 -13.43
N THR D 28 33.41 -42.66 -13.97
CA THR D 28 33.61 -42.78 -15.42
C THR D 28 33.52 -44.21 -15.93
N ASP D 29 33.22 -45.14 -15.03
CA ASP D 29 33.01 -46.53 -15.41
C ASP D 29 31.61 -46.73 -15.95
N PHE D 30 30.73 -45.75 -15.75
CA PHE D 30 29.35 -45.89 -16.17
C PHE D 30 28.87 -44.79 -17.13
N THR D 31 27.57 -44.81 -17.40
CA THR D 31 26.95 -43.73 -18.14
C THR D 31 26.47 -42.68 -17.15
N ILE D 32 26.84 -41.43 -17.38
CA ILE D 32 26.46 -40.34 -16.50
C ILE D 32 25.47 -39.44 -17.21
N TYR D 33 24.37 -39.12 -16.54
CA TYR D 33 23.40 -38.23 -17.16
C TYR D 33 22.77 -37.25 -16.17
N TRP D 34 22.13 -36.21 -16.70
CA TRP D 34 21.61 -35.16 -15.88
C TRP D 34 20.19 -34.84 -16.25
N VAL D 35 19.38 -34.63 -15.24
CA VAL D 35 17.98 -34.35 -15.42
C VAL D 35 17.65 -33.08 -14.67
N LYS D 36 16.78 -32.27 -15.24
CA LYS D 36 16.32 -31.05 -14.62
C LYS D 36 14.89 -31.26 -14.10
N GLN D 37 14.65 -30.88 -12.85
CA GLN D 37 13.27 -30.94 -12.32
C GLN D 37 12.79 -29.54 -11.92
N SER D 38 11.67 -29.13 -12.50
CA SER D 38 11.12 -27.81 -12.26
C SER D 38 9.94 -27.88 -11.31
N HIS D 39 9.93 -26.99 -10.33
CA HIS D 39 8.80 -26.84 -9.42
C HIS D 39 8.38 -28.16 -8.77
N GLY D 40 9.40 -28.98 -8.49
CA GLY D 40 9.23 -30.26 -7.83
C GLY D 40 8.37 -31.22 -8.61
N ASP D 41 8.28 -31.02 -9.92
CA ASP D 41 7.43 -31.91 -10.72
C ASP D 41 8.06 -32.32 -12.04
N SER D 42 7.85 -31.51 -13.07
CA SER D 42 8.27 -31.88 -14.43
C SER D 42 9.72 -32.32 -14.54
N LEU D 43 9.95 -33.50 -15.11
CA LEU D 43 11.29 -34.03 -15.30
C LEU D 43 11.77 -33.86 -16.74
N GLU D 44 12.95 -33.28 -16.92
CA GLU D 44 13.50 -33.07 -18.25
C GLU D 44 14.92 -33.63 -18.40
N TRP D 45 15.09 -34.55 -19.34
CA TRP D 45 16.42 -35.06 -19.62
C TRP D 45 17.28 -34.02 -20.36
N ILE D 46 18.48 -33.77 -19.83
CA ILE D 46 19.39 -32.80 -20.44
C ILE D 46 20.40 -33.41 -21.42
N GLY D 47 21.08 -34.46 -20.98
CA GLY D 47 22.05 -35.13 -21.80
C GLY D 47 22.81 -36.14 -20.97
N GLY D 48 23.70 -36.90 -21.63
CA GLY D 48 24.50 -37.89 -20.94
C GLY D 48 25.78 -38.16 -21.66
N ILE D 49 26.73 -38.76 -20.94
CA ILE D 49 28.00 -39.12 -21.54
C ILE D 49 28.34 -40.52 -21.09
N ASP D 50 29.16 -41.19 -21.89
CA ASP D 50 29.58 -42.54 -21.60
C ASP D 50 31.04 -42.64 -21.99
N PRO D 51 31.92 -42.24 -21.08
CA PRO D 51 33.36 -42.12 -21.37
C PRO D 51 33.98 -43.36 -22.04
N HIS D 52 33.53 -44.55 -21.64
CA HIS D 52 34.11 -45.80 -22.13
C HIS D 52 33.58 -46.24 -23.49
N ASN D 53 32.26 -46.14 -23.67
CA ASN D 53 31.60 -46.66 -24.87
C ASN D 53 31.13 -45.62 -25.87
N GLY D 54 31.29 -44.34 -25.56
CA GLY D 54 30.71 -43.30 -26.39
C GLY D 54 29.19 -43.36 -26.35
N GLY D 55 28.54 -42.78 -27.35
CA GLY D 55 27.09 -42.76 -27.41
C GLY D 55 26.47 -41.68 -26.52
N GLY D 56 27.24 -40.65 -26.21
CA GLY D 56 26.71 -39.55 -25.43
C GLY D 56 25.76 -38.73 -26.27
N ALA D 57 24.90 -37.96 -25.62
CA ALA D 57 23.93 -37.18 -26.36
C ALA D 57 23.44 -35.98 -25.55
N TYR D 58 22.86 -35.03 -26.27
CA TYR D 58 22.26 -33.86 -25.64
C TYR D 58 20.84 -33.71 -26.13
N ASN D 59 19.98 -33.21 -25.25
CA ASN D 59 18.66 -32.72 -25.62
C ASN D 59 18.87 -31.43 -26.42
N GLN D 60 18.36 -31.40 -27.64
CA GLN D 60 18.49 -30.23 -28.51
C GLN D 60 18.09 -28.95 -27.78
N LYS D 61 17.17 -29.08 -26.84
CA LYS D 61 16.65 -27.98 -26.07
C LYS D 61 17.71 -27.34 -25.16
N PHE D 62 18.68 -28.12 -24.70
CA PHE D 62 19.74 -27.61 -23.83
C PHE D 62 21.11 -27.63 -24.50
N ARG D 63 21.15 -27.88 -25.80
CA ARG D 63 22.44 -28.01 -26.46
C ARG D 63 23.34 -26.78 -26.30
N VAL D 64 22.81 -25.61 -26.61
CA VAL D 64 23.55 -24.37 -26.43
C VAL D 64 23.82 -24.07 -24.95
N LYS D 65 22.83 -24.33 -24.10
CA LYS D 65 22.92 -23.95 -22.69
C LYS D 65 23.84 -24.85 -21.85
N ALA D 66 23.86 -26.14 -22.15
CA ALA D 66 24.56 -27.10 -21.30
C ALA D 66 25.78 -27.76 -21.96
N THR D 67 26.79 -28.02 -21.16
CA THR D 67 27.96 -28.73 -21.61
C THR D 67 28.32 -29.75 -20.55
N LEU D 68 28.38 -31.02 -20.94
CA LEU D 68 28.74 -32.10 -20.02
C LEU D 68 30.22 -32.47 -20.14
N THR D 69 30.89 -32.59 -19.00
CA THR D 69 32.28 -33.06 -19.00
C THR D 69 32.50 -34.06 -17.88
N VAL D 70 33.69 -34.65 -17.88
CA VAL D 70 34.06 -35.61 -16.84
C VAL D 70 35.56 -35.50 -16.56
N ASP D 71 35.92 -35.73 -15.31
CA ASP D 71 37.31 -35.71 -14.89
C ASP D 71 37.73 -37.10 -14.43
N THR D 72 38.31 -37.86 -15.34
CA THR D 72 38.72 -39.22 -15.05
C THR D 72 39.65 -39.32 -13.83
N SER D 73 40.62 -38.41 -13.71
CA SER D 73 41.59 -38.52 -12.61
C SER D 73 40.95 -38.39 -11.23
N SER D 74 39.83 -37.69 -11.14
CA SER D 74 39.15 -37.51 -9.86
C SER D 74 37.74 -38.11 -9.86
N SER D 75 37.46 -38.92 -10.88
CA SER D 75 36.17 -39.59 -10.98
C SER D 75 35.00 -38.65 -10.70
N THR D 76 35.00 -37.49 -11.34
CA THR D 76 33.93 -36.51 -11.12
C THR D 76 33.34 -36.04 -12.43
N ALA D 77 32.02 -36.00 -12.49
CA ALA D 77 31.29 -35.55 -13.68
C ALA D 77 30.88 -34.11 -13.47
N TYR D 78 30.71 -33.37 -14.57
CA TYR D 78 30.33 -31.98 -14.45
C TYR D 78 29.29 -31.62 -15.50
N ILE D 79 28.42 -30.68 -15.14
CA ILE D 79 27.56 -30.02 -16.11
C ILE D 79 27.78 -28.53 -15.99
N HIS D 80 28.07 -27.89 -17.11
CA HIS D 80 28.21 -26.45 -17.16
C HIS D 80 26.92 -25.85 -17.70
N LEU D 81 26.41 -24.85 -17.01
CA LEU D 81 25.21 -24.15 -17.50
C LEU D 81 25.55 -22.69 -17.75
N ASN D 82 25.48 -22.26 -19.01
CA ASN D 82 25.81 -20.87 -19.32
C ASN D 82 24.61 -19.95 -19.59
N SER D 83 24.84 -18.63 -19.53
CA SER D 83 23.80 -17.64 -19.82
C SER D 83 22.49 -17.94 -19.11
N LEU D 84 22.51 -18.03 -17.79
CA LEU D 84 21.34 -18.46 -17.03
C LEU D 84 20.24 -17.40 -16.96
N THR D 85 19.01 -17.85 -16.99
CA THR D 85 17.84 -16.99 -16.85
C THR D 85 16.99 -17.62 -15.76
N SER D 86 15.89 -16.98 -15.38
CA SER D 86 15.07 -17.53 -14.30
C SER D 86 14.48 -18.89 -14.69
N GLU D 87 14.33 -19.14 -15.99
CA GLU D 87 13.83 -20.43 -16.46
C GLU D 87 14.76 -21.60 -16.11
N ASP D 88 16.02 -21.29 -15.79
CA ASP D 88 16.97 -22.32 -15.39
C ASP D 88 16.93 -22.60 -13.88
N SER D 89 16.19 -21.83 -13.11
CA SER D 89 16.03 -22.14 -11.69
C SER D 89 15.37 -23.51 -11.56
N ALA D 90 16.01 -24.45 -10.90
CA ALA D 90 15.49 -25.81 -10.84
C ALA D 90 16.36 -26.68 -9.96
N VAL D 91 15.92 -27.92 -9.74
CA VAL D 91 16.78 -28.89 -9.08
C VAL D 91 17.46 -29.71 -10.18
N TYR D 92 18.78 -29.79 -10.14
CA TYR D 92 19.51 -30.54 -11.15
C TYR D 92 20.04 -31.85 -10.58
N TYR D 93 19.64 -32.96 -11.21
CA TYR D 93 19.99 -34.28 -10.74
C TYR D 93 21.05 -34.91 -11.61
N CYS D 94 22.02 -35.55 -10.97
CA CYS D 94 23.04 -36.31 -11.66
C CYS D 94 22.69 -37.79 -11.50
N ALA D 95 22.83 -38.57 -12.56
CA ALA D 95 22.51 -40.00 -12.45
C ALA D 95 23.56 -40.85 -13.15
N ILE D 96 23.77 -42.06 -12.63
CA ILE D 96 24.68 -43.00 -13.25
C ILE D 96 23.91 -44.29 -13.51
N PHE D 97 24.20 -44.95 -14.63
CA PHE D 97 23.59 -46.25 -14.87
C PHE D 97 24.49 -47.18 -15.64
N TYR D 98 24.17 -48.47 -15.58
CA TYR D 98 24.94 -49.47 -16.27
C TYR D 98 23.98 -50.48 -16.84
N GLY D 99 23.88 -50.51 -18.17
CA GLY D 99 23.00 -51.45 -18.85
C GLY D 99 21.77 -51.68 -18.03
N ASN D 100 21.55 -52.93 -17.63
CA ASN D 100 20.36 -53.33 -16.90
C ASN D 100 20.65 -53.64 -15.43
N PHE D 101 21.76 -53.14 -14.91
CA PHE D 101 22.16 -53.56 -13.57
C PHE D 101 21.68 -52.59 -12.49
N PHE D 102 21.79 -51.30 -12.77
CA PHE D 102 21.40 -50.29 -11.80
C PHE D 102 21.19 -48.93 -12.46
N ASP D 103 20.38 -48.08 -11.82
CA ASP D 103 20.14 -46.71 -12.29
C ASP D 103 19.95 -45.82 -11.06
N TYR D 104 21.02 -45.13 -10.68
CA TYR D 104 21.10 -44.49 -9.39
C TYR D 104 21.25 -42.99 -9.53
N TRP D 105 20.41 -42.23 -8.81
CA TRP D 105 20.41 -40.76 -8.86
C TRP D 105 21.04 -40.10 -7.64
N GLY D 106 21.71 -38.97 -7.86
CA GLY D 106 22.21 -38.14 -6.78
C GLY D 106 21.12 -37.36 -6.06
N GLN D 107 21.50 -36.66 -4.99
CA GLN D 107 20.52 -35.93 -4.19
C GLN D 107 20.00 -34.65 -4.87
N GLY D 108 20.71 -34.19 -5.89
CA GLY D 108 20.25 -33.01 -6.60
C GLY D 108 20.87 -31.72 -6.08
N THR D 109 21.01 -30.76 -6.98
CA THR D 109 21.52 -29.45 -6.64
C THR D 109 20.46 -28.42 -6.98
N THR D 110 20.13 -27.57 -6.01
CA THR D 110 19.18 -26.52 -6.26
C THR D 110 19.89 -25.29 -6.80
N VAL D 111 19.50 -24.88 -8.00
CA VAL D 111 20.01 -23.66 -8.59
C VAL D 111 18.91 -22.60 -8.65
N THR D 112 19.23 -21.42 -8.13
CA THR D 112 18.31 -20.29 -8.16
C THR D 112 18.95 -19.16 -8.92
N VAL D 113 18.30 -18.71 -9.99
CA VAL D 113 18.78 -17.61 -10.78
C VAL D 113 18.09 -16.34 -10.30
N SER D 114 18.84 -15.46 -9.68
CA SER D 114 18.28 -14.26 -9.06
C SER D 114 19.31 -13.15 -9.01
N SER D 115 18.83 -11.91 -8.97
CA SER D 115 19.67 -10.74 -8.86
C SER D 115 19.86 -10.36 -7.38
N ALA D 116 19.02 -10.91 -6.52
CA ALA D 116 19.09 -10.63 -5.09
C ALA D 116 20.26 -11.36 -4.46
N SER D 117 20.71 -10.85 -3.32
CA SER D 117 21.82 -11.48 -2.60
C SER D 117 21.28 -12.46 -1.57
N THR D 118 22.09 -13.43 -1.16
CA THR D 118 21.67 -14.36 -0.11
C THR D 118 21.34 -13.64 1.16
N LYS D 119 20.43 -14.24 1.91
CA LYS D 119 20.18 -13.85 3.27
C LYS D 119 20.07 -15.12 4.08
N GLY D 120 20.90 -15.21 5.11
CA GLY D 120 20.87 -16.32 6.05
C GLY D 120 19.67 -16.18 6.98
N PRO D 121 19.14 -17.32 7.41
CA PRO D 121 17.92 -17.33 8.23
C PRO D 121 18.19 -16.96 9.68
N SER D 122 17.13 -16.56 10.38
CA SER D 122 17.17 -16.45 11.82
C SER D 122 16.55 -17.72 12.36
N VAL D 123 17.08 -18.25 13.45
CA VAL D 123 16.53 -19.48 14.02
C VAL D 123 16.06 -19.22 15.45
N PHE D 124 14.74 -19.27 15.63
CA PHE D 124 14.14 -19.05 16.93
C PHE D 124 13.53 -20.35 17.44
N PRO D 125 13.67 -20.61 18.73
CA PRO D 125 13.10 -21.82 19.31
C PRO D 125 11.59 -21.73 19.47
N LEU D 126 10.89 -22.83 19.20
CA LEU D 126 9.50 -22.94 19.58
C LEU D 126 9.51 -23.79 20.85
N ALA D 127 9.54 -23.12 22.00
CA ALA D 127 9.67 -23.82 23.27
C ALA D 127 8.40 -24.54 23.71
N PRO D 128 8.59 -25.78 24.17
CA PRO D 128 7.49 -26.57 24.72
C PRO D 128 7.00 -25.95 26.03
N SER D 129 5.70 -26.05 26.27
CA SER D 129 5.09 -25.49 27.45
C SER D 129 3.74 -26.17 27.63
N SER D 130 3.09 -25.93 28.77
CA SER D 130 1.77 -26.49 29.01
C SER D 130 0.88 -26.30 27.79
N LYS D 131 1.21 -25.29 27.00
CA LYS D 131 0.43 -24.92 25.82
C LYS D 131 0.88 -25.68 24.56
N SER D 132 1.99 -26.40 24.65
CA SER D 132 2.43 -27.23 23.54
C SER D 132 2.61 -28.68 23.96
N THR D 133 1.79 -29.11 24.92
CA THR D 133 1.81 -30.49 25.39
C THR D 133 0.40 -31.06 25.52
N SER D 134 0.12 -32.13 24.78
CA SER D 134 -1.18 -32.79 24.85
C SER D 134 -1.06 -34.15 25.51
N GLY D 135 -1.58 -34.26 26.73
CA GLY D 135 -1.48 -35.49 27.49
C GLY D 135 -0.05 -35.79 27.87
N GLY D 136 0.49 -36.89 27.36
CA GLY D 136 1.86 -37.29 27.66
C GLY D 136 2.82 -36.82 26.60
N THR D 137 2.27 -36.32 25.49
CA THR D 137 3.08 -35.86 24.38
C THR D 137 3.30 -34.35 24.42
N ALA D 138 4.52 -33.92 24.11
CA ALA D 138 4.85 -32.49 24.02
C ALA D 138 5.38 -32.18 22.65
N ALA D 139 5.18 -30.95 22.20
CA ALA D 139 5.66 -30.52 20.89
C ALA D 139 6.65 -29.38 21.04
N LEU D 140 7.74 -29.42 20.29
CA LEU D 140 8.73 -28.36 20.29
C LEU D 140 9.31 -28.24 18.90
N GLY D 141 10.01 -27.14 18.63
CA GLY D 141 10.58 -26.97 17.31
C GLY D 141 11.45 -25.74 17.14
N CYS D 142 11.79 -25.48 15.89
CA CYS D 142 12.58 -24.32 15.53
C CYS D 142 11.92 -23.61 14.37
N LEU D 143 11.92 -22.29 14.43
CA LEU D 143 11.37 -21.47 13.36
C LEU D 143 12.55 -20.94 12.55
N VAL D 144 12.62 -21.34 11.28
CA VAL D 144 13.71 -20.90 10.42
C VAL D 144 13.18 -19.78 9.53
N LYS D 145 13.51 -18.53 9.89
CA LYS D 145 12.88 -17.34 9.32
C LYS D 145 13.77 -16.46 8.43
N ASP D 146 13.21 -16.07 7.29
CA ASP D 146 13.76 -15.00 6.45
C ASP D 146 15.07 -15.37 5.78
N TYR D 147 15.04 -16.36 4.91
CA TYR D 147 16.25 -16.76 4.21
C TYR D 147 16.03 -16.81 2.69
N PHE D 148 17.11 -16.76 1.94
CA PHE D 148 17.07 -16.78 0.48
C PHE D 148 18.44 -17.13 -0.08
N PRO D 149 18.52 -18.05 -1.03
CA PRO D 149 17.34 -18.78 -1.55
C PRO D 149 17.16 -20.14 -0.86
N GLU D 150 16.39 -21.03 -1.47
CA GLU D 150 16.28 -22.41 -1.02
C GLU D 150 17.60 -23.09 -1.33
N PRO D 151 17.87 -24.25 -0.73
CA PRO D 151 17.04 -24.81 0.32
C PRO D 151 17.65 -24.57 1.70
N VAL D 152 17.13 -25.26 2.69
CA VAL D 152 17.65 -25.21 4.04
C VAL D 152 17.46 -26.59 4.62
N THR D 153 18.49 -27.14 5.26
CA THR D 153 18.35 -28.43 5.89
C THR D 153 18.16 -28.29 7.40
N VAL D 154 17.27 -29.09 7.95
CA VAL D 154 17.03 -29.12 9.39
C VAL D 154 17.06 -30.56 9.90
N SER D 155 17.93 -30.81 10.87
CA SER D 155 17.92 -32.11 11.54
C SER D 155 17.86 -31.88 13.04
N TRP D 156 17.65 -32.94 13.81
CA TRP D 156 17.55 -32.83 15.24
C TRP D 156 18.54 -33.72 15.96
N ASN D 157 19.23 -33.16 16.95
CA ASN D 157 20.23 -33.90 17.70
C ASN D 157 21.19 -34.57 16.75
N SER D 158 21.61 -33.81 15.74
CA SER D 158 22.57 -34.28 14.75
C SER D 158 22.10 -35.52 14.01
N GLY D 159 20.79 -35.68 13.87
CA GLY D 159 20.25 -36.78 13.08
C GLY D 159 19.85 -38.00 13.89
N ALA D 160 20.16 -38.00 15.18
CA ALA D 160 19.79 -39.12 16.04
C ALA D 160 18.28 -39.13 16.36
N LEU D 161 17.60 -38.03 16.06
CA LEU D 161 16.17 -37.90 16.35
C LEU D 161 15.37 -37.65 15.08
N THR D 162 14.56 -38.62 14.66
CA THR D 162 13.84 -38.52 13.40
C THR D 162 12.36 -38.84 13.52
N SER D 163 11.99 -39.74 14.41
CA SER D 163 10.59 -40.09 14.56
C SER D 163 9.83 -38.93 15.19
N GLY D 164 8.70 -38.58 14.58
CA GLY D 164 7.87 -37.51 15.10
C GLY D 164 8.23 -36.16 14.53
N VAL D 165 9.29 -36.12 13.72
CA VAL D 165 9.79 -34.89 13.14
C VAL D 165 9.00 -34.48 11.90
N HIS D 166 8.56 -33.23 11.88
CA HIS D 166 7.87 -32.68 10.71
C HIS D 166 8.52 -31.37 10.33
N THR D 167 9.14 -31.34 9.16
CA THR D 167 9.75 -30.10 8.65
C THR D 167 8.88 -29.61 7.53
N PHE D 168 8.27 -28.45 7.69
CA PHE D 168 7.32 -28.02 6.70
C PHE D 168 8.01 -27.49 5.45
N PRO D 169 7.33 -27.63 4.32
CA PRO D 169 7.72 -26.93 3.10
C PRO D 169 7.92 -25.42 3.37
N ALA D 170 8.97 -24.85 2.81
CA ALA D 170 9.20 -23.42 2.90
C ALA D 170 8.08 -22.67 2.20
N VAL D 171 7.73 -21.51 2.74
CA VAL D 171 6.69 -20.68 2.18
C VAL D 171 7.23 -19.27 2.06
N LEU D 172 6.82 -18.55 1.01
CA LEU D 172 7.30 -17.19 0.77
C LEU D 172 6.53 -16.20 1.60
N GLN D 173 7.25 -15.21 2.12
CA GLN D 173 6.59 -14.09 2.79
C GLN D 173 6.57 -12.88 1.88
N SER D 174 5.75 -11.89 2.19
CA SER D 174 5.64 -10.73 1.31
C SER D 174 6.94 -9.94 1.24
N SER D 175 7.93 -10.36 2.01
CA SER D 175 9.25 -9.75 1.92
C SER D 175 10.08 -10.39 0.81
N GLY D 176 9.56 -11.48 0.24
CA GLY D 176 10.25 -12.23 -0.79
C GLY D 176 11.26 -13.22 -0.20
N LEU D 177 11.26 -13.34 1.12
CA LEU D 177 12.15 -14.27 1.81
C LEU D 177 11.39 -15.54 2.16
N TYR D 178 12.09 -16.66 2.32
CA TYR D 178 11.45 -17.92 2.71
C TYR D 178 11.37 -18.09 4.22
N SER D 179 10.45 -18.92 4.65
CA SER D 179 10.31 -19.24 6.06
C SER D 179 9.74 -20.64 6.23
N LEU D 180 10.15 -21.32 7.29
CA LEU D 180 9.55 -22.59 7.66
C LEU D 180 9.81 -22.94 9.12
N SER D 181 9.05 -23.90 9.61
CA SER D 181 9.20 -24.37 10.96
C SER D 181 9.48 -25.85 10.90
N SER D 182 10.30 -26.32 11.82
CA SER D 182 10.57 -27.74 11.98
C SER D 182 10.15 -28.14 13.38
N VAL D 183 9.21 -29.07 13.49
CA VAL D 183 8.68 -29.47 14.79
C VAL D 183 8.88 -30.95 15.06
N VAL D 184 8.92 -31.32 16.34
CA VAL D 184 9.04 -32.71 16.72
C VAL D 184 8.12 -33.02 17.90
N THR D 185 7.69 -34.28 18.00
CA THR D 185 6.77 -34.71 19.04
C THR D 185 7.55 -35.63 19.98
N VAL D 186 7.45 -35.37 21.28
CA VAL D 186 8.17 -36.18 22.26
C VAL D 186 7.38 -36.38 23.54
N PRO D 187 7.77 -37.39 24.32
CA PRO D 187 7.18 -37.62 25.64
C PRO D 187 7.42 -36.39 26.53
N SER D 188 6.35 -35.83 27.09
CA SER D 188 6.47 -34.63 27.91
C SER D 188 7.23 -34.90 29.22
N SER D 189 7.39 -36.18 29.56
CA SER D 189 8.14 -36.56 30.76
C SER D 189 9.65 -36.55 30.52
N SER D 190 10.04 -36.58 29.25
CA SER D 190 11.47 -36.57 28.89
C SER D 190 12.01 -35.15 28.78
N LEU D 191 11.11 -34.18 28.69
CA LEU D 191 11.49 -32.77 28.58
C LEU D 191 12.68 -32.39 29.47
N GLY D 192 12.88 -33.13 30.56
CA GLY D 192 13.96 -32.83 31.47
C GLY D 192 15.00 -33.92 31.60
N THR D 193 15.37 -34.53 30.46
CA THR D 193 16.36 -35.60 30.46
C THR D 193 17.42 -35.39 29.37
N GLN D 194 17.02 -35.55 28.12
CA GLN D 194 17.90 -35.28 26.98
C GLN D 194 17.52 -33.96 26.34
N THR D 195 18.53 -33.12 26.10
CA THR D 195 18.28 -31.82 25.52
C THR D 195 17.93 -31.97 24.05
N TYR D 196 17.20 -31.00 23.51
CA TYR D 196 16.79 -31.07 22.12
C TYR D 196 17.39 -29.92 21.32
N ILE D 197 18.15 -30.27 20.28
CA ILE D 197 18.84 -29.29 19.45
C ILE D 197 18.49 -29.47 17.98
N CYS D 198 18.12 -28.38 17.32
CA CYS D 198 17.88 -28.43 15.89
C CYS D 198 19.10 -27.90 15.14
N ASN D 199 19.53 -28.65 14.13
CA ASN D 199 20.69 -28.26 13.35
C ASN D 199 20.24 -27.68 12.01
N VAL D 200 20.39 -26.37 11.88
CA VAL D 200 19.93 -25.65 10.70
C VAL D 200 21.11 -25.29 9.80
N ASN D 201 21.03 -25.75 8.56
CA ASN D 201 22.06 -25.49 7.57
C ASN D 201 21.49 -24.74 6.38
N HIS D 202 22.18 -23.69 5.95
CA HIS D 202 21.79 -22.90 4.79
C HIS D 202 23.07 -22.56 4.04
N LYS D 203 23.44 -23.43 3.10
CA LYS D 203 24.75 -23.37 2.47
C LYS D 203 25.02 -22.12 1.64
N PRO D 204 24.03 -21.59 0.96
CA PRO D 204 24.23 -20.39 0.12
C PRO D 204 24.79 -19.21 0.92
N SER D 205 24.45 -19.11 2.20
CA SER D 205 24.93 -18.01 3.03
C SER D 205 25.97 -18.47 4.06
N ASN D 206 26.28 -19.76 4.04
CA ASN D 206 27.26 -20.31 4.97
C ASN D 206 26.80 -20.24 6.41
N THR D 207 25.49 -20.31 6.62
CA THR D 207 24.88 -20.28 7.93
C THR D 207 24.77 -21.70 8.48
N ALA D 208 25.39 -21.94 9.63
CA ALA D 208 25.21 -23.21 10.34
C ALA D 208 24.83 -22.88 11.77
N VAL D 209 23.60 -23.19 12.16
CA VAL D 209 23.13 -22.86 13.49
C VAL D 209 22.69 -24.10 14.27
N ASP D 210 23.10 -24.17 15.53
CA ASP D 210 22.63 -25.21 16.43
C ASP D 210 21.90 -24.58 17.61
N LYS D 211 20.58 -24.49 17.51
CA LYS D 211 19.79 -23.90 18.58
C LYS D 211 19.27 -24.95 19.54
N ALA D 212 19.47 -24.71 20.83
CA ALA D 212 18.90 -25.57 21.85
C ALA D 212 17.50 -25.06 22.16
N VAL D 213 16.55 -25.97 22.31
CA VAL D 213 15.20 -25.58 22.66
C VAL D 213 14.81 -26.17 24.01
N GLU D 214 14.67 -25.30 25.01
CA GLU D 214 14.21 -25.76 26.32
C GLU D 214 12.86 -25.14 26.63
N PRO D 215 12.19 -25.68 27.65
CA PRO D 215 10.90 -25.17 28.11
C PRO D 215 11.00 -23.71 28.56
N LYS D 216 9.91 -22.96 28.40
CA LYS D 216 9.89 -21.55 28.79
C LYS D 216 10.08 -21.37 30.29
N SER D 217 10.78 -20.30 30.67
CA SER D 217 11.01 -19.99 32.08
C SER D 217 10.90 -18.49 32.35
N CYS D 218 10.80 -18.13 33.63
CA CYS D 218 10.64 -16.74 34.02
C CYS D 218 11.48 -16.40 35.24
N LEU E 1 23.42 18.77 28.56
CA LEU E 1 22.59 18.25 29.66
C LEU E 1 21.10 18.42 29.38
N ASP E 2 20.78 19.23 28.37
CA ASP E 2 19.38 19.47 28.02
C ASP E 2 18.97 18.77 26.73
N ASN E 3 17.91 17.97 26.82
CA ASN E 3 17.47 17.14 25.71
C ASN E 3 16.85 17.91 24.56
N VAL E 4 17.65 18.21 23.54
CA VAL E 4 17.15 18.88 22.36
C VAL E 4 16.59 17.87 21.38
N MET E 5 15.31 18.00 21.05
CA MET E 5 14.66 17.13 20.08
C MET E 5 14.67 17.78 18.70
N THR E 6 15.42 17.20 17.76
CA THR E 6 15.45 17.71 16.40
C THR E 6 14.43 16.99 15.52
N GLN E 7 13.46 17.74 15.00
CA GLN E 7 12.39 17.17 14.18
C GLN E 7 12.67 17.40 12.70
N SER E 8 12.20 16.47 11.86
CA SER E 8 12.46 16.51 10.42
C SER E 8 11.33 15.87 9.61
N PRO E 9 10.96 16.50 8.50
CA PRO E 9 11.47 17.83 8.13
C PRO E 9 10.53 18.93 8.63
N SER E 10 10.77 20.17 8.23
CA SER E 10 9.92 21.27 8.67
C SER E 10 8.54 21.21 7.99
N PHE E 11 8.53 21.17 6.66
CA PHE E 11 7.32 21.02 5.89
C PHE E 11 7.31 19.67 5.20
N MET E 12 6.12 19.17 4.90
CA MET E 12 5.97 17.91 4.20
C MET E 12 4.61 17.91 3.50
N SER E 13 4.63 17.74 2.19
CA SER E 13 3.37 17.68 1.47
C SER E 13 3.17 16.31 0.84
N THR E 14 1.99 15.75 1.08
CA THR E 14 1.63 14.44 0.57
C THR E 14 0.25 14.46 -0.07
N SER E 15 -0.06 13.44 -0.86
CA SER E 15 -1.38 13.34 -1.45
C SER E 15 -2.25 12.43 -0.60
N VAL E 16 -3.56 12.66 -0.63
CA VAL E 16 -4.48 11.83 0.12
C VAL E 16 -4.29 10.37 -0.27
N GLY E 17 -4.12 9.50 0.72
CA GLY E 17 -3.94 8.07 0.46
C GLY E 17 -2.52 7.58 0.58
N ASP E 18 -1.56 8.50 0.66
CA ASP E 18 -0.16 8.14 0.75
C ASP E 18 0.30 7.85 2.17
N ARG E 19 1.52 7.33 2.28
CA ARG E 19 2.13 7.02 3.56
C ARG E 19 3.25 8.02 3.77
N VAL E 20 3.32 8.60 4.96
CA VAL E 20 4.30 9.65 5.25
C VAL E 20 5.02 9.40 6.58
N SER E 21 6.27 9.85 6.68
CA SER E 21 7.07 9.65 7.88
C SER E 21 7.69 10.93 8.40
N VAL E 22 7.57 11.15 9.71
CA VAL E 22 8.21 12.28 10.37
C VAL E 22 9.34 11.77 11.25
N THR E 23 10.51 12.39 11.14
CA THR E 23 11.67 11.98 11.92
C THR E 23 11.87 12.85 13.15
N CYS E 24 12.40 12.25 14.22
CA CYS E 24 12.76 13.00 15.41
C CYS E 24 13.97 12.35 16.07
N ALA E 25 15.05 13.08 16.18
CA ALA E 25 16.27 12.58 16.80
C ALA E 25 16.56 13.32 18.11
N ALA E 26 16.73 12.55 19.18
CA ALA E 26 17.06 13.13 20.48
C ALA E 26 18.58 13.27 20.62
N SER E 27 19.01 14.37 21.23
CA SER E 27 20.44 14.63 21.41
C SER E 27 21.05 13.71 22.46
N GLN E 28 20.19 13.09 23.26
CA GLN E 28 20.62 12.16 24.30
C GLN E 28 19.63 11.02 24.44
N ASN E 29 20.14 9.82 24.72
CA ASN E 29 19.30 8.64 24.91
C ASN E 29 18.07 8.96 25.75
N VAL E 30 16.91 8.56 25.25
CA VAL E 30 15.63 8.92 25.87
C VAL E 30 14.78 7.72 26.24
N GLY E 31 15.30 6.52 25.95
CA GLY E 31 14.56 5.29 26.20
C GLY E 31 13.37 5.15 25.27
N THR E 32 12.19 4.94 25.84
CA THR E 32 10.97 4.83 25.06
C THR E 32 9.97 5.94 25.41
N ASN E 33 10.36 6.82 26.33
CA ASN E 33 9.45 7.87 26.80
C ASN E 33 9.33 9.04 25.84
N VAL E 34 8.82 8.75 24.65
CA VAL E 34 8.56 9.78 23.65
C VAL E 34 7.08 9.78 23.30
N ALA E 35 6.54 10.97 23.04
CA ALA E 35 5.14 11.12 22.69
C ALA E 35 4.99 11.95 21.43
N TRP E 36 3.85 11.81 20.75
CA TRP E 36 3.60 12.57 19.53
C TRP E 36 2.28 13.32 19.63
N TYR E 37 2.28 14.57 19.17
CA TYR E 37 1.08 15.38 19.23
C TYR E 37 0.70 15.91 17.86
N GLN E 38 -0.58 16.23 17.72
CA GLN E 38 -1.09 16.74 16.47
C GLN E 38 -1.81 18.04 16.80
N GLN E 39 -1.39 19.13 16.17
CA GLN E 39 -2.10 20.39 16.35
C GLN E 39 -2.76 20.82 15.03
N LYS E 40 -4.09 20.70 15.00
CA LYS E 40 -4.87 21.13 13.85
C LYS E 40 -5.08 22.63 13.95
N PRO E 41 -5.23 23.29 12.82
CA PRO E 41 -5.30 24.76 12.79
C PRO E 41 -6.34 25.33 13.76
N GLY E 42 -5.93 26.26 14.62
CA GLY E 42 -6.83 26.92 15.55
C GLY E 42 -7.13 26.14 16.83
N GLN E 43 -6.57 24.94 16.93
CA GLN E 43 -6.88 24.03 18.02
C GLN E 43 -5.69 23.75 18.92
N PRO E 44 -5.96 23.34 20.15
CA PRO E 44 -4.90 22.91 21.07
C PRO E 44 -4.22 21.66 20.53
N PRO E 45 -2.95 21.46 20.84
CA PRO E 45 -2.27 20.21 20.47
C PRO E 45 -3.03 19.00 21.04
N LYS E 46 -3.02 17.90 20.31
CA LYS E 46 -3.73 16.71 20.76
C LYS E 46 -2.76 15.54 20.83
N ALA E 47 -2.81 14.82 21.95
CA ALA E 47 -1.91 13.68 22.18
C ALA E 47 -2.32 12.46 21.36
N LEU E 48 -1.41 12.00 20.50
CA LEU E 48 -1.67 10.85 19.64
C LEU E 48 -1.08 9.58 20.24
N ILE E 49 0.20 9.66 20.59
CA ILE E 49 0.97 8.51 21.04
C ILE E 49 1.75 8.79 22.31
N TYR E 50 1.90 7.76 23.14
CA TYR E 50 2.76 7.81 24.31
C TYR E 50 3.63 6.58 24.31
N SER E 51 4.76 6.64 25.01
CA SER E 51 5.66 5.50 25.13
C SER E 51 6.10 5.01 23.75
N THR E 52 6.40 5.94 22.85
CA THR E 52 6.92 5.61 21.53
C THR E 52 5.88 5.11 20.54
N SER E 53 5.12 4.09 20.92
CA SER E 53 4.29 3.37 19.96
C SER E 53 2.85 3.12 20.40
N TYR E 54 2.49 3.61 21.58
CA TYR E 54 1.13 3.38 22.06
C TYR E 54 0.21 4.53 21.68
N ARG E 55 -1.00 4.19 21.22
CA ARG E 55 -1.98 5.18 20.80
C ARG E 55 -2.97 5.47 21.90
N TYR E 56 -3.32 6.74 22.09
CA TYR E 56 -4.40 7.10 23.00
C TYR E 56 -5.75 6.64 22.42
N SER E 57 -6.76 6.56 23.27
CA SER E 57 -8.11 6.19 22.81
C SER E 57 -8.58 7.14 21.73
N GLY E 58 -9.41 6.64 20.81
CA GLY E 58 -9.93 7.47 19.74
C GLY E 58 -8.88 8.03 18.81
N VAL E 59 -7.70 7.40 18.76
CA VAL E 59 -6.71 7.75 17.74
C VAL E 59 -6.73 6.66 16.65
N PRO E 60 -6.79 7.09 15.39
CA PRO E 60 -6.85 6.15 14.26
C PRO E 60 -5.62 5.23 14.22
N ASP E 61 -5.83 4.00 13.79
CA ASP E 61 -4.73 3.03 13.73
C ASP E 61 -3.76 3.33 12.59
N ARG E 62 -4.10 4.29 11.74
CA ARG E 62 -3.19 4.66 10.65
C ARG E 62 -2.07 5.56 11.15
N PHE E 63 -2.12 5.90 12.45
CA PHE E 63 -1.06 6.66 13.10
C PHE E 63 -0.22 5.68 13.93
N THR E 64 1.06 5.57 13.60
CA THR E 64 1.94 4.63 14.30
C THR E 64 3.32 5.22 14.55
N GLY E 65 3.81 5.06 15.78
CA GLY E 65 5.12 5.55 16.16
C GLY E 65 6.06 4.39 16.38
N SER E 66 7.36 4.63 16.23
CA SER E 66 8.36 3.60 16.48
C SER E 66 9.70 4.25 16.83
N GLY E 67 10.69 3.43 17.13
CA GLY E 67 12.00 3.93 17.50
C GLY E 67 12.42 3.51 18.90
N SER E 68 13.57 4.04 19.33
CA SER E 68 14.10 3.76 20.66
C SER E 68 15.44 4.47 20.84
N GLY E 69 15.70 4.94 22.07
CA GLY E 69 16.95 5.60 22.37
C GLY E 69 17.03 7.04 21.90
N THR E 70 17.43 7.23 20.64
CA THR E 70 17.63 8.58 20.10
C THR E 70 16.90 8.82 18.79
N ASP E 71 16.45 7.75 18.14
CA ASP E 71 15.77 7.89 16.85
C ASP E 71 14.31 7.44 16.92
N PHE E 72 13.41 8.33 16.51
CA PHE E 72 11.99 8.04 16.59
C PHE E 72 11.26 8.45 15.32
N THR E 73 10.15 7.79 15.04
CA THR E 73 9.43 8.01 13.79
C THR E 73 7.93 7.96 13.99
N LEU E 74 7.23 8.90 13.35
CA LEU E 74 5.78 8.88 13.30
C LEU E 74 5.40 8.59 11.87
N THR E 75 4.62 7.53 11.69
CA THR E 75 4.19 7.12 10.37
C THR E 75 2.71 7.35 10.25
N ILE E 76 2.31 8.00 9.17
CA ILE E 76 0.91 8.24 8.91
C ILE E 76 0.55 7.54 7.61
N SER E 77 -0.21 6.46 7.72
CA SER E 77 -0.58 5.69 6.55
C SER E 77 -1.92 6.18 6.02
N ASN E 78 -2.24 5.83 4.79
CA ASN E 78 -3.47 6.29 4.16
C ASN E 78 -3.84 7.72 4.53
N VAL E 79 -2.87 8.63 4.41
CA VAL E 79 -3.10 10.01 4.80
C VAL E 79 -4.46 10.50 4.30
N ASN E 80 -5.25 11.07 5.21
CA ASN E 80 -6.52 11.68 4.83
C ASN E 80 -6.46 13.21 5.00
N SER E 81 -7.37 13.94 4.36
CA SER E 81 -7.30 15.40 4.36
C SER E 81 -7.48 16.00 5.76
N GLU E 82 -8.19 15.29 6.63
CA GLU E 82 -8.37 15.77 8.00
C GLU E 82 -7.03 15.73 8.77
N ASP E 83 -6.00 15.14 8.16
CA ASP E 83 -4.73 15.00 8.86
C ASP E 83 -3.88 16.25 8.75
N LEU E 84 -4.31 17.18 7.91
CA LEU E 84 -3.60 18.44 7.77
C LEU E 84 -3.39 19.03 9.14
N ALA E 85 -2.14 19.17 9.55
CA ALA E 85 -1.86 19.68 10.87
C ALA E 85 -0.36 19.85 11.09
N GLU E 86 0.01 20.31 12.29
CA GLU E 86 1.40 20.38 12.70
C GLU E 86 1.66 19.25 13.70
N TYR E 87 2.72 18.50 13.49
CA TYR E 87 3.05 17.37 14.37
C TYR E 87 4.30 17.63 15.18
N PHE E 88 4.23 17.30 16.47
CA PHE E 88 5.35 17.51 17.39
C PHE E 88 5.73 16.22 18.09
N CYS E 89 7.02 15.95 18.15
CA CYS E 89 7.51 14.88 19.00
C CYS E 89 7.85 15.48 20.37
N GLN E 90 7.85 14.64 21.39
CA GLN E 90 8.18 15.11 22.73
C GLN E 90 8.92 14.04 23.51
N GLN E 91 9.81 14.47 24.40
CA GLN E 91 10.50 13.57 25.30
C GLN E 91 10.13 13.92 26.73
N TYR E 92 9.82 12.89 27.52
CA TYR E 92 9.45 13.11 28.92
C TYR E 92 10.20 12.12 29.79
N ASN E 93 11.41 11.77 29.36
CA ASN E 93 12.26 10.89 30.12
C ASN E 93 12.88 11.66 31.28
N ILE E 94 13.50 12.79 30.96
CA ILE E 94 14.13 13.63 31.97
C ILE E 94 13.55 15.03 31.92
N TYR E 95 13.75 15.79 32.99
CA TYR E 95 13.26 17.16 33.05
C TYR E 95 14.35 18.10 32.57
N PRO E 96 13.98 19.18 31.89
CA PRO E 96 12.57 19.45 31.56
C PRO E 96 12.09 18.71 30.33
N VAL E 97 10.78 18.53 30.22
CA VAL E 97 10.17 17.97 29.03
C VAL E 97 10.46 18.89 27.85
N THR E 98 10.85 18.31 26.72
CA THR E 98 11.17 19.10 25.53
C THR E 98 10.42 18.61 24.29
N PHE E 99 10.13 19.55 23.40
CA PHE E 99 9.40 19.25 22.19
C PHE E 99 10.29 19.42 20.99
N GLY E 100 9.97 18.75 19.89
CA GLY E 100 10.65 18.97 18.62
C GLY E 100 10.13 20.26 18.00
N GLY E 101 10.87 20.81 17.05
CA GLY E 101 10.48 22.03 16.35
C GLY E 101 9.17 21.96 15.59
N GLY E 102 8.63 20.76 15.38
CA GLY E 102 7.36 20.59 14.70
C GLY E 102 7.48 20.30 13.22
N THR E 103 6.50 19.58 12.68
CA THR E 103 6.46 19.29 11.25
C THR E 103 5.11 19.67 10.69
N LYS E 104 5.10 20.48 9.64
CA LYS E 104 3.85 20.90 9.02
C LYS E 104 3.49 19.95 7.89
N LEU E 105 2.33 19.31 7.99
CA LEU E 105 1.87 18.42 6.93
C LEU E 105 0.92 19.15 5.99
N GLU E 106 1.32 19.25 4.73
CA GLU E 106 0.50 19.88 3.69
C GLU E 106 -0.11 18.81 2.78
N ILE E 107 -1.33 19.04 2.31
CA ILE E 107 -2.01 18.09 1.45
C ILE E 107 -2.07 18.56 0.00
N LYS E 108 -1.52 17.77 -0.89
CA LYS E 108 -1.57 18.07 -2.32
C LYS E 108 -2.92 17.63 -2.85
N ARG E 109 -3.49 18.42 -3.75
CA ARG E 109 -4.74 18.05 -4.40
C ARG E 109 -4.76 18.65 -5.81
N THR E 110 -5.82 18.38 -6.56
CA THR E 110 -5.93 18.90 -7.92
C THR E 110 -6.11 20.41 -7.92
N VAL E 111 -5.72 21.05 -9.02
CA VAL E 111 -5.96 22.48 -9.18
C VAL E 111 -7.45 22.75 -9.05
N ALA E 112 -7.77 23.83 -8.35
CA ALA E 112 -9.14 24.27 -8.23
C ALA E 112 -9.15 25.77 -8.48
N ALA E 113 -10.03 26.24 -9.35
CA ALA E 113 -10.10 27.67 -9.64
C ALA E 113 -10.87 28.42 -8.55
N PRO E 114 -10.45 29.63 -8.22
CA PRO E 114 -11.13 30.42 -7.19
C PRO E 114 -12.46 30.97 -7.67
N SER E 115 -13.47 30.98 -6.81
CA SER E 115 -14.67 31.75 -7.06
C SER E 115 -14.35 33.12 -6.50
N VAL E 116 -14.66 34.15 -7.29
CA VAL E 116 -14.35 35.51 -6.89
C VAL E 116 -15.62 36.30 -6.56
N PHE E 117 -15.55 37.04 -5.45
CA PHE E 117 -16.62 37.95 -5.04
C PHE E 117 -16.00 39.28 -4.62
N ILE E 118 -16.71 40.37 -4.88
CA ILE E 118 -16.27 41.68 -4.45
C ILE E 118 -17.34 42.32 -3.56
N PHE E 119 -16.91 43.08 -2.56
CA PHE E 119 -17.83 43.71 -1.62
C PHE E 119 -17.52 45.19 -1.49
N PRO E 120 -18.53 46.04 -1.69
CA PRO E 120 -18.35 47.48 -1.51
C PRO E 120 -18.25 47.79 -0.04
N PRO E 121 -17.72 48.96 0.32
CA PRO E 121 -17.69 49.37 1.71
C PRO E 121 -19.12 49.58 2.20
N SER E 122 -19.44 49.14 3.40
CA SER E 122 -20.79 49.33 3.92
C SER E 122 -21.08 50.81 4.17
N ALA E 123 -22.35 51.18 4.16
CA ALA E 123 -22.71 52.56 4.42
C ALA E 123 -22.29 52.96 5.83
N GLU E 124 -22.39 52.00 6.76
CA GLU E 124 -22.02 52.25 8.15
C GLU E 124 -20.56 52.67 8.31
N GLN E 125 -19.67 52.02 7.57
CA GLN E 125 -18.25 52.34 7.62
C GLN E 125 -17.99 53.71 7.01
N LEU E 126 -18.61 53.96 5.85
CA LEU E 126 -18.42 55.22 5.16
C LEU E 126 -18.78 56.42 6.03
N ALA E 127 -19.73 56.24 6.96
CA ALA E 127 -20.08 57.31 7.89
C ALA E 127 -19.00 57.50 8.94
N SER E 128 -18.09 56.54 9.02
CA SER E 128 -16.98 56.59 9.98
C SER E 128 -15.74 57.30 9.40
N GLY E 129 -15.77 57.60 8.11
CA GLY E 129 -14.67 58.33 7.50
C GLY E 129 -13.69 57.53 6.66
N THR E 130 -13.81 56.20 6.66
CA THR E 130 -12.94 55.36 5.83
C THR E 130 -13.75 54.32 5.03
N ALA E 131 -13.11 53.71 4.04
CA ALA E 131 -13.80 52.78 3.15
C ALA E 131 -12.93 51.57 2.81
N SER E 132 -13.46 50.37 3.06
CA SER E 132 -12.72 49.16 2.77
C SER E 132 -13.43 48.32 1.72
N VAL E 133 -12.74 48.09 0.60
CA VAL E 133 -13.28 47.24 -0.44
C VAL E 133 -12.66 45.86 -0.29
N VAL E 134 -13.50 44.82 -0.28
CA VAL E 134 -12.98 43.48 -0.05
C VAL E 134 -13.19 42.59 -1.24
N CYS E 135 -12.14 41.83 -1.56
CA CYS E 135 -12.20 40.88 -2.65
C CYS E 135 -11.95 39.47 -2.15
N LEU E 136 -12.95 38.60 -2.32
CA LEU E 136 -12.84 37.24 -1.83
C LEU E 136 -12.54 36.23 -2.94
N LEU E 137 -11.47 35.45 -2.75
CA LEU E 137 -11.17 34.32 -3.62
C LEU E 137 -11.47 33.07 -2.81
N ASN E 138 -12.42 32.28 -3.27
CA ASN E 138 -12.89 31.17 -2.46
C ASN E 138 -12.60 29.78 -3.01
N ASN E 139 -12.07 28.93 -2.13
CA ASN E 139 -11.83 27.51 -2.41
C ASN E 139 -11.01 27.20 -3.66
N PHE E 140 -9.75 27.64 -3.65
CA PHE E 140 -8.84 27.38 -4.76
C PHE E 140 -7.61 26.62 -4.32
N TYR E 141 -6.84 26.15 -5.30
CA TYR E 141 -5.59 25.42 -5.06
C TYR E 141 -4.84 25.44 -6.38
N PRO E 142 -3.52 25.63 -6.37
CA PRO E 142 -2.75 25.84 -5.14
C PRO E 142 -2.84 27.26 -4.55
N ARG E 143 -2.00 27.49 -3.55
CA ARG E 143 -2.04 28.70 -2.72
C ARG E 143 -1.75 29.99 -3.48
N GLU E 144 -0.76 29.95 -4.37
CA GLU E 144 -0.35 31.11 -5.15
C GLU E 144 -1.49 31.74 -5.97
N ALA E 145 -1.65 33.05 -5.85
CA ALA E 145 -2.67 33.79 -6.58
C ALA E 145 -2.32 35.27 -6.61
N ALA E 146 -2.52 35.91 -7.75
CA ALA E 146 -2.26 37.35 -7.89
C ALA E 146 -3.57 38.13 -7.85
N VAL E 147 -3.66 39.13 -6.99
CA VAL E 147 -4.86 39.95 -6.93
C VAL E 147 -4.50 41.40 -7.21
N GLN E 148 -5.02 41.93 -8.31
CA GLN E 148 -4.72 43.30 -8.70
C GLN E 148 -5.94 44.19 -8.57
N TRP E 149 -5.76 45.33 -7.92
CA TRP E 149 -6.84 46.29 -7.74
C TRP E 149 -6.76 47.40 -8.78
N LYS E 150 -7.89 47.70 -9.41
CA LYS E 150 -7.97 48.81 -10.35
C LYS E 150 -9.13 49.72 -9.97
N VAL E 151 -8.87 51.01 -9.93
CA VAL E 151 -9.91 51.98 -9.63
C VAL E 151 -10.02 52.97 -10.78
N ASP E 152 -11.10 52.86 -11.54
CA ASP E 152 -11.29 53.67 -12.74
C ASP E 152 -10.22 53.31 -13.77
N ASN E 153 -9.81 52.05 -13.78
CA ASN E 153 -8.81 51.56 -14.73
C ASN E 153 -7.38 51.78 -14.23
N ALA E 154 -7.23 52.54 -13.15
CA ALA E 154 -5.91 52.83 -12.58
C ALA E 154 -5.47 51.74 -11.61
N LEU E 155 -4.39 51.03 -11.95
CA LEU E 155 -3.86 49.98 -11.10
C LEU E 155 -3.44 50.52 -9.74
N GLN E 156 -3.96 49.93 -8.68
CA GLN E 156 -3.65 50.36 -7.31
C GLN E 156 -2.38 49.71 -6.79
N SER E 157 -1.78 50.34 -5.78
CA SER E 157 -0.53 49.83 -5.21
C SER E 157 -0.31 50.38 -3.80
N GLY E 158 0.12 49.51 -2.88
CA GLY E 158 0.45 49.89 -1.53
C GLY E 158 -0.74 50.23 -0.65
N ASN E 159 -1.95 49.98 -1.14
CA ASN E 159 -3.14 50.27 -0.35
C ASN E 159 -4.02 49.04 -0.10
N SER E 160 -3.41 47.86 -0.17
CA SER E 160 -4.12 46.60 0.02
C SER E 160 -3.29 45.57 0.77
N GLN E 161 -3.96 44.68 1.48
CA GLN E 161 -3.27 43.58 2.11
C GLN E 161 -4.07 42.31 1.94
N GLU E 162 -3.39 41.18 2.01
CA GLU E 162 -4.06 39.92 1.76
C GLU E 162 -3.99 39.03 2.99
N SER E 163 -5.01 38.21 3.16
CA SER E 163 -4.97 37.19 4.18
C SER E 163 -5.31 35.85 3.54
N VAL E 164 -4.58 34.81 3.92
CA VAL E 164 -4.88 33.49 3.40
C VAL E 164 -5.26 32.54 4.50
N THR E 165 -6.27 31.74 4.19
CA THR E 165 -6.76 30.74 5.10
C THR E 165 -5.76 29.57 5.17
N GLU E 166 -5.90 28.71 6.16
CA GLU E 166 -5.11 27.49 6.16
C GLU E 166 -5.85 26.51 5.26
N GLN E 167 -5.16 25.50 4.76
CA GLN E 167 -5.82 24.47 3.96
C GLN E 167 -7.06 23.92 4.67
N ASP E 168 -8.16 23.88 3.93
CA ASP E 168 -9.41 23.34 4.44
C ASP E 168 -9.25 21.89 4.83
N SER E 169 -9.84 21.53 5.96
CA SER E 169 -9.73 20.18 6.48
C SER E 169 -10.44 19.17 5.59
N ALA E 170 -11.53 19.57 4.96
CA ALA E 170 -12.36 18.61 4.23
C ALA E 170 -12.05 18.50 2.73
N ASP E 171 -11.76 19.63 2.09
CA ASP E 171 -11.52 19.64 0.65
C ASP E 171 -10.12 20.17 0.29
N SER E 172 -9.34 20.51 1.31
CA SER E 172 -7.94 20.86 1.09
C SER E 172 -7.68 22.16 0.28
N THR E 173 -8.71 22.96 0.05
CA THR E 173 -8.52 24.23 -0.66
C THR E 173 -8.08 25.38 0.25
N TYR E 174 -7.74 26.50 -0.39
CA TYR E 174 -7.42 27.75 0.29
C TYR E 174 -8.45 28.81 -0.07
N SER E 175 -8.68 29.76 0.81
CA SER E 175 -9.48 30.93 0.46
C SER E 175 -8.60 32.14 0.73
N LEU E 176 -8.96 33.26 0.13
CA LEU E 176 -8.13 34.45 0.25
C LEU E 176 -9.00 35.70 0.16
N SER E 177 -8.65 36.70 0.96
CA SER E 177 -9.29 37.98 0.90
C SER E 177 -8.25 39.05 0.59
N SER E 178 -8.64 40.02 -0.21
CA SER E 178 -7.83 41.19 -0.47
C SER E 178 -8.67 42.38 -0.03
N THR E 179 -8.09 43.23 0.81
CA THR E 179 -8.80 44.39 1.34
C THR E 179 -8.15 45.68 0.87
N LEU E 180 -8.87 46.44 0.07
CA LEU E 180 -8.41 47.74 -0.39
C LEU E 180 -8.95 48.81 0.54
N THR E 181 -8.04 49.57 1.15
CA THR E 181 -8.45 50.61 2.08
C THR E 181 -8.24 52.01 1.51
N LEU E 182 -9.33 52.74 1.35
CA LEU E 182 -9.27 54.12 0.90
C LEU E 182 -9.88 55.02 1.96
N SER E 183 -9.64 56.32 1.86
CA SER E 183 -10.34 57.26 2.70
C SER E 183 -11.69 57.51 2.06
N LYS E 184 -12.70 57.82 2.87
CA LYS E 184 -14.03 58.11 2.34
C LYS E 184 -13.96 59.10 1.16
N ALA E 185 -13.09 60.11 1.29
CA ALA E 185 -12.94 61.12 0.26
C ALA E 185 -12.43 60.55 -1.07
N ASP E 186 -11.41 59.70 -1.01
CA ASP E 186 -10.86 59.08 -2.21
C ASP E 186 -11.87 58.15 -2.85
N TYR E 187 -12.54 57.37 -2.02
CA TYR E 187 -13.55 56.43 -2.50
C TYR E 187 -14.66 57.17 -3.24
N GLU E 188 -15.09 58.29 -2.68
CA GLU E 188 -16.16 59.07 -3.29
C GLU E 188 -15.75 59.69 -4.63
N ALA E 189 -14.45 59.91 -4.81
CA ALA E 189 -13.95 60.58 -6.01
C ALA E 189 -13.86 59.67 -7.23
N HIS E 190 -13.99 58.36 -7.03
CA HIS E 190 -13.92 57.41 -8.15
C HIS E 190 -15.21 56.60 -8.27
N ALA E 191 -15.36 55.90 -9.39
CA ALA E 191 -16.61 55.18 -9.67
C ALA E 191 -16.46 53.67 -9.81
N VAL E 192 -15.55 53.22 -10.67
CA VAL E 192 -15.41 51.79 -10.93
C VAL E 192 -14.29 51.12 -10.13
N TYR E 193 -14.67 50.18 -9.29
CA TYR E 193 -13.73 49.44 -8.47
C TYR E 193 -13.65 48.00 -8.93
N ALA E 194 -12.44 47.56 -9.26
CA ALA E 194 -12.26 46.24 -9.84
C ALA E 194 -11.17 45.45 -9.15
N CYS E 195 -11.47 44.17 -8.96
CA CYS E 195 -10.54 43.24 -8.37
C CYS E 195 -10.20 42.18 -9.42
N GLU E 196 -8.98 42.22 -9.96
CA GLU E 196 -8.60 41.27 -10.99
C GLU E 196 -7.69 40.17 -10.43
N VAL E 197 -8.09 38.91 -10.64
CA VAL E 197 -7.34 37.79 -10.06
C VAL E 197 -6.80 36.83 -11.12
N THR E 198 -5.51 36.52 -10.98
CA THR E 198 -4.83 35.56 -11.84
C THR E 198 -4.57 34.31 -11.00
N HIS E 199 -4.89 33.15 -11.55
CA HIS E 199 -4.65 31.88 -10.86
C HIS E 199 -4.33 30.77 -11.83
N GLN E 200 -3.60 29.76 -11.36
CA GLN E 200 -3.19 28.65 -12.20
C GLN E 200 -4.40 27.88 -12.75
N GLY E 201 -5.48 27.87 -11.97
CA GLY E 201 -6.70 27.19 -12.35
C GLY E 201 -7.53 27.92 -13.39
N LEU E 202 -7.22 29.20 -13.60
CA LEU E 202 -7.91 30.01 -14.59
C LEU E 202 -7.07 30.13 -15.85
N SER E 203 -7.69 29.88 -17.00
CA SER E 203 -6.98 29.97 -18.27
C SER E 203 -6.85 31.42 -18.70
N SER E 204 -7.62 32.28 -18.05
CA SER E 204 -7.56 33.71 -18.28
C SER E 204 -7.99 34.45 -17.02
N PRO E 205 -7.37 35.60 -16.76
CA PRO E 205 -7.68 36.40 -15.57
C PRO E 205 -9.19 36.58 -15.38
N VAL E 206 -9.63 36.72 -14.13
CA VAL E 206 -11.04 36.95 -13.85
C VAL E 206 -11.21 38.28 -13.11
N THR E 207 -12.03 39.16 -13.66
CA THR E 207 -12.25 40.48 -13.08
C THR E 207 -13.63 40.59 -12.42
N LYS E 208 -13.66 41.13 -11.21
CA LYS E 208 -14.91 41.41 -10.52
C LYS E 208 -14.95 42.89 -10.17
N SER E 209 -16.03 43.55 -10.56
CA SER E 209 -16.14 45.00 -10.39
C SER E 209 -17.54 45.44 -9.98
N PHE E 210 -17.64 46.69 -9.59
CA PHE E 210 -18.93 47.29 -9.26
C PHE E 210 -18.83 48.80 -9.40
N ASN E 211 -19.99 49.45 -9.54
CA ASN E 211 -20.04 50.91 -9.61
C ASN E 211 -20.51 51.51 -8.29
N ARG E 212 -19.82 52.54 -7.83
CA ARG E 212 -20.21 53.20 -6.60
C ARG E 212 -21.67 53.67 -6.66
N GLY E 213 -22.57 52.83 -6.17
CA GLY E 213 -23.99 53.12 -6.20
C GLY E 213 -24.71 52.32 -7.28
N LEU F 1 -13.91 18.42 30.16
CA LEU F 1 -13.08 19.40 29.38
C LEU F 1 -12.49 20.49 30.28
N LEU F 2 -11.47 21.18 29.77
CA LEU F 2 -10.70 22.16 30.55
C LEU F 2 -10.98 23.60 30.22
N ALA F 3 -11.43 24.39 31.19
CA ALA F 3 -11.68 25.79 30.95
C ALA F 3 -10.49 26.60 31.44
N GLN F 4 -10.05 27.56 30.62
CA GLN F 4 -8.98 28.46 31.02
C GLN F 4 -9.53 29.88 31.05
N SER F 5 -8.87 30.77 31.78
CA SER F 5 -9.27 32.16 31.80
C SER F 5 -9.05 32.78 30.42
N GLY F 6 -9.68 33.92 30.16
CA GLY F 6 -9.65 34.54 28.84
C GLY F 6 -8.34 35.16 28.43
N PRO F 7 -8.29 35.66 27.20
CA PRO F 7 -7.13 36.40 26.69
C PRO F 7 -6.82 37.57 27.57
N GLU F 8 -5.54 37.94 27.68
CA GLU F 8 -5.15 39.02 28.58
C GLU F 8 -4.12 39.93 27.96
N LEU F 9 -4.35 41.23 28.09
CA LEU F 9 -3.39 42.24 27.71
C LEU F 9 -2.74 42.79 28.97
N VAL F 10 -1.43 42.67 29.07
CA VAL F 10 -0.73 43.08 30.27
C VAL F 10 0.42 43.99 29.92
N LYS F 11 0.58 45.05 30.70
CA LYS F 11 1.69 45.98 30.53
C LYS F 11 3.01 45.30 30.90
N PRO F 12 4.08 45.68 30.23
CA PRO F 12 5.38 45.13 30.58
C PRO F 12 5.68 45.44 32.04
N GLY F 13 6.25 44.47 32.75
CA GLY F 13 6.54 44.64 34.17
C GLY F 13 5.44 44.08 35.06
N ALA F 14 4.22 43.97 34.51
CA ALA F 14 3.09 43.50 35.29
C ALA F 14 3.01 41.99 35.34
N SER F 15 1.96 41.48 35.97
CA SER F 15 1.77 40.05 36.13
C SER F 15 0.42 39.59 35.61
N VAL F 16 0.27 38.28 35.47
CA VAL F 16 -1.01 37.70 35.10
C VAL F 16 -1.20 36.36 35.77
N LYS F 17 -2.38 36.14 36.33
CA LYS F 17 -2.72 34.83 36.85
C LYS F 17 -3.59 34.15 35.81
N ILE F 18 -3.10 33.06 35.23
CA ILE F 18 -3.93 32.28 34.34
C ILE F 18 -4.49 31.10 35.10
N SER F 19 -5.79 30.85 34.94
CA SER F 19 -6.47 29.79 35.65
C SER F 19 -6.91 28.66 34.74
N CYS F 20 -7.15 27.50 35.35
CA CYS F 20 -7.45 26.28 34.64
C CYS F 20 -8.28 25.38 35.54
N ALA F 21 -9.52 25.10 35.13
CA ALA F 21 -10.39 24.25 35.92
C ALA F 21 -11.00 23.18 35.06
N ALA F 22 -11.25 22.02 35.64
CA ALA F 22 -11.93 20.95 34.94
C ALA F 22 -13.39 20.94 35.34
N SER F 23 -14.24 21.40 34.43
CA SER F 23 -15.67 21.37 34.64
C SER F 23 -16.17 19.91 34.74
N ALA F 24 -16.81 19.56 35.83
CA ALA F 24 -17.32 18.19 35.98
C ALA F 24 -16.39 17.32 36.83
N TYR F 25 -15.13 17.21 36.43
CA TYR F 25 -14.16 16.43 37.19
C TYR F 25 -13.28 17.35 38.03
N SER F 26 -12.71 16.82 39.12
CA SER F 26 -11.79 17.60 39.95
C SER F 26 -10.38 17.56 39.37
N ILE F 27 -9.94 18.70 38.85
CA ILE F 27 -8.65 18.80 38.16
C ILE F 27 -7.46 18.32 39.01
N THR F 28 -7.54 18.58 40.31
CA THR F 28 -6.42 18.32 41.22
C THR F 28 -6.25 16.84 41.55
N ASP F 29 -7.06 15.99 40.92
CA ASP F 29 -6.93 14.54 41.07
C ASP F 29 -5.81 14.02 40.16
N PHE F 30 -5.33 14.87 39.25
CA PHE F 30 -4.32 14.45 38.30
C PHE F 30 -3.12 15.39 38.26
N THR F 31 -2.14 15.07 37.41
CA THR F 31 -0.99 15.93 37.22
C THR F 31 -1.33 17.05 36.24
N ILE F 32 -1.12 18.29 36.68
CA ILE F 32 -1.37 19.46 35.87
C ILE F 32 -0.06 20.07 35.42
N TYR F 33 0.03 20.46 34.16
CA TYR F 33 1.22 21.16 33.68
C TYR F 33 0.90 22.23 32.64
N TRP F 34 1.85 23.13 32.42
CA TRP F 34 1.65 24.27 31.52
C TRP F 34 2.69 24.30 30.40
N VAL F 35 2.23 24.66 29.21
CA VAL F 35 3.11 24.77 28.06
C VAL F 35 2.93 26.14 27.44
N LYS F 36 4.06 26.73 27.01
CA LYS F 36 4.05 28.00 26.29
C LYS F 36 4.25 27.77 24.79
N GLN F 37 3.40 28.37 23.97
CA GLN F 37 3.59 28.31 22.52
C GLN F 37 3.79 29.71 21.96
N SER F 38 4.90 29.92 21.27
CA SER F 38 5.22 31.21 20.71
C SER F 38 5.04 31.23 19.20
N HIS F 39 4.37 32.26 18.69
CA HIS F 39 4.19 32.46 17.26
C HIS F 39 3.48 31.29 16.55
N GLY F 40 2.56 30.65 17.25
CA GLY F 40 1.79 29.56 16.71
C GLY F 40 2.61 28.34 16.35
N ASP F 41 3.85 28.27 16.84
CA ASP F 41 4.73 27.15 16.51
C ASP F 41 5.41 26.50 17.73
N SER F 42 6.59 26.98 18.10
CA SER F 42 7.44 26.29 19.08
C SER F 42 6.80 26.08 20.46
N LEU F 43 6.96 24.87 21.01
CA LEU F 43 6.33 24.51 22.27
C LEU F 43 7.36 24.39 23.39
N GLU F 44 7.07 24.99 24.53
CA GLU F 44 7.97 24.95 25.68
C GLU F 44 7.27 24.52 26.97
N TRP F 45 7.71 23.40 27.53
CA TRP F 45 7.20 22.92 28.81
C TRP F 45 7.69 23.85 29.92
N ILE F 46 6.74 24.41 30.67
CA ILE F 46 7.05 25.32 31.76
C ILE F 46 7.29 24.57 33.06
N GLY F 47 6.38 23.65 33.38
CA GLY F 47 6.44 22.89 34.61
C GLY F 47 5.09 22.29 34.97
N GLY F 48 5.05 21.56 36.08
CA GLY F 48 3.82 20.92 36.50
C GLY F 48 3.82 20.55 37.98
N ILE F 49 2.64 20.18 38.48
CA ILE F 49 2.50 19.71 39.85
C ILE F 49 1.54 18.54 39.96
N ASP F 50 1.81 17.67 40.93
CA ASP F 50 0.96 16.53 41.21
C ASP F 50 0.51 16.63 42.65
N PRO F 51 -0.59 17.34 42.89
CA PRO F 51 -1.08 17.57 44.26
C PRO F 51 -1.07 16.31 45.14
N HIS F 52 -1.53 15.19 44.61
CA HIS F 52 -1.68 13.97 45.42
C HIS F 52 -0.38 13.19 45.60
N ASN F 53 0.48 13.18 44.58
CA ASN F 53 1.66 12.32 44.62
C ASN F 53 3.03 13.01 44.54
N GLY F 54 3.03 14.34 44.61
CA GLY F 54 4.27 15.09 44.47
C GLY F 54 4.88 14.93 43.09
N GLY F 55 6.20 15.11 43.00
CA GLY F 55 6.89 15.01 41.73
C GLY F 55 6.59 16.18 40.81
N GLY F 56 6.38 17.34 41.43
CA GLY F 56 6.19 18.57 40.68
C GLY F 56 7.54 19.11 40.25
N ALA F 57 7.59 19.75 39.09
CA ALA F 57 8.85 20.25 38.56
C ALA F 57 8.69 21.54 37.76
N TYR F 58 9.80 22.27 37.66
CA TYR F 58 9.86 23.52 36.91
C TYR F 58 10.91 23.39 35.83
N ASN F 59 10.70 24.07 34.72
CA ASN F 59 11.75 24.26 33.75
C ASN F 59 12.64 25.37 34.30
N GLN F 60 13.93 25.11 34.40
CA GLN F 60 14.87 26.10 34.96
C GLN F 60 14.74 27.45 34.25
N LYS F 61 14.40 27.40 32.97
CA LYS F 61 14.23 28.62 32.17
C LYS F 61 13.16 29.55 32.74
N PHE F 62 12.10 28.97 33.31
CA PHE F 62 10.98 29.74 33.86
C PHE F 62 10.97 29.81 35.39
N ARG F 63 12.04 29.33 36.02
CA ARG F 63 12.16 29.33 37.49
C ARG F 63 11.65 30.62 38.14
N VAL F 64 12.28 31.75 37.79
CA VAL F 64 11.92 33.04 38.35
C VAL F 64 10.61 33.55 37.76
N LYS F 65 10.38 33.25 36.48
CA LYS F 65 9.27 33.83 35.73
C LYS F 65 7.88 33.25 36.02
N ALA F 66 7.82 32.02 36.50
CA ALA F 66 6.52 31.36 36.66
C ALA F 66 6.35 30.72 38.02
N THR F 67 5.15 30.83 38.58
CA THR F 67 4.80 30.19 39.85
C THR F 67 3.51 29.39 39.68
N LEU F 68 3.62 28.08 39.91
CA LEU F 68 2.50 27.15 39.74
C LEU F 68 1.79 26.88 41.05
N THR F 69 0.46 27.00 41.06
CA THR F 69 -0.32 26.67 42.26
C THR F 69 -1.63 25.94 41.95
N VAL F 70 -2.24 25.43 43.01
CA VAL F 70 -3.47 24.67 42.88
C VAL F 70 -4.42 24.97 44.05
N ASP F 71 -5.70 25.14 43.75
CA ASP F 71 -6.70 25.34 44.80
C ASP F 71 -7.66 24.17 44.80
N THR F 72 -7.38 23.20 45.66
CA THR F 72 -8.20 21.99 45.78
C THR F 72 -9.67 22.29 46.02
N SER F 73 -9.95 23.33 46.82
CA SER F 73 -11.31 23.67 47.21
C SER F 73 -12.24 23.97 46.03
N SER F 74 -11.70 24.61 44.99
CA SER F 74 -12.49 24.91 43.80
C SER F 74 -11.97 24.14 42.58
N SER F 75 -11.17 23.11 42.83
CA SER F 75 -10.57 22.32 41.76
C SER F 75 -10.06 23.22 40.63
N THR F 76 -9.15 24.12 40.99
CA THR F 76 -8.61 25.08 40.04
C THR F 76 -7.08 25.07 40.09
N ALA F 77 -6.45 25.05 38.92
CA ALA F 77 -5.00 25.19 38.84
C ALA F 77 -4.67 26.59 38.37
N TYR F 78 -3.49 27.06 38.73
CA TYR F 78 -3.08 28.41 38.37
C TYR F 78 -1.66 28.47 37.89
N ILE F 79 -1.40 29.36 36.94
CA ILE F 79 -0.04 29.74 36.58
C ILE F 79 0.12 31.24 36.77
N HIS F 80 1.17 31.62 37.46
CA HIS F 80 1.42 33.03 37.70
C HIS F 80 2.65 33.47 36.92
N LEU F 81 2.44 34.38 35.98
CA LEU F 81 3.55 34.95 35.21
C LEU F 81 3.93 36.35 35.71
N ASN F 82 5.17 36.52 36.16
CA ASN F 82 5.60 37.78 36.74
C ASN F 82 6.57 38.57 35.86
N SER F 83 6.78 39.84 36.21
CA SER F 83 7.69 40.73 35.51
C SER F 83 7.72 40.49 34.01
N LEU F 84 6.57 40.68 33.37
CA LEU F 84 6.39 40.31 31.97
C LEU F 84 7.10 41.24 30.98
N THR F 85 7.68 40.62 29.95
CA THR F 85 8.30 41.35 28.84
C THR F 85 7.66 40.88 27.54
N SER F 86 8.09 41.45 26.43
CA SER F 86 7.50 41.10 25.14
C SER F 86 7.74 39.63 24.77
N GLU F 87 8.83 39.05 25.25
CA GLU F 87 9.10 37.63 24.99
C GLU F 87 8.10 36.69 25.67
N ASP F 88 7.25 37.25 26.52
CA ASP F 88 6.27 36.46 27.24
C ASP F 88 4.93 36.40 26.50
N SER F 89 4.77 37.23 25.47
CA SER F 89 3.56 37.19 24.65
C SER F 89 3.51 35.82 24.00
N ALA F 90 2.41 35.11 24.22
CA ALA F 90 2.30 33.75 23.72
C ALA F 90 0.93 33.16 24.04
N VAL F 91 0.72 31.92 23.61
CA VAL F 91 -0.44 31.21 24.06
C VAL F 91 0.02 30.27 25.16
N TYR F 92 -0.72 30.23 26.26
CA TYR F 92 -0.37 29.34 27.37
C TYR F 92 -1.39 28.24 27.52
N TYR F 93 -0.92 27.00 27.44
CA TYR F 93 -1.81 25.85 27.55
C TYR F 93 -1.66 25.18 28.90
N CYS F 94 -2.77 24.85 29.54
CA CYS F 94 -2.65 23.98 30.71
C CYS F 94 -3.07 22.61 30.24
N ALA F 95 -2.48 21.58 30.81
CA ALA F 95 -2.85 20.21 30.46
C ALA F 95 -2.95 19.30 31.68
N ILE F 96 -3.79 18.29 31.60
CA ILE F 96 -3.87 17.30 32.68
C ILE F 96 -3.64 15.93 32.11
N PHE F 97 -3.00 15.07 32.89
CA PHE F 97 -2.75 13.72 32.42
C PHE F 97 -2.72 12.73 33.59
N TYR F 98 -3.03 11.47 33.29
CA TYR F 98 -3.03 10.42 34.30
C TYR F 98 -2.33 9.21 33.72
N GLY F 99 -1.13 8.94 34.21
CA GLY F 99 -0.34 7.83 33.71
C GLY F 99 -0.44 7.71 32.21
N ASN F 100 -1.00 6.59 31.75
CA ASN F 100 -1.13 6.33 30.31
C ASN F 100 -2.59 6.34 29.87
N PHE F 101 -3.46 6.84 30.73
CA PHE F 101 -4.89 6.82 30.43
C PHE F 101 -5.28 7.93 29.45
N PHE F 102 -4.90 9.15 29.76
CA PHE F 102 -5.27 10.28 28.92
C PHE F 102 -4.29 11.42 29.07
N ASP F 103 -4.28 12.32 28.09
CA ASP F 103 -3.49 13.54 28.15
C ASP F 103 -4.26 14.63 27.42
N TYR F 104 -4.87 15.52 28.19
CA TYR F 104 -5.81 16.49 27.65
C TYR F 104 -5.38 17.92 27.86
N TRP F 105 -5.50 18.73 26.80
CA TRP F 105 -5.07 20.14 26.86
C TRP F 105 -6.26 21.12 26.92
N GLY F 106 -6.07 22.25 27.58
CA GLY F 106 -7.06 23.32 27.59
C GLY F 106 -7.02 24.10 26.28
N GLN F 107 -8.02 24.94 26.03
CA GLN F 107 -8.09 25.71 24.79
C GLN F 107 -6.96 26.73 24.65
N GLY F 108 -6.26 27.04 25.74
CA GLY F 108 -5.18 28.00 25.68
C GLY F 108 -5.59 29.41 26.07
N THR F 109 -4.63 30.17 26.56
CA THR F 109 -4.86 31.57 26.90
C THR F 109 -3.82 32.42 26.18
N THR F 110 -4.29 33.36 25.37
CA THR F 110 -3.40 34.25 24.66
C THR F 110 -3.04 35.41 25.57
N VAL F 111 -1.74 35.61 25.79
CA VAL F 111 -1.25 36.72 26.56
C VAL F 111 -0.44 37.64 25.65
N THR F 112 -0.76 38.94 25.69
CA THR F 112 -0.02 39.93 24.92
C THR F 112 0.54 40.96 25.89
N VAL F 113 1.85 41.12 25.89
CA VAL F 113 2.49 42.11 26.72
C VAL F 113 2.73 43.37 25.90
N SER F 114 2.06 44.45 26.28
CA SER F 114 2.11 45.69 25.51
C SER F 114 1.89 46.92 26.36
N SER F 115 2.46 48.05 25.91
CA SER F 115 2.25 49.33 26.58
C SER F 115 0.99 50.02 26.04
N ALA F 116 0.50 49.54 24.90
CA ALA F 116 -0.69 50.13 24.30
C ALA F 116 -1.96 49.66 25.00
N SER F 117 -3.03 50.44 24.83
CA SER F 117 -4.33 50.12 25.41
C SER F 117 -5.14 49.24 24.48
N THR F 118 -6.12 48.52 25.01
CA THR F 118 -6.98 47.71 24.15
C THR F 118 -7.80 48.62 23.25
N LYS F 119 -8.21 48.07 22.11
CA LYS F 119 -9.16 48.74 21.24
C LYS F 119 -10.09 47.69 20.66
N GLY F 120 -11.39 47.89 20.86
CA GLY F 120 -12.38 46.99 20.34
C GLY F 120 -12.53 47.17 18.84
N PRO F 121 -12.96 46.10 18.16
CA PRO F 121 -13.12 46.13 16.70
C PRO F 121 -14.36 46.89 16.26
N SER F 122 -14.33 47.39 15.03
CA SER F 122 -15.55 47.84 14.37
C SER F 122 -15.95 46.68 13.49
N VAL F 123 -17.26 46.44 13.37
CA VAL F 123 -17.76 45.32 12.60
C VAL F 123 -18.69 45.79 11.51
N PHE F 124 -18.21 45.76 10.28
CA PHE F 124 -19.02 46.17 9.14
C PHE F 124 -19.40 44.94 8.34
N PRO F 125 -20.61 44.94 7.81
CA PRO F 125 -21.11 43.80 7.05
C PRO F 125 -20.54 43.78 5.65
N LEU F 126 -20.26 42.58 5.15
CA LEU F 126 -19.94 42.39 3.74
C LEU F 126 -21.22 41.89 3.08
N ALA F 127 -22.00 42.83 2.58
CA ALA F 127 -23.31 42.53 1.99
C ALA F 127 -23.22 41.77 0.67
N PRO F 128 -23.95 40.66 0.61
CA PRO F 128 -24.04 39.87 -0.62
C PRO F 128 -24.81 40.64 -1.65
N SER F 129 -24.47 40.45 -2.92
CA SER F 129 -25.16 41.12 -4.01
C SER F 129 -24.79 40.44 -5.30
N SER F 130 -25.54 40.74 -6.36
CA SER F 130 -25.26 40.18 -7.69
C SER F 130 -23.76 39.98 -7.93
N LYS F 131 -22.92 40.76 -7.26
CA LYS F 131 -21.47 40.68 -7.44
C LYS F 131 -20.79 39.90 -6.30
N SER F 132 -21.62 39.27 -5.47
CA SER F 132 -21.16 38.36 -4.43
C SER F 132 -21.93 37.05 -4.54
N THR F 133 -22.37 36.74 -5.76
CA THR F 133 -23.08 35.49 -6.04
C THR F 133 -22.58 34.81 -7.33
N SER F 134 -21.99 33.63 -7.19
CA SER F 134 -21.55 32.84 -8.33
C SER F 134 -22.53 31.68 -8.59
N GLY F 135 -23.39 31.86 -9.59
CA GLY F 135 -24.39 30.85 -9.92
C GLY F 135 -25.47 30.77 -8.85
N GLY F 136 -25.56 29.64 -8.17
CA GLY F 136 -26.53 29.45 -7.11
C GLY F 136 -25.94 29.77 -5.76
N THR F 137 -24.63 29.98 -5.73
CA THR F 137 -23.91 30.23 -4.49
C THR F 137 -23.67 31.72 -4.27
N ALA F 138 -23.96 32.20 -3.06
CA ALA F 138 -23.68 33.61 -2.72
C ALA F 138 -22.73 33.73 -1.52
N ALA F 139 -21.91 34.77 -1.52
CA ALA F 139 -20.97 35.00 -0.43
C ALA F 139 -21.39 36.20 0.40
N LEU F 140 -21.20 36.11 1.71
CA LEU F 140 -21.42 37.25 2.60
C LEU F 140 -20.50 37.13 3.80
N GLY F 141 -20.43 38.16 4.63
CA GLY F 141 -19.53 38.12 5.76
C GLY F 141 -19.46 39.39 6.58
N CYS F 142 -18.46 39.46 7.45
CA CYS F 142 -18.26 40.59 8.33
C CYS F 142 -16.81 40.97 8.35
N LEU F 143 -16.57 42.27 8.26
CA LEU F 143 -15.23 42.82 8.33
C LEU F 143 -14.97 43.28 9.75
N VAL F 144 -14.02 42.63 10.43
CA VAL F 144 -13.68 42.98 11.81
C VAL F 144 -12.40 43.83 11.83
N LYS F 145 -12.59 45.14 11.93
CA LYS F 145 -11.51 46.10 11.72
C LYS F 145 -10.96 46.75 12.97
N ASP F 146 -9.63 46.92 13.00
CA ASP F 146 -8.99 47.78 13.96
C ASP F 146 -9.22 47.33 15.40
N TYR F 147 -8.57 46.24 15.80
CA TYR F 147 -8.68 45.79 17.19
C TYR F 147 -7.34 45.38 17.76
N PHE F 148 -7.24 45.39 19.08
CA PHE F 148 -6.00 45.04 19.74
C PHE F 148 -6.29 44.66 21.18
N PRO F 149 -5.75 43.54 21.65
CA PRO F 149 -4.89 42.66 20.86
C PRO F 149 -5.69 41.44 20.35
N GLU F 150 -5.00 40.37 19.99
CA GLU F 150 -5.68 39.13 19.64
C GLU F 150 -6.11 38.48 20.94
N PRO F 151 -7.02 37.52 20.89
CA PRO F 151 -7.69 37.12 19.66
C PRO F 151 -9.08 37.74 19.52
N VAL F 152 -9.89 37.14 18.65
CA VAL F 152 -11.24 37.58 18.39
C VAL F 152 -11.98 36.39 17.81
N THR F 153 -13.08 35.99 18.41
CA THR F 153 -13.86 34.88 17.87
C THR F 153 -15.02 35.36 16.99
N VAL F 154 -15.23 34.67 15.88
CA VAL F 154 -16.37 34.96 15.03
C VAL F 154 -17.20 33.71 14.89
N SER F 155 -18.50 33.83 15.12
CA SER F 155 -19.42 32.73 14.93
C SER F 155 -20.54 33.21 14.02
N TRP F 156 -21.33 32.29 13.48
CA TRP F 156 -22.44 32.69 12.62
C TRP F 156 -23.76 32.08 13.10
N ASN F 157 -24.77 32.93 13.26
CA ASN F 157 -26.05 32.48 13.77
C ASN F 157 -25.86 31.73 15.08
N SER F 158 -25.00 32.28 15.94
CA SER F 158 -24.74 31.72 17.26
C SER F 158 -24.15 30.32 17.23
N GLY F 159 -23.48 29.97 16.14
CA GLY F 159 -22.79 28.70 16.04
C GLY F 159 -23.48 27.68 15.17
N ALA F 160 -24.77 27.90 14.91
CA ALA F 160 -25.56 26.96 14.12
C ALA F 160 -25.05 26.82 12.68
N LEU F 161 -24.37 27.85 12.18
CA LEU F 161 -23.91 27.85 10.81
C LEU F 161 -22.39 27.75 10.72
N THR F 162 -21.91 26.63 10.18
CA THR F 162 -20.49 26.31 10.18
C THR F 162 -19.95 25.95 8.80
N SER F 163 -20.77 25.25 8.03
CA SER F 163 -20.37 24.81 6.70
C SER F 163 -20.24 26.00 5.76
N GLY F 164 -19.05 26.15 5.18
CA GLY F 164 -18.82 27.21 4.21
C GLY F 164 -18.13 28.42 4.81
N VAL F 165 -18.03 28.45 6.13
CA VAL F 165 -17.46 29.58 6.85
C VAL F 165 -15.94 29.63 6.77
N HIS F 166 -15.40 30.78 6.41
CA HIS F 166 -13.97 30.98 6.41
C HIS F 166 -13.66 32.21 7.26
N THR F 167 -12.83 32.04 8.28
CA THR F 167 -12.46 33.16 9.13
C THR F 167 -10.95 33.39 9.04
N PHE F 168 -10.57 34.46 8.35
CA PHE F 168 -9.20 34.63 7.98
C PHE F 168 -8.29 34.92 9.18
N PRO F 169 -7.04 34.47 9.13
CA PRO F 169 -6.08 34.85 10.15
C PRO F 169 -6.10 36.36 10.24
N ALA F 170 -6.00 36.92 11.44
CA ALA F 170 -5.87 38.35 11.60
C ALA F 170 -4.57 38.79 10.96
N VAL F 171 -4.58 39.97 10.37
CA VAL F 171 -3.41 40.55 9.76
C VAL F 171 -3.32 41.96 10.31
N LEU F 172 -2.08 42.42 10.52
CA LEU F 172 -1.78 43.69 11.10
C LEU F 172 -1.80 44.80 10.05
N GLN F 173 -2.27 45.97 10.42
CA GLN F 173 -2.32 47.09 9.49
C GLN F 173 -1.20 48.04 9.84
N SER F 174 -1.03 49.10 9.05
CA SER F 174 0.02 50.06 9.31
C SER F 174 -0.22 50.79 10.62
N SER F 175 -1.47 50.76 11.08
CA SER F 175 -1.84 51.43 12.31
C SER F 175 -1.37 50.65 13.55
N GLY F 176 -1.03 49.38 13.35
CA GLY F 176 -0.56 48.55 14.43
C GLY F 176 -1.70 47.77 15.03
N LEU F 177 -2.88 47.97 14.47
CA LEU F 177 -4.09 47.29 14.92
C LEU F 177 -4.34 46.12 13.99
N TYR F 178 -5.06 45.10 14.49
CA TYR F 178 -5.34 43.90 13.71
C TYR F 178 -6.63 44.08 12.93
N SER F 179 -6.76 43.30 11.86
CA SER F 179 -8.00 43.25 11.11
C SER F 179 -8.21 41.88 10.49
N LEU F 180 -9.46 41.46 10.38
CA LEU F 180 -9.79 40.22 9.69
C LEU F 180 -11.21 40.28 9.15
N SER F 181 -11.52 39.35 8.25
CA SER F 181 -12.85 39.18 7.72
C SER F 181 -13.27 37.77 8.00
N SER F 182 -14.57 37.57 8.16
CA SER F 182 -15.13 36.23 8.23
C SER F 182 -16.24 36.16 7.19
N VAL F 183 -16.13 35.21 6.28
CA VAL F 183 -17.13 35.07 5.22
C VAL F 183 -17.79 33.71 5.26
N VAL F 184 -18.98 33.64 4.70
CA VAL F 184 -19.69 32.39 4.57
C VAL F 184 -20.27 32.27 3.17
N THR F 185 -20.35 31.04 2.68
CA THR F 185 -20.93 30.77 1.38
C THR F 185 -22.31 30.15 1.59
N VAL F 186 -23.30 30.64 0.86
CA VAL F 186 -24.67 30.19 1.03
C VAL F 186 -25.46 30.14 -0.29
N PRO F 187 -26.49 29.30 -0.34
CA PRO F 187 -27.41 29.28 -1.49
C PRO F 187 -28.00 30.67 -1.72
N SER F 188 -27.81 31.20 -2.92
CA SER F 188 -28.30 32.54 -3.23
C SER F 188 -29.83 32.64 -3.12
N SER F 189 -30.48 31.50 -3.14
CA SER F 189 -31.94 31.45 -3.04
C SER F 189 -32.40 31.60 -1.59
N SER F 190 -31.52 31.23 -0.66
CA SER F 190 -31.82 31.33 0.76
C SER F 190 -31.76 32.78 1.25
N LEU F 191 -31.01 33.61 0.53
CA LEU F 191 -30.82 35.02 0.88
C LEU F 191 -32.06 35.68 1.47
N GLY F 192 -33.25 35.16 1.16
CA GLY F 192 -34.48 35.75 1.64
C GLY F 192 -35.33 34.82 2.50
N THR F 193 -34.68 34.06 3.38
CA THR F 193 -35.42 33.16 4.27
C THR F 193 -34.91 33.21 5.71
N GLN F 194 -33.67 32.77 5.92
CA GLN F 194 -33.08 32.84 7.26
C GLN F 194 -32.02 33.94 7.32
N THR F 195 -32.12 34.75 8.38
CA THR F 195 -31.23 35.88 8.57
C THR F 195 -29.81 35.40 8.83
N TYR F 196 -28.83 36.23 8.49
CA TYR F 196 -27.43 35.87 8.70
C TYR F 196 -26.76 36.83 9.67
N ILE F 197 -26.40 36.32 10.83
CA ILE F 197 -25.81 37.13 11.87
C ILE F 197 -24.41 36.61 12.22
N CYS F 198 -23.43 37.51 12.21
CA CYS F 198 -22.10 37.13 12.66
C CYS F 198 -21.96 37.57 14.10
N ASN F 199 -21.44 36.70 14.95
CA ASN F 199 -21.23 37.03 16.35
C ASN F 199 -19.76 37.24 16.59
N VAL F 200 -19.39 38.49 16.84
CA VAL F 200 -18.01 38.86 17.06
C VAL F 200 -17.77 39.18 18.53
N ASN F 201 -16.82 38.49 19.14
CA ASN F 201 -16.46 38.74 20.53
C ASN F 201 -14.98 39.06 20.65
N HIS F 202 -14.66 40.07 21.44
CA HIS F 202 -13.29 40.47 21.68
C HIS F 202 -13.19 40.77 23.18
N LYS F 203 -12.78 39.76 23.94
CA LYS F 203 -12.85 39.81 25.39
C LYS F 203 -12.01 40.89 26.05
N PRO F 204 -10.80 41.12 25.54
CA PRO F 204 -9.90 42.12 26.13
C PRO F 204 -10.54 43.50 26.27
N SER F 205 -11.51 43.80 25.41
CA SER F 205 -12.18 45.10 25.44
C SER F 205 -13.62 44.93 25.86
N ASN F 206 -14.04 43.69 26.00
CA ASN F 206 -15.40 43.38 26.41
C ASN F 206 -16.42 43.83 25.37
N THR F 207 -16.02 43.71 24.12
CA THR F 207 -16.83 44.09 22.98
C THR F 207 -17.55 42.86 22.47
N ALA F 208 -18.87 42.89 22.49
CA ALA F 208 -19.67 41.81 21.94
C ALA F 208 -20.62 42.36 20.87
N VAL F 209 -20.30 42.11 19.60
CA VAL F 209 -21.14 42.58 18.49
C VAL F 209 -21.94 41.46 17.85
N ASP F 210 -23.18 41.77 17.51
CA ASP F 210 -24.03 40.86 16.76
C ASP F 210 -24.54 41.62 15.55
N LYS F 211 -23.85 41.42 14.42
CA LYS F 211 -24.17 42.17 13.21
C LYS F 211 -25.02 41.34 12.26
N ALA F 212 -26.13 41.92 11.81
CA ALA F 212 -26.97 41.26 10.81
C ALA F 212 -26.50 41.70 9.42
N VAL F 213 -26.19 40.74 8.56
CA VAL F 213 -25.78 41.08 7.21
C VAL F 213 -26.90 40.78 6.22
N GLU F 214 -27.39 41.83 5.56
CA GLU F 214 -28.49 41.72 4.62
C GLU F 214 -28.09 42.27 3.26
N PRO F 215 -28.69 41.74 2.20
CA PRO F 215 -28.46 42.22 0.84
C PRO F 215 -28.48 43.75 0.77
N LYS F 216 -27.62 44.33 -0.06
CA LYS F 216 -27.56 45.77 -0.21
C LYS F 216 -28.82 46.31 -0.89
N SER F 217 -29.31 47.45 -0.40
CA SER F 217 -30.53 48.05 -0.93
C SER F 217 -30.37 49.55 -1.13
N CYS F 218 -31.37 50.18 -1.75
CA CYS F 218 -31.32 51.61 -2.03
C CYS F 218 -32.71 52.22 -2.06
#